data_3HKD
#
_entry.id   3HKD
#
_cell.length_a   328.530
_cell.length_b   328.530
_cell.length_c   54.410
_cell.angle_alpha   90.00
_cell.angle_beta   90.00
_cell.angle_gamma   120.00
#
_symmetry.space_group_name_H-M   'P 65'
#
loop_
_entity.id
_entity.type
_entity.pdbx_description
1 polymer 'Tubulin alpha chain'
2 polymer 'Tubulin beta chain'
3 polymer Stathmin-4
4 non-polymer "GUANOSINE-5'-TRIPHOSPHATE"
5 non-polymer 'MAGNESIUM ION'
6 non-polymer "GUANOSINE-5'-DIPHOSPHATE"
7 non-polymer (3Z,5S)-5-benzyl-3-[1-(phenylamino)ethylidene]pyrrolidine-2,4-dione
#
loop_
_entity_poly.entity_id
_entity_poly.type
_entity_poly.pdbx_seq_one_letter_code
_entity_poly.pdbx_strand_id
1 'polypeptide(L)'
;MRECISIHVGQAGVQIGNACWELYCLEHGIQPDGQMPSDKTIGGGDDSFNTFFSETGAGKHVPRAVFVDLEPTVIDEVRT
GTYRQLFHPEQLITGKEDAANNYARGHYTIGKEIIDLVLDRIRKLADQCTGLQGFLVFHSFGGGTGSGFTSLLMERLSVD
YGKKSKLEFSIYPAPQVSTAVVEPYNSILTTHTTLEHSDCAFMVDNEAIYDICRRNLDIERPTYTNLNRLIGQIVSSITA
SLRFDGALNVDLTEFQTNLVPYPRIHFPLATYAPVISAEKAYHEQLSVAEITNACFEPANQMVKCDPRHGKYMACCLLYR
GDVVPKDVNAAIATIKTKRTIQFVDWCPTGFKVGINYQPPTVVPGGDLAKVQRAVCMLSNTTAIAEAWARLDHKFDLMYA
KRAFVHWYVGEGMEEGEFSEAREDMAALEKDYEEVGVDSVEGEGEEEGEEY
;
A,C
2 'polypeptide(L)'
;MREIVHIQAGQCGNQIGAKFWEVISDEHGIDPTGSYHGDSDLQLERINVYYNEATGNKYVPRAILVDLEPGTMDSVRSGP
FGQIFRPDNFVFGQSGAGNNWAKGHYTEGAELVDSVLDVVRKESESCDCLQGFQLTHSLGGGTGSGMGTLLISKIREEYP
DRIMNTFSVMPSPKVSDTVVEPYNATLSVHQLVENTDETYSIDNEALYDICFRTLKLTTPTYGDLNHLVSATMSGVTTCL
RFPGQLNADLRKLAVNMVPFPRLHFFMPGFAPLTSRGSQQYRALTVPELTQQMFDSKNMMAACDPRHGRYLTVAAVFRGR
MSMKEVDEQMLNVQNKNSSYFVEWIPNNVKTAVCDIPPRGLKMSATFIGNSTAIQELFKRISEQFTAMFRRKAFLHWYTG
EGMDEMEFTEAESNMNDLVSEYQQYQDATADEQGEFEEEEGEDEA
;
B,D
3 'polypeptide(L)'
;ADMEVIELNKCTSGQSFEVILKPPSFDGVPEFNASLPRRRDPSLEEIQKKLEAAEERRKYQEAELLKHLAEKREHEREVI
QKAIEENNNFIKMAKEKLAQKMESNKENREAHLAAMLERLQEKDKHAEEVRKNKELKEEASR
;
E
#
# COMPACT_ATOMS: atom_id res chain seq x y z
N ARG A 2 31.10 -65.90 -28.62
CA ARG A 2 31.59 -65.40 -29.93
C ARG A 2 31.70 -63.87 -29.95
N GLU A 3 30.55 -63.17 -29.98
CA GLU A 3 30.48 -61.70 -30.08
C GLU A 3 30.12 -61.07 -28.76
N CYS A 4 30.08 -59.73 -28.68
CA CYS A 4 30.08 -59.10 -27.35
C CYS A 4 29.78 -57.59 -27.21
N ILE A 5 28.53 -57.21 -26.91
CA ILE A 5 28.08 -55.79 -27.00
C ILE A 5 28.12 -55.01 -25.69
N SER A 6 28.77 -53.85 -25.76
CA SER A 6 28.82 -52.93 -24.65
C SER A 6 27.70 -51.88 -24.67
N ILE A 7 26.95 -51.78 -23.56
CA ILE A 7 26.03 -50.65 -23.28
C ILE A 7 26.58 -49.80 -22.13
N HIS A 8 26.65 -48.49 -22.33
CA HIS A 8 27.03 -47.57 -21.25
C HIS A 8 25.98 -46.52 -21.03
N VAL A 9 25.17 -46.68 -20.00
CA VAL A 9 24.18 -45.66 -19.72
C VAL A 9 24.63 -44.75 -18.61
N GLY A 10 24.37 -43.46 -18.81
CA GLY A 10 24.53 -42.47 -17.77
C GLY A 10 25.91 -41.88 -17.65
N GLN A 11 25.97 -40.56 -17.46
CA GLN A 11 27.21 -39.80 -17.42
C GLN A 11 28.39 -40.63 -16.91
N ALA A 12 28.22 -41.33 -15.79
CA ALA A 12 29.32 -42.08 -15.22
C ALA A 12 29.65 -43.20 -16.16
N GLY A 13 28.64 -44.02 -16.45
CA GLY A 13 28.80 -45.08 -17.44
C GLY A 13 29.58 -44.62 -18.67
N VAL A 14 29.09 -43.57 -19.32
CA VAL A 14 29.66 -43.10 -20.56
C VAL A 14 31.14 -42.77 -20.41
N GLN A 15 31.52 -42.16 -19.30
CA GLN A 15 32.90 -41.71 -19.18
C GLN A 15 33.85 -42.80 -18.79
N ILE A 16 33.40 -43.73 -17.95
CA ILE A 16 34.15 -44.97 -17.75
C ILE A 16 34.33 -45.58 -19.13
N GLY A 17 33.22 -45.72 -19.88
CA GLY A 17 33.25 -46.28 -21.22
C GLY A 17 34.31 -45.66 -22.08
N ASN A 18 34.18 -44.34 -22.29
CA ASN A 18 35.08 -43.61 -23.16
C ASN A 18 36.55 -43.77 -22.77
N ALA A 19 36.78 -44.05 -21.50
CA ALA A 19 38.14 -44.18 -20.99
C ALA A 19 38.61 -45.62 -20.98
N CYS A 20 37.74 -46.52 -21.39
CA CYS A 20 38.21 -47.87 -21.58
C CYS A 20 38.03 -48.35 -23.01
N TRP A 21 37.08 -47.79 -23.75
CA TRP A 21 37.19 -48.01 -25.18
C TRP A 21 38.52 -47.42 -25.66
N GLU A 22 38.94 -46.31 -25.06
CA GLU A 22 40.25 -45.71 -25.35
C GLU A 22 41.39 -46.69 -25.08
N LEU A 23 41.28 -47.41 -23.98
CA LEU A 23 42.35 -48.30 -23.55
C LEU A 23 42.29 -49.63 -24.28
N TYR A 24 41.11 -49.99 -24.75
CA TYR A 24 41.01 -51.12 -25.63
C TYR A 24 41.79 -50.72 -26.85
N CYS A 25 41.51 -49.52 -27.36
CA CYS A 25 42.12 -49.08 -28.61
C CYS A 25 43.64 -49.10 -28.60
N LEU A 26 44.25 -48.68 -27.49
CA LEU A 26 45.70 -48.69 -27.40
C LEU A 26 46.19 -50.14 -27.47
N GLU A 27 45.58 -50.99 -26.65
CA GLU A 27 45.92 -52.40 -26.55
C GLU A 27 45.94 -53.15 -27.88
N HIS A 28 44.92 -52.94 -28.70
CA HIS A 28 44.81 -53.66 -29.96
C HIS A 28 45.38 -52.88 -31.13
N GLY A 29 45.92 -51.69 -30.84
CA GLY A 29 46.58 -50.86 -31.84
C GLY A 29 45.67 -50.40 -32.96
N ILE A 30 44.69 -49.58 -32.58
CA ILE A 30 43.81 -48.91 -33.53
C ILE A 30 44.06 -47.40 -33.45
N GLN A 31 44.49 -46.80 -34.53
CA GLN A 31 44.53 -45.36 -34.53
C GLN A 31 43.09 -44.87 -34.53
N PRO A 32 42.78 -43.92 -33.64
CA PRO A 32 41.48 -43.26 -33.57
C PRO A 32 40.57 -43.40 -34.78
N ASP A 33 41.01 -43.03 -35.98
CA ASP A 33 40.14 -43.10 -37.17
C ASP A 33 39.45 -44.45 -37.43
N GLY A 34 39.84 -45.47 -36.66
CA GLY A 34 39.26 -46.79 -36.79
C GLY A 34 40.19 -47.80 -37.47
N GLN A 35 41.05 -47.30 -38.37
CA GLN A 35 41.97 -48.16 -39.12
C GLN A 35 43.12 -48.60 -38.24
N MET A 36 43.45 -49.89 -38.29
CA MET A 36 44.67 -50.42 -37.68
C MET A 36 45.47 -51.09 -38.79
N PRO A 37 46.76 -50.79 -38.86
CA PRO A 37 47.66 -51.52 -39.76
C PRO A 37 48.17 -52.84 -39.12
N ASP A 47 38.75 -63.11 -36.55
CA ASP A 47 38.91 -63.75 -35.23
C ASP A 47 39.82 -62.96 -34.23
N SER A 48 39.89 -63.41 -32.97
CA SER A 48 40.74 -62.87 -31.88
C SER A 48 40.08 -61.73 -31.11
N PHE A 49 40.18 -60.54 -31.68
CA PHE A 49 39.68 -59.29 -31.09
C PHE A 49 38.43 -58.79 -31.76
N ASN A 50 37.89 -59.60 -32.67
CA ASN A 50 36.61 -59.34 -33.30
C ASN A 50 35.52 -59.55 -32.25
N THR A 51 35.94 -59.95 -31.06
CA THR A 51 35.06 -60.20 -29.93
C THR A 51 34.38 -58.91 -29.45
N PHE A 52 35.02 -57.76 -29.72
CA PHE A 52 34.50 -56.44 -29.33
C PHE A 52 34.23 -55.49 -30.52
N PHE A 53 35.17 -55.35 -31.45
CA PHE A 53 34.99 -54.48 -32.61
C PHE A 53 34.40 -55.26 -33.77
N SER A 54 33.84 -54.56 -34.77
CA SER A 54 33.31 -55.20 -35.99
C SER A 54 34.02 -54.63 -37.19
N GLU A 55 34.34 -55.50 -38.13
CA GLU A 55 35.15 -55.15 -39.29
C GLU A 55 34.34 -54.38 -40.40
N THR A 56 33.54 -53.39 -39.99
CA THR A 56 32.62 -52.67 -40.91
C THR A 56 33.33 -51.83 -41.97
N GLY A 57 32.85 -51.92 -43.21
CA GLY A 57 33.42 -51.21 -44.35
C GLY A 57 34.82 -51.70 -44.62
N ALA A 58 35.49 -51.07 -45.58
CA ALA A 58 36.86 -51.45 -45.88
C ALA A 58 37.87 -50.39 -45.46
N GLY A 59 38.12 -50.32 -44.16
CA GLY A 59 39.13 -49.44 -43.61
C GLY A 59 39.08 -49.41 -42.11
N LYS A 60 37.87 -49.24 -41.55
CA LYS A 60 37.63 -48.88 -40.14
C LYS A 60 37.37 -50.07 -39.21
N HIS A 61 37.29 -49.80 -37.90
CA HIS A 61 37.12 -50.85 -36.90
C HIS A 61 36.21 -50.46 -35.73
N VAL A 62 34.94 -50.16 -36.05
CA VAL A 62 33.92 -49.65 -35.11
C VAL A 62 33.71 -50.54 -33.86
N PRO A 63 33.66 -49.93 -32.68
CA PRO A 63 33.35 -50.67 -31.44
C PRO A 63 31.93 -51.16 -31.47
N ARG A 64 31.71 -52.33 -30.89
CA ARG A 64 30.37 -52.84 -30.80
C ARG A 64 29.83 -52.33 -29.48
N ALA A 65 29.39 -51.09 -29.53
CA ALA A 65 28.91 -50.46 -28.33
C ALA A 65 27.73 -49.60 -28.66
N VAL A 66 26.96 -49.27 -27.61
CA VAL A 66 25.93 -48.25 -27.64
C VAL A 66 26.04 -47.40 -26.38
N PHE A 67 25.88 -46.11 -26.57
CA PHE A 67 26.07 -45.14 -25.53
C PHE A 67 24.77 -44.36 -25.31
N VAL A 68 24.21 -44.42 -24.11
CA VAL A 68 22.99 -43.68 -23.84
C VAL A 68 23.09 -42.77 -22.63
N ASP A 69 22.59 -41.55 -22.79
CA ASP A 69 22.51 -40.59 -21.70
C ASP A 69 21.25 -39.75 -21.94
N LEU A 70 20.68 -39.15 -20.89
CA LEU A 70 19.45 -38.35 -21.07
C LEU A 70 19.57 -36.82 -21.37
N GLU A 71 20.69 -36.18 -20.98
CA GLU A 71 21.13 -34.88 -21.54
C GLU A 71 21.92 -35.16 -22.81
N PRO A 72 22.37 -34.17 -23.55
CA PRO A 72 23.45 -34.41 -24.51
C PRO A 72 24.75 -34.33 -23.73
N THR A 73 25.33 -33.13 -23.63
CA THR A 73 26.48 -32.84 -22.77
C THR A 73 27.56 -33.90 -22.85
N VAL A 74 27.36 -35.05 -22.21
CA VAL A 74 28.41 -36.04 -22.13
C VAL A 74 28.63 -36.82 -23.41
N ILE A 75 27.53 -37.32 -24.00
CA ILE A 75 27.58 -38.00 -25.29
C ILE A 75 28.10 -37.04 -26.34
N ASP A 76 27.87 -35.75 -26.10
CA ASP A 76 28.36 -34.67 -26.96
C ASP A 76 29.89 -34.54 -27.06
N GLU A 77 30.55 -34.72 -25.91
CA GLU A 77 32.01 -34.79 -25.82
C GLU A 77 32.58 -35.79 -26.83
N VAL A 78 31.90 -36.94 -27.01
CA VAL A 78 32.37 -38.03 -27.90
C VAL A 78 32.38 -37.61 -29.35
N ARG A 79 31.31 -36.99 -29.82
CA ARG A 79 31.29 -36.51 -31.19
C ARG A 79 32.12 -35.23 -31.35
N THR A 80 33.14 -35.07 -30.50
CA THR A 80 34.00 -33.86 -30.44
C THR A 80 35.54 -34.15 -30.51
N GLY A 81 36.06 -34.83 -29.46
CA GLY A 81 37.47 -35.15 -29.30
C GLY A 81 37.81 -36.47 -29.95
N THR A 82 38.85 -36.47 -30.80
CA THR A 82 39.13 -37.60 -31.70
C THR A 82 38.86 -38.91 -31.02
N TYR A 83 38.20 -39.77 -31.79
CA TYR A 83 37.39 -40.90 -31.36
C TYR A 83 36.04 -40.56 -31.97
N ARG A 84 35.82 -39.27 -32.14
CA ARG A 84 34.76 -38.76 -32.99
C ARG A 84 34.68 -39.60 -34.26
N GLN A 85 35.83 -40.07 -34.70
CA GLN A 85 35.94 -40.85 -35.92
C GLN A 85 35.67 -42.33 -35.70
N LEU A 86 35.61 -42.73 -34.44
CA LEU A 86 35.69 -44.13 -34.06
C LEU A 86 34.36 -44.87 -34.02
N PHE A 87 33.30 -44.18 -33.66
CA PHE A 87 31.98 -44.81 -33.54
C PHE A 87 31.10 -44.53 -34.74
N HIS A 88 29.86 -45.00 -34.71
CA HIS A 88 28.88 -44.64 -35.73
C HIS A 88 27.85 -43.68 -35.16
N PRO A 89 27.67 -42.54 -35.80
CA PRO A 89 26.77 -41.51 -35.28
C PRO A 89 25.54 -42.17 -34.71
N GLU A 90 25.16 -43.33 -35.23
CA GLU A 90 23.99 -43.99 -34.69
C GLU A 90 24.20 -44.49 -33.28
N GLN A 91 25.37 -45.00 -32.97
CA GLN A 91 25.51 -45.69 -31.70
C GLN A 91 25.58 -44.79 -30.47
N LEU A 92 25.35 -43.49 -30.61
CA LEU A 92 25.32 -42.63 -29.41
C LEU A 92 23.98 -41.92 -29.21
N ILE A 93 23.13 -42.49 -28.36
CA ILE A 93 21.82 -41.91 -28.17
C ILE A 93 21.83 -40.89 -27.05
N THR A 94 21.32 -39.70 -27.38
CA THR A 94 21.15 -38.58 -26.43
C THR A 94 19.67 -38.26 -26.34
N GLY A 95 19.23 -37.57 -25.28
CA GLY A 95 17.81 -37.43 -25.11
C GLY A 95 17.15 -36.14 -24.70
N LYS A 96 17.82 -34.99 -24.87
CA LYS A 96 17.22 -33.64 -24.59
C LYS A 96 17.12 -33.21 -23.09
N GLU A 97 16.29 -33.88 -22.30
CA GLU A 97 16.12 -33.46 -20.93
C GLU A 97 16.70 -34.47 -19.95
N ASP A 98 17.24 -33.93 -18.86
CA ASP A 98 17.87 -34.72 -17.80
C ASP A 98 16.93 -35.65 -16.99
N ALA A 99 17.54 -36.56 -16.23
CA ALA A 99 16.84 -37.50 -15.36
C ALA A 99 16.69 -36.90 -13.99
N ALA A 100 17.41 -35.81 -13.80
CA ALA A 100 17.55 -35.13 -12.52
C ALA A 100 17.74 -36.06 -11.32
N ASN A 101 18.94 -36.60 -11.17
CA ASN A 101 19.34 -37.27 -9.95
C ASN A 101 18.23 -38.12 -9.32
N ASN A 102 17.37 -38.73 -10.14
CA ASN A 102 16.22 -39.45 -9.58
C ASN A 102 15.67 -40.60 -10.43
N TYR A 103 15.55 -41.76 -9.77
CA TYR A 103 15.25 -43.03 -10.41
C TYR A 103 13.88 -43.05 -11.07
N ALA A 104 12.86 -42.68 -10.31
CA ALA A 104 11.50 -42.62 -10.85
C ALA A 104 11.51 -41.98 -12.21
N ARG A 105 12.09 -40.79 -12.27
CA ARG A 105 12.25 -40.10 -13.53
C ARG A 105 12.96 -40.99 -14.52
N GLY A 106 14.04 -41.64 -14.11
CA GLY A 106 14.81 -42.45 -15.03
C GLY A 106 14.05 -43.63 -15.63
N HIS A 107 13.33 -44.34 -14.75
CA HIS A 107 12.61 -45.53 -15.12
C HIS A 107 11.33 -45.15 -15.84
N TYR A 108 10.48 -44.39 -15.16
CA TYR A 108 9.11 -44.25 -15.59
C TYR A 108 8.76 -43.05 -16.46
N THR A 109 9.35 -41.89 -16.19
CA THR A 109 8.86 -40.68 -16.81
C THR A 109 9.65 -40.36 -18.05
N ILE A 110 10.94 -40.16 -17.89
CA ILE A 110 11.76 -39.82 -19.04
C ILE A 110 12.16 -41.07 -19.83
N GLY A 111 12.12 -42.23 -19.17
CA GLY A 111 12.51 -43.51 -19.75
C GLY A 111 11.64 -44.01 -20.88
N LYS A 112 10.43 -44.43 -20.54
CA LYS A 112 9.32 -44.67 -21.47
C LYS A 112 9.59 -44.30 -22.93
N GLU A 113 10.11 -43.09 -23.14
CA GLU A 113 10.16 -42.45 -24.47
C GLU A 113 11.33 -42.89 -25.36
N ILE A 114 12.49 -43.03 -24.74
CA ILE A 114 13.74 -43.27 -25.45
C ILE A 114 14.00 -44.77 -25.59
N ILE A 115 13.45 -45.54 -24.65
CA ILE A 115 13.78 -46.95 -24.49
C ILE A 115 13.51 -47.75 -25.72
N ASP A 116 12.40 -47.46 -26.37
CA ASP A 116 12.02 -48.18 -27.56
C ASP A 116 13.07 -47.97 -28.63
N LEU A 117 13.70 -46.80 -28.62
CA LEU A 117 14.69 -46.46 -29.64
C LEU A 117 16.02 -47.14 -29.38
N VAL A 118 16.54 -46.95 -28.18
CA VAL A 118 17.77 -47.59 -27.77
C VAL A 118 17.68 -49.07 -28.05
N LEU A 119 16.73 -49.72 -27.38
CA LEU A 119 16.48 -51.16 -27.47
C LEU A 119 16.64 -51.75 -28.86
N ASP A 120 16.20 -50.95 -29.84
CA ASP A 120 16.22 -51.32 -31.24
C ASP A 120 17.58 -50.99 -31.88
N ARG A 121 18.20 -49.88 -31.49
CA ARG A 121 19.55 -49.55 -31.99
C ARG A 121 20.60 -50.55 -31.50
N ILE A 122 20.24 -51.29 -30.44
CA ILE A 122 21.08 -52.34 -29.91
C ILE A 122 20.90 -53.51 -30.81
N ARG A 123 19.64 -53.79 -31.14
CA ARG A 123 19.26 -54.87 -32.06
C ARG A 123 19.88 -54.79 -33.45
N LYS A 124 20.34 -53.59 -33.83
CA LYS A 124 21.14 -53.40 -35.05
C LYS A 124 22.48 -54.10 -34.92
N LEU A 125 23.13 -53.88 -33.79
CA LEU A 125 24.47 -54.40 -33.50
C LEU A 125 24.51 -55.89 -33.23
N ALA A 126 23.47 -56.41 -32.59
CA ALA A 126 23.37 -57.84 -32.37
C ALA A 126 23.14 -58.55 -33.71
N ASP A 127 22.62 -57.81 -34.68
CA ASP A 127 22.29 -58.40 -35.95
C ASP A 127 23.46 -58.57 -36.87
N GLN A 128 24.51 -57.80 -36.67
CA GLN A 128 25.75 -58.02 -37.41
C GLN A 128 26.71 -58.96 -36.60
N CYS A 129 26.13 -60.00 -35.98
CA CYS A 129 26.87 -60.92 -35.11
C CYS A 129 26.36 -62.35 -35.21
N THR A 130 27.21 -63.28 -35.63
CA THR A 130 26.82 -64.70 -35.77
C THR A 130 27.11 -65.52 -34.51
N GLY A 131 26.07 -65.63 -33.68
CA GLY A 131 26.18 -66.16 -32.33
C GLY A 131 26.67 -65.12 -31.33
N LEU A 132 25.82 -64.17 -30.96
CA LEU A 132 26.21 -63.18 -29.95
C LEU A 132 26.26 -63.80 -28.57
N GLN A 133 27.25 -63.40 -27.78
CA GLN A 133 27.34 -63.83 -26.40
C GLN A 133 26.36 -63.08 -25.49
N GLY A 134 26.74 -61.91 -25.01
CA GLY A 134 25.89 -61.16 -24.10
C GLY A 134 26.25 -59.71 -24.03
N PHE A 135 25.81 -59.03 -22.98
CA PHE A 135 26.08 -57.61 -22.85
C PHE A 135 26.85 -57.20 -21.61
N LEU A 136 27.61 -56.13 -21.78
CA LEU A 136 28.27 -55.50 -20.69
C LEU A 136 27.61 -54.15 -20.52
N VAL A 137 26.92 -53.97 -19.40
CA VAL A 137 26.23 -52.72 -19.06
C VAL A 137 27.08 -51.89 -18.09
N PHE A 138 27.65 -50.79 -18.53
CA PHE A 138 28.35 -49.91 -17.60
C PHE A 138 27.41 -48.78 -17.14
N HIS A 139 27.29 -48.56 -15.83
CA HIS A 139 26.33 -47.57 -15.28
C HIS A 139 26.55 -47.17 -13.82
N SER A 140 26.16 -45.94 -13.48
CA SER A 140 26.29 -45.43 -12.11
C SER A 140 25.22 -46.00 -11.19
N PHE A 141 25.62 -46.40 -9.99
CA PHE A 141 24.70 -46.99 -9.03
C PHE A 141 23.67 -45.98 -8.64
N GLY A 142 24.08 -45.04 -7.78
CA GLY A 142 23.28 -43.86 -7.45
C GLY A 142 23.26 -42.93 -8.64
N GLY A 143 22.36 -41.95 -8.64
CA GLY A 143 22.28 -41.06 -9.78
C GLY A 143 21.31 -41.56 -10.82
N GLY A 144 20.80 -40.61 -11.61
CA GLY A 144 19.47 -40.69 -12.19
C GLY A 144 19.18 -41.64 -13.33
N THR A 145 19.66 -41.28 -14.52
CA THR A 145 19.53 -42.16 -15.67
C THR A 145 20.26 -43.50 -15.40
N GLY A 146 21.46 -43.40 -14.81
CA GLY A 146 22.27 -44.54 -14.44
C GLY A 146 21.56 -45.62 -13.66
N SER A 147 20.77 -45.23 -12.66
CA SER A 147 19.99 -46.20 -11.89
C SER A 147 18.74 -46.56 -12.64
N GLY A 148 18.06 -45.55 -13.16
CA GLY A 148 16.70 -45.70 -13.65
C GLY A 148 16.51 -46.31 -15.04
N PHE A 149 17.36 -45.90 -15.96
CA PHE A 149 17.30 -46.40 -17.33
C PHE A 149 17.92 -47.78 -17.36
N THR A 150 19.11 -47.91 -16.79
CA THR A 150 19.73 -49.21 -16.61
C THR A 150 18.75 -50.24 -16.14
N SER A 151 18.02 -49.92 -15.06
CA SER A 151 16.99 -50.81 -14.54
C SER A 151 15.96 -51.18 -15.61
N LEU A 152 15.32 -50.19 -16.24
CA LEU A 152 14.40 -50.43 -17.34
C LEU A 152 15.02 -51.17 -18.53
N LEU A 153 16.25 -50.82 -18.90
CA LEU A 153 16.95 -51.53 -19.96
C LEU A 153 16.90 -53.00 -19.66
N MET A 154 17.51 -53.39 -18.53
CA MET A 154 17.67 -54.80 -18.15
C MET A 154 16.37 -55.62 -18.16
N GLU A 155 15.28 -55.04 -17.63
CA GLU A 155 13.97 -55.72 -17.64
C GLU A 155 13.67 -56.07 -19.06
N ARG A 156 13.98 -55.14 -19.96
CA ARG A 156 13.63 -55.29 -21.36
C ARG A 156 14.63 -56.15 -22.15
N LEU A 157 15.93 -55.89 -21.98
CA LEU A 157 16.95 -56.75 -22.56
C LEU A 157 16.73 -58.19 -22.14
N SER A 158 16.34 -58.37 -20.87
CA SER A 158 15.98 -59.69 -20.37
C SER A 158 14.91 -60.34 -21.21
N VAL A 159 13.96 -59.57 -21.71
CA VAL A 159 12.88 -60.13 -22.52
C VAL A 159 13.29 -60.36 -23.97
N ASP A 160 13.89 -59.34 -24.59
CA ASP A 160 14.27 -59.39 -26.00
C ASP A 160 15.40 -60.41 -26.29
N TYR A 161 16.18 -60.79 -25.28
CA TYR A 161 17.33 -61.70 -25.43
C TYR A 161 17.34 -62.88 -24.43
N GLY A 162 17.23 -64.11 -24.98
CA GLY A 162 17.00 -65.34 -24.23
C GLY A 162 17.98 -65.73 -23.13
N LYS A 163 18.89 -66.65 -23.45
CA LYS A 163 19.99 -67.02 -22.54
C LYS A 163 20.93 -65.84 -22.34
N LYS A 164 21.51 -65.40 -23.46
CA LYS A 164 22.38 -64.23 -23.54
C LYS A 164 22.50 -63.47 -22.24
N SER A 165 23.65 -63.66 -21.60
CA SER A 165 23.94 -63.16 -20.24
C SER A 165 24.26 -61.66 -20.14
N LYS A 166 24.21 -61.15 -18.92
CA LYS A 166 24.36 -59.74 -18.74
C LYS A 166 25.31 -59.51 -17.59
N LEU A 167 26.41 -58.82 -17.87
CA LEU A 167 27.39 -58.44 -16.86
C LEU A 167 27.30 -56.95 -16.62
N GLU A 168 27.10 -56.55 -15.38
CA GLU A 168 27.07 -55.12 -15.08
C GLU A 168 28.35 -54.69 -14.34
N PHE A 169 28.78 -53.44 -14.57
CA PHE A 169 29.83 -52.80 -13.80
C PHE A 169 29.18 -51.59 -13.20
N SER A 170 28.90 -51.64 -11.89
CA SER A 170 28.18 -50.59 -11.18
C SER A 170 29.14 -49.61 -10.51
N ILE A 171 28.79 -48.34 -10.46
CA ILE A 171 29.62 -47.40 -9.75
C ILE A 171 29.00 -46.98 -8.41
N TYR A 172 29.37 -47.75 -7.39
CA TYR A 172 28.94 -47.57 -5.99
C TYR A 172 29.42 -46.20 -5.52
N PRO A 173 28.49 -45.41 -4.96
CA PRO A 173 28.62 -43.96 -4.91
C PRO A 173 29.29 -43.44 -3.66
N ALA A 174 30.11 -42.41 -3.77
CA ALA A 174 30.87 -42.02 -2.58
C ALA A 174 30.89 -40.54 -2.23
N PRO A 175 30.39 -40.26 -1.02
CA PRO A 175 30.18 -38.91 -0.49
C PRO A 175 31.14 -37.86 -0.97
N GLN A 176 32.44 -38.15 -0.96
CA GLN A 176 33.48 -37.15 -1.25
C GLN A 176 33.40 -36.65 -2.69
N VAL A 177 33.49 -37.53 -3.67
CA VAL A 177 33.24 -37.00 -4.99
C VAL A 177 31.91 -37.43 -5.59
N SER A 178 30.85 -36.89 -4.99
CA SER A 178 29.48 -36.97 -5.50
C SER A 178 29.02 -35.52 -5.59
N THR A 179 27.70 -35.31 -5.59
CA THR A 179 27.11 -33.98 -5.41
C THR A 179 25.72 -34.16 -4.82
N ALA A 180 25.11 -35.28 -5.20
CA ALA A 180 23.74 -35.67 -4.87
C ALA A 180 23.54 -36.39 -3.50
N VAL A 181 22.62 -35.84 -2.72
CA VAL A 181 22.21 -36.36 -1.42
C VAL A 181 21.34 -37.61 -1.55
N VAL A 182 20.41 -37.54 -2.49
CA VAL A 182 19.40 -38.57 -2.73
C VAL A 182 19.97 -39.90 -3.22
N GLU A 183 21.26 -39.92 -3.47
CA GLU A 183 21.97 -41.10 -3.96
C GLU A 183 21.47 -42.46 -3.45
N PRO A 184 21.62 -42.75 -2.14
CA PRO A 184 21.23 -44.06 -1.59
C PRO A 184 19.91 -44.59 -2.12
N TYR A 185 18.82 -43.84 -1.99
CA TYR A 185 17.55 -44.28 -2.54
C TYR A 185 17.74 -44.92 -3.92
N ASN A 186 18.33 -44.18 -4.85
CA ASN A 186 18.45 -44.62 -6.25
C ASN A 186 19.17 -45.93 -6.44
N SER A 187 20.20 -46.15 -5.64
CA SER A 187 20.98 -47.39 -5.72
C SER A 187 20.10 -48.59 -5.30
N ILE A 188 19.48 -48.46 -4.13
CA ILE A 188 18.71 -49.52 -3.48
C ILE A 188 17.45 -49.76 -4.28
N LEU A 189 17.08 -48.75 -5.06
CA LEU A 189 15.96 -48.89 -5.95
C LEU A 189 16.34 -49.77 -7.10
N THR A 190 17.29 -49.32 -7.92
CA THR A 190 17.73 -50.08 -9.11
C THR A 190 18.17 -51.50 -8.72
N THR A 191 19.22 -51.55 -7.92
CA THR A 191 19.79 -52.78 -7.41
C THR A 191 18.74 -53.85 -7.08
N HIS A 192 17.51 -53.42 -6.81
CA HIS A 192 16.40 -54.33 -6.53
C HIS A 192 15.74 -54.85 -7.82
N THR A 193 15.25 -53.95 -8.65
CA THR A 193 14.62 -54.34 -9.92
C THR A 193 15.65 -55.05 -10.78
N THR A 194 16.90 -54.61 -10.61
CA THR A 194 18.01 -54.91 -11.51
C THR A 194 18.58 -56.32 -11.32
N LEU A 195 18.58 -56.80 -10.08
CA LEU A 195 19.34 -57.98 -9.66
C LEU A 195 18.81 -59.34 -10.16
N GLU A 196 17.53 -59.43 -10.47
CA GLU A 196 17.05 -60.69 -11.01
C GLU A 196 17.17 -60.74 -12.52
N HIS A 197 17.69 -59.68 -13.10
CA HIS A 197 17.86 -59.64 -14.54
C HIS A 197 19.34 -59.64 -14.93
N SER A 198 20.20 -59.75 -13.91
CA SER A 198 21.66 -59.68 -14.07
C SER A 198 22.30 -61.05 -13.76
N ASP A 199 23.55 -61.25 -14.18
CA ASP A 199 24.21 -62.55 -14.04
C ASP A 199 25.39 -62.50 -13.11
N CYS A 200 26.30 -61.55 -13.37
CA CYS A 200 27.42 -61.23 -12.49
C CYS A 200 27.72 -59.75 -12.61
N ALA A 201 28.06 -59.14 -11.48
CA ALA A 201 28.06 -57.69 -11.38
C ALA A 201 29.22 -57.12 -10.57
N PHE A 202 30.15 -56.48 -11.27
CA PHE A 202 31.33 -55.90 -10.62
C PHE A 202 31.01 -54.53 -10.07
N MET A 203 30.97 -54.42 -8.76
CA MET A 203 30.81 -53.14 -8.16
C MET A 203 32.16 -52.44 -8.12
N VAL A 204 32.12 -51.11 -8.24
CA VAL A 204 33.32 -50.28 -8.19
C VAL A 204 33.08 -49.11 -7.25
N ASP A 205 33.69 -49.18 -6.09
CA ASP A 205 33.49 -48.17 -5.07
C ASP A 205 34.31 -46.93 -5.36
N ASN A 206 33.64 -45.88 -5.83
CA ASN A 206 34.31 -44.62 -6.10
C ASN A 206 35.28 -44.23 -5.00
N GLU A 207 34.87 -44.40 -3.74
CA GLU A 207 35.71 -44.04 -2.60
C GLU A 207 37.02 -44.81 -2.59
N ALA A 208 36.97 -46.10 -2.90
CA ALA A 208 38.16 -46.92 -2.94
C ALA A 208 39.12 -46.53 -4.06
N ILE A 209 38.58 -45.97 -5.14
CA ILE A 209 39.40 -45.58 -6.28
C ILE A 209 39.98 -44.22 -6.00
N TYR A 210 39.16 -43.35 -5.45
CA TYR A 210 39.63 -42.07 -4.99
C TYR A 210 40.74 -42.31 -4.01
N ASP A 211 40.66 -43.44 -3.32
CA ASP A 211 41.62 -43.78 -2.29
C ASP A 211 42.95 -44.18 -2.89
N ILE A 212 42.91 -45.09 -3.86
CA ILE A 212 44.13 -45.57 -4.50
C ILE A 212 44.97 -44.38 -4.99
N CYS A 213 44.32 -43.41 -5.63
CA CYS A 213 45.01 -42.30 -6.24
C CYS A 213 45.65 -41.40 -5.23
N ARG A 214 45.00 -41.25 -4.09
CA ARG A 214 45.49 -40.35 -3.06
C ARG A 214 46.71 -40.94 -2.34
N ARG A 215 46.78 -42.26 -2.31
CA ARG A 215 47.89 -42.94 -1.66
C ARG A 215 48.96 -43.37 -2.68
N ASN A 216 48.51 -43.96 -3.78
CA ASN A 216 49.40 -44.64 -4.71
C ASN A 216 49.87 -43.80 -5.91
N LEU A 217 49.17 -42.70 -6.17
CA LEU A 217 49.51 -41.87 -7.32
C LEU A 217 49.95 -40.48 -6.93
N ASP A 218 49.83 -40.15 -5.65
CA ASP A 218 50.25 -38.86 -5.15
C ASP A 218 49.38 -37.69 -5.66
N ILE A 219 48.20 -38.01 -6.17
CA ILE A 219 47.27 -37.01 -6.69
C ILE A 219 46.54 -36.29 -5.56
N GLU A 220 46.58 -34.96 -5.54
CA GLU A 220 46.03 -34.21 -4.41
C GLU A 220 44.55 -34.46 -4.25
N ARG A 221 43.72 -33.81 -5.06
CA ARG A 221 42.28 -34.11 -5.07
C ARG A 221 41.83 -34.55 -6.47
N PRO A 222 41.81 -35.84 -6.68
CA PRO A 222 41.74 -36.44 -8.00
C PRO A 222 40.45 -36.20 -8.80
N THR A 223 40.63 -36.04 -10.10
CA THR A 223 39.56 -35.73 -11.04
C THR A 223 38.78 -36.98 -11.30
N TYR A 224 37.72 -36.84 -12.10
CA TYR A 224 36.95 -37.96 -12.64
C TYR A 224 37.79 -38.69 -13.66
N THR A 225 38.41 -37.93 -14.55
CA THR A 225 39.22 -38.53 -15.60
C THR A 225 40.49 -39.05 -15.00
N ASN A 226 40.73 -38.69 -13.75
CA ASN A 226 41.73 -39.37 -12.95
C ASN A 226 41.27 -40.76 -12.52
N LEU A 227 40.06 -40.81 -11.97
CA LEU A 227 39.47 -42.04 -11.53
C LEU A 227 39.18 -42.97 -12.69
N ASN A 228 38.84 -42.44 -13.84
CA ASN A 228 38.39 -43.30 -14.89
C ASN A 228 39.55 -44.05 -15.56
N ARG A 229 40.70 -43.40 -15.69
CA ARG A 229 41.89 -44.05 -16.24
C ARG A 229 42.18 -45.32 -15.50
N LEU A 230 41.91 -45.29 -14.19
CA LEU A 230 42.16 -46.38 -13.25
C LEU A 230 41.16 -47.50 -13.40
N ILE A 231 39.89 -47.16 -13.50
CA ILE A 231 38.87 -48.16 -13.66
C ILE A 231 39.05 -48.78 -15.05
N GLY A 232 39.40 -47.94 -16.02
CA GLY A 232 39.67 -48.34 -17.40
C GLY A 232 40.69 -49.46 -17.45
N GLN A 233 41.71 -49.36 -16.60
CA GLN A 233 42.77 -50.38 -16.49
C GLN A 233 42.25 -51.69 -15.90
N ILE A 234 41.31 -51.59 -14.95
CA ILE A 234 40.82 -52.73 -14.18
C ILE A 234 39.84 -53.52 -15.03
N VAL A 235 38.87 -52.81 -15.56
CA VAL A 235 37.93 -53.42 -16.45
C VAL A 235 38.69 -54.12 -17.59
N SER A 236 39.58 -53.41 -18.25
CA SER A 236 40.37 -53.99 -19.33
C SER A 236 41.26 -55.17 -18.91
N SER A 237 41.38 -55.40 -17.60
CA SER A 237 42.08 -56.59 -17.12
C SER A 237 41.07 -57.71 -16.83
N ILE A 238 39.82 -57.32 -16.64
CA ILE A 238 38.75 -58.29 -16.48
C ILE A 238 38.30 -58.80 -17.82
N THR A 239 38.03 -57.90 -18.77
CA THR A 239 37.59 -58.28 -20.12
C THR A 239 38.70 -58.91 -20.95
N ALA A 240 39.94 -58.57 -20.61
CA ALA A 240 41.13 -59.14 -21.24
C ALA A 240 40.92 -60.57 -21.75
N SER A 241 40.39 -61.42 -20.88
CA SER A 241 40.22 -62.83 -21.17
C SER A 241 39.59 -63.07 -22.52
N LEU A 242 38.55 -62.30 -22.86
CA LEU A 242 37.77 -62.55 -24.07
C LEU A 242 38.16 -61.74 -25.29
N ARG A 243 39.28 -61.02 -25.22
CA ARG A 243 39.72 -60.15 -26.34
C ARG A 243 40.96 -60.66 -27.10
N PHE A 244 41.88 -61.24 -26.35
CA PHE A 244 43.04 -61.94 -26.90
C PHE A 244 42.77 -63.46 -27.08
N ASP A 245 41.79 -63.96 -26.32
CA ASP A 245 41.51 -65.40 -26.15
C ASP A 245 42.69 -66.12 -25.47
N GLY A 246 42.63 -66.17 -24.15
CA GLY A 246 43.61 -66.89 -23.36
C GLY A 246 42.80 -67.63 -22.31
N ALA A 247 43.06 -68.94 -22.18
CA ALA A 247 42.27 -69.88 -21.34
C ALA A 247 41.68 -69.29 -20.06
N LEU A 248 40.51 -69.76 -19.64
CA LEU A 248 39.79 -69.18 -18.48
C LEU A 248 39.11 -67.81 -18.82
N ASN A 249 37.77 -67.79 -18.67
CA ASN A 249 36.85 -66.70 -19.05
C ASN A 249 36.83 -66.36 -20.56
N VAL A 250 36.98 -67.39 -21.38
CA VAL A 250 36.93 -67.31 -22.84
C VAL A 250 35.59 -66.76 -23.34
N ASP A 251 34.59 -66.85 -22.46
CA ASP A 251 33.19 -66.54 -22.76
C ASP A 251 32.41 -66.21 -21.48
N LEU A 252 31.37 -65.38 -21.62
CA LEU A 252 30.69 -64.80 -20.47
C LEU A 252 30.03 -65.80 -19.53
N THR A 253 29.65 -66.95 -20.05
CA THR A 253 29.05 -67.95 -19.21
C THR A 253 30.02 -68.39 -18.14
N GLU A 254 31.29 -68.60 -18.51
CA GLU A 254 32.37 -68.97 -17.58
C GLU A 254 32.55 -67.96 -16.44
N PHE A 255 32.26 -66.70 -16.75
CA PHE A 255 32.36 -65.61 -15.79
C PHE A 255 31.56 -65.85 -14.54
N GLN A 256 30.34 -66.35 -14.71
CA GLN A 256 29.53 -66.72 -13.56
C GLN A 256 29.93 -68.09 -13.02
N THR A 257 30.29 -69.00 -13.92
CA THR A 257 30.42 -70.39 -13.55
C THR A 257 31.49 -70.50 -12.51
N ASN A 258 32.49 -69.64 -12.64
CA ASN A 258 33.60 -69.60 -11.72
C ASN A 258 33.33 -68.77 -10.48
N LEU A 259 32.59 -67.67 -10.64
CA LEU A 259 32.47 -66.69 -9.56
C LEU A 259 31.20 -66.74 -8.71
N VAL A 260 30.09 -67.10 -9.30
CA VAL A 260 28.85 -67.04 -8.57
C VAL A 260 28.32 -68.41 -8.27
N PRO A 261 28.41 -68.80 -7.00
CA PRO A 261 27.89 -70.09 -6.59
C PRO A 261 26.38 -70.01 -6.45
N TYR A 262 25.87 -68.83 -6.12
CA TYR A 262 24.44 -68.68 -5.89
C TYR A 262 23.80 -67.59 -6.75
N PRO A 263 22.56 -67.85 -7.20
CA PRO A 263 21.91 -66.99 -8.19
C PRO A 263 22.06 -65.52 -7.84
N ARG A 264 21.79 -65.19 -6.57
CA ARG A 264 21.72 -63.81 -6.08
C ARG A 264 23.09 -63.19 -5.94
N ILE A 265 23.87 -63.66 -4.96
CA ILE A 265 25.28 -63.32 -4.81
C ILE A 265 26.00 -63.22 -6.17
N HIS A 266 25.99 -62.03 -6.79
CA HIS A 266 26.73 -61.78 -8.04
C HIS A 266 28.06 -61.18 -7.74
N PHE A 267 28.11 -60.46 -6.62
CA PHE A 267 29.02 -59.34 -6.52
C PHE A 267 30.39 -59.76 -6.07
N PRO A 268 31.32 -59.85 -7.04
CA PRO A 268 32.68 -60.22 -6.74
C PRO A 268 33.44 -58.95 -6.41
N LEU A 269 34.57 -59.12 -5.75
CA LEU A 269 35.42 -58.04 -5.32
C LEU A 269 36.67 -58.11 -6.18
N ALA A 270 37.02 -57.00 -6.81
CA ALA A 270 38.24 -56.95 -7.63
C ALA A 270 39.44 -56.29 -6.89
N THR A 271 40.65 -56.56 -7.34
CA THR A 271 41.82 -55.96 -6.73
C THR A 271 42.91 -55.89 -7.79
N TYR A 272 43.34 -54.69 -8.17
CA TYR A 272 44.34 -54.61 -9.25
C TYR A 272 45.73 -54.45 -8.67
N ALA A 273 46.68 -55.07 -9.35
CA ALA A 273 48.00 -55.37 -8.79
C ALA A 273 48.99 -54.22 -8.61
N PRO A 274 49.82 -53.91 -9.60
CA PRO A 274 50.81 -52.85 -9.46
C PRO A 274 50.34 -51.51 -10.01
N VAL A 275 49.64 -50.72 -9.20
CA VAL A 275 49.31 -49.34 -9.54
C VAL A 275 50.51 -48.55 -9.09
N ILE A 276 51.36 -48.16 -10.04
CA ILE A 276 52.47 -47.29 -9.69
C ILE A 276 52.70 -46.16 -10.70
N SER A 277 53.10 -45.01 -10.19
CA SER A 277 53.05 -43.77 -10.94
C SER A 277 54.32 -43.47 -11.73
N ALA A 278 54.17 -43.21 -13.04
CA ALA A 278 55.31 -42.73 -13.84
C ALA A 278 55.83 -41.52 -13.13
N GLU A 279 57.15 -41.37 -13.18
CA GLU A 279 57.92 -40.57 -12.23
C GLU A 279 58.59 -41.59 -11.32
N LYS A 280 57.91 -42.71 -11.14
CA LYS A 280 58.49 -43.89 -10.50
C LYS A 280 58.81 -44.91 -11.60
N ALA A 281 58.53 -44.51 -12.84
CA ALA A 281 58.53 -45.42 -13.98
C ALA A 281 59.81 -46.21 -14.24
N TYR A 282 60.87 -45.91 -13.52
CA TYR A 282 62.10 -46.66 -13.75
C TYR A 282 62.67 -47.36 -12.54
N HIS A 283 61.90 -47.51 -11.45
CA HIS A 283 62.39 -48.30 -10.30
C HIS A 283 62.49 -49.79 -10.67
N GLU A 284 63.38 -50.58 -10.04
CA GLU A 284 63.50 -52.01 -10.40
C GLU A 284 62.13 -52.71 -10.15
N GLN A 285 61.34 -52.91 -11.23
CA GLN A 285 59.90 -53.21 -11.18
C GLN A 285 59.57 -54.48 -10.37
N LEU A 286 58.32 -54.62 -9.94
CA LEU A 286 57.96 -55.58 -8.88
C LEU A 286 57.98 -57.03 -9.31
N SER A 287 58.09 -57.89 -8.30
CA SER A 287 58.23 -59.34 -8.47
C SER A 287 56.90 -60.12 -8.57
N VAL A 288 56.87 -61.16 -9.41
CA VAL A 288 55.70 -62.06 -9.55
C VAL A 288 55.11 -62.37 -8.18
N ALA A 289 55.98 -62.61 -7.21
CA ALA A 289 55.56 -62.84 -5.84
C ALA A 289 54.83 -61.64 -5.25
N GLU A 290 55.50 -60.49 -5.20
CA GLU A 290 55.01 -59.31 -4.48
C GLU A 290 53.63 -58.80 -4.90
N ILE A 291 53.34 -58.84 -6.19
CA ILE A 291 52.07 -58.35 -6.71
C ILE A 291 50.94 -59.26 -6.33
N THR A 292 51.19 -60.57 -6.33
CA THR A 292 50.22 -61.52 -5.80
C THR A 292 49.93 -61.16 -4.36
N ASN A 293 51.00 -60.94 -3.61
CA ASN A 293 50.92 -60.60 -2.20
C ASN A 293 50.36 -59.21 -1.96
N ALA A 294 49.91 -58.58 -3.03
CA ALA A 294 49.22 -57.32 -2.93
C ALA A 294 47.72 -57.54 -2.99
N CYS A 295 47.31 -58.48 -3.84
CA CYS A 295 45.92 -58.73 -4.11
C CYS A 295 45.14 -58.88 -2.84
N PHE A 296 45.87 -59.29 -1.83
CA PHE A 296 45.35 -59.52 -0.50
C PHE A 296 45.81 -58.40 0.41
N GLU A 297 45.33 -57.20 0.11
CA GLU A 297 45.67 -56.00 0.85
C GLU A 297 44.52 -55.01 0.78
N PRO A 298 43.74 -54.92 1.86
CA PRO A 298 42.54 -54.06 1.91
C PRO A 298 42.71 -52.69 1.21
N ALA A 299 43.95 -52.21 1.17
CA ALA A 299 44.29 -50.92 0.56
C ALA A 299 44.05 -50.92 -0.95
N ASN A 300 44.59 -51.94 -1.63
CA ASN A 300 44.53 -52.11 -3.10
C ASN A 300 43.21 -52.66 -3.61
N GLN A 301 42.24 -52.71 -2.70
CA GLN A 301 40.92 -53.21 -2.99
C GLN A 301 40.12 -52.30 -3.94
N MET A 302 38.97 -52.81 -4.34
CA MET A 302 38.11 -52.20 -5.34
C MET A 302 36.74 -51.75 -4.82
N VAL A 303 36.43 -52.13 -3.59
CA VAL A 303 35.24 -51.75 -2.86
C VAL A 303 35.70 -51.66 -1.41
N LYS A 304 35.44 -50.54 -0.76
CA LYS A 304 35.91 -50.32 0.61
C LYS A 304 35.25 -51.30 1.60
N CYS A 305 36.00 -52.29 2.06
CA CYS A 305 35.50 -53.20 3.09
C CYS A 305 36.64 -53.80 3.90
N ASP A 306 36.52 -55.09 4.24
CA ASP A 306 37.58 -55.84 4.92
C ASP A 306 37.37 -57.36 4.82
N PRO A 307 38.02 -58.02 3.87
CA PRO A 307 37.71 -59.44 3.57
C PRO A 307 38.51 -60.41 4.42
N ARG A 308 39.32 -59.86 5.33
CA ARG A 308 40.12 -60.65 6.27
C ARG A 308 39.22 -61.30 7.32
N HIS A 309 38.04 -60.73 7.53
CA HIS A 309 37.07 -61.20 8.51
C HIS A 309 35.78 -61.86 7.94
N GLY A 310 35.48 -61.64 6.65
CA GLY A 310 34.43 -62.41 5.98
C GLY A 310 35.08 -63.59 5.25
N LYS A 311 34.29 -64.63 4.98
CA LYS A 311 34.81 -65.81 4.28
C LYS A 311 34.78 -65.65 2.77
N TYR A 312 35.87 -66.04 2.10
CA TYR A 312 35.93 -66.17 0.64
C TYR A 312 35.10 -67.37 0.22
N MET A 313 34.48 -67.34 -0.95
CA MET A 313 33.74 -68.52 -1.40
C MET A 313 33.97 -68.89 -2.86
N ALA A 314 34.86 -68.14 -3.51
CA ALA A 314 35.42 -68.49 -4.81
C ALA A 314 36.46 -67.45 -5.19
N CYS A 315 37.62 -67.92 -5.63
CA CYS A 315 38.73 -67.02 -5.90
C CYS A 315 39.44 -67.26 -7.23
N CYS A 316 39.61 -66.17 -7.96
CA CYS A 316 40.29 -66.19 -9.23
C CYS A 316 41.49 -65.26 -9.17
N LEU A 317 42.55 -65.59 -9.91
CA LEU A 317 43.66 -64.67 -10.05
C LEU A 317 43.88 -64.47 -11.52
N LEU A 318 43.67 -63.25 -12.00
CA LEU A 318 43.88 -62.99 -13.42
C LEU A 318 45.18 -62.22 -13.72
N TYR A 319 46.18 -63.00 -14.20
CA TYR A 319 47.56 -62.52 -14.48
C TYR A 319 47.68 -62.00 -15.89
N ARG A 320 48.51 -60.98 -16.08
CA ARG A 320 48.72 -60.38 -17.39
C ARG A 320 50.16 -59.94 -17.43
N GLY A 321 50.84 -60.37 -18.48
CA GLY A 321 52.22 -59.99 -18.70
C GLY A 321 53.21 -61.13 -18.87
N ASP A 322 54.46 -60.85 -18.49
CA ASP A 322 55.53 -61.82 -18.60
C ASP A 322 55.51 -62.65 -17.32
N VAL A 323 54.98 -63.87 -17.41
CA VAL A 323 54.85 -64.77 -16.25
C VAL A 323 54.87 -66.27 -16.62
N VAL A 324 55.81 -67.02 -16.05
CA VAL A 324 55.77 -68.48 -16.13
C VAL A 324 55.01 -68.96 -14.89
N PRO A 325 54.04 -69.86 -15.06
CA PRO A 325 53.32 -70.49 -13.95
C PRO A 325 54.14 -71.08 -12.80
N LYS A 326 55.29 -71.69 -13.08
CA LYS A 326 56.21 -72.15 -12.03
C LYS A 326 56.36 -71.11 -10.88
N ASP A 327 56.39 -69.82 -11.23
CA ASP A 327 56.48 -68.71 -10.26
C ASP A 327 55.19 -68.56 -9.46
N VAL A 328 54.09 -68.36 -10.19
CA VAL A 328 52.78 -68.11 -9.62
C VAL A 328 52.58 -69.04 -8.43
N ASN A 329 52.87 -70.30 -8.67
CA ASN A 329 52.56 -71.30 -7.68
C ASN A 329 53.17 -71.04 -6.33
N ALA A 330 54.49 -71.17 -6.20
CA ALA A 330 55.12 -71.05 -4.89
C ALA A 330 54.86 -69.69 -4.24
N ALA A 331 54.57 -68.68 -5.05
CA ALA A 331 54.06 -67.41 -4.56
C ALA A 331 52.75 -67.60 -3.77
N ILE A 332 51.71 -68.10 -4.44
CA ILE A 332 50.48 -68.50 -3.75
C ILE A 332 50.80 -69.31 -2.51
N ALA A 333 51.67 -70.32 -2.65
CA ALA A 333 52.01 -71.23 -1.56
C ALA A 333 52.16 -70.48 -0.24
N THR A 334 52.92 -69.38 -0.28
CA THR A 334 53.18 -68.58 0.93
C THR A 334 52.28 -67.35 1.04
N ILE A 335 51.23 -67.31 0.24
CA ILE A 335 50.08 -66.51 0.58
C ILE A 335 49.32 -67.28 1.70
N LYS A 336 49.37 -68.61 1.64
CA LYS A 336 48.70 -69.44 2.64
C LYS A 336 49.45 -69.38 3.94
N THR A 337 50.67 -69.94 3.93
CA THR A 337 51.50 -70.14 5.14
C THR A 337 51.94 -68.82 5.83
N LYS A 338 51.53 -67.69 5.27
CA LYS A 338 51.74 -66.39 5.93
C LYS A 338 50.42 -65.68 6.28
N ARG A 339 49.65 -65.32 5.25
CA ARG A 339 48.41 -64.55 5.42
C ARG A 339 47.17 -65.39 5.80
N THR A 340 46.00 -64.74 5.67
CA THR A 340 44.69 -65.31 6.07
C THR A 340 43.95 -66.04 4.92
N ILE A 341 44.18 -67.37 4.93
CA ILE A 341 43.47 -68.38 4.17
C ILE A 341 42.01 -67.94 3.93
N GLN A 342 41.15 -68.20 4.93
CA GLN A 342 39.81 -67.63 5.07
C GLN A 342 38.76 -68.23 4.13
N PHE A 343 38.66 -69.56 4.06
CA PHE A 343 37.71 -70.14 3.12
C PHE A 343 36.39 -70.54 3.73
N VAL A 344 35.39 -70.78 2.88
CA VAL A 344 34.07 -71.16 3.32
C VAL A 344 34.01 -72.65 3.62
N ASP A 345 32.94 -73.06 4.31
CA ASP A 345 32.71 -74.44 4.71
C ASP A 345 32.83 -75.49 3.59
N TRP A 346 32.41 -75.13 2.37
CA TRP A 346 32.05 -76.14 1.37
C TRP A 346 32.53 -75.99 -0.09
N CYS A 347 33.51 -75.14 -0.37
CA CYS A 347 34.03 -75.09 -1.74
C CYS A 347 35.57 -75.21 -1.75
N PRO A 348 36.12 -76.12 -2.57
CA PRO A 348 37.55 -76.46 -2.55
C PRO A 348 38.49 -75.56 -1.69
N THR A 349 39.51 -74.95 -2.29
CA THR A 349 40.16 -73.76 -1.77
C THR A 349 40.66 -73.04 -3.01
N GLY A 350 39.71 -72.73 -3.90
CA GLY A 350 39.87 -71.87 -5.08
C GLY A 350 41.13 -71.80 -5.94
N PHE A 351 41.33 -70.62 -6.53
CA PHE A 351 42.48 -70.27 -7.37
C PHE A 351 42.48 -70.89 -8.77
N LYS A 352 41.52 -70.44 -9.56
CA LYS A 352 41.57 -70.67 -10.99
C LYS A 352 42.46 -69.52 -11.48
N VAL A 353 43.53 -69.85 -12.18
CA VAL A 353 44.62 -68.92 -12.44
C VAL A 353 44.80 -68.68 -13.91
N GLY A 354 44.76 -67.42 -14.27
CA GLY A 354 44.69 -67.05 -15.65
C GLY A 354 45.92 -66.30 -16.11
N ILE A 355 46.68 -66.95 -16.98
CA ILE A 355 47.81 -66.31 -17.60
C ILE A 355 47.48 -65.74 -18.95
N ASN A 356 47.82 -64.46 -19.13
CA ASN A 356 47.82 -63.81 -20.44
C ASN A 356 49.12 -63.06 -20.70
N TYR A 357 49.85 -63.50 -21.72
CA TYR A 357 51.20 -63.03 -22.01
C TYR A 357 51.29 -61.61 -22.55
N GLN A 358 50.16 -61.04 -22.92
CA GLN A 358 50.10 -59.67 -23.43
C GLN A 358 50.42 -58.61 -22.36
N PRO A 359 51.59 -57.98 -22.50
CA PRO A 359 52.06 -56.97 -21.54
C PRO A 359 51.08 -55.82 -21.46
N PRO A 360 50.83 -55.36 -20.25
CA PRO A 360 49.83 -54.32 -19.98
C PRO A 360 50.25 -52.94 -20.47
N THR A 361 49.38 -52.34 -21.29
CA THR A 361 49.64 -50.98 -21.82
C THR A 361 48.91 -49.94 -21.00
N VAL A 362 49.58 -48.82 -20.80
CA VAL A 362 48.98 -47.72 -20.09
C VAL A 362 48.82 -46.53 -21.04
N VAL A 363 47.85 -45.67 -20.72
CA VAL A 363 47.54 -44.43 -21.44
C VAL A 363 48.70 -43.45 -21.40
N PRO A 364 49.05 -42.92 -22.57
CA PRO A 364 50.41 -42.41 -22.85
C PRO A 364 50.92 -41.37 -21.84
N GLY A 365 50.33 -40.17 -21.80
CA GLY A 365 50.69 -39.14 -20.85
C GLY A 365 49.81 -39.27 -19.63
N GLY A 366 49.52 -40.51 -19.25
CA GLY A 366 48.69 -40.83 -18.09
C GLY A 366 49.37 -40.61 -16.75
N ASP A 367 48.97 -41.39 -15.74
CA ASP A 367 49.46 -41.21 -14.37
C ASP A 367 50.32 -42.39 -13.92
N LEU A 368 50.01 -43.57 -14.43
CA LEU A 368 50.67 -44.84 -14.06
C LEU A 368 51.76 -45.14 -15.06
N ALA A 369 52.60 -46.15 -14.78
CA ALA A 369 53.68 -46.51 -15.71
C ALA A 369 53.53 -47.88 -16.37
N LYS A 370 54.32 -48.11 -17.43
CA LYS A 370 54.29 -49.37 -18.14
C LYS A 370 54.79 -50.42 -17.19
N VAL A 371 53.99 -51.45 -16.95
CA VAL A 371 54.47 -52.51 -16.09
C VAL A 371 54.73 -53.83 -16.81
N GLN A 372 55.65 -54.60 -16.26
CA GLN A 372 56.07 -55.88 -16.83
C GLN A 372 55.02 -56.96 -16.64
N ARG A 373 54.56 -57.11 -15.39
CA ARG A 373 53.52 -58.06 -15.01
C ARG A 373 52.45 -57.34 -14.16
N ALA A 374 51.17 -57.68 -14.31
CA ALA A 374 50.12 -57.14 -13.45
C ALA A 374 49.21 -58.26 -13.09
N VAL A 375 48.51 -58.14 -11.97
CA VAL A 375 47.62 -59.21 -11.49
C VAL A 375 46.24 -58.68 -11.14
N CYS A 376 45.21 -59.56 -11.11
CA CYS A 376 43.85 -59.03 -10.95
C CYS A 376 42.79 -59.68 -10.07
N MET A 377 43.04 -60.82 -9.46
CA MET A 377 42.18 -61.28 -8.33
C MET A 377 40.67 -60.91 -8.35
N LEU A 378 39.84 -61.86 -8.75
CA LEU A 378 38.40 -61.71 -8.64
C LEU A 378 37.87 -62.62 -7.54
N SER A 379 37.63 -62.04 -6.38
CA SER A 379 37.17 -62.80 -5.22
C SER A 379 35.65 -62.61 -4.99
N ASN A 380 34.92 -63.69 -4.69
CA ASN A 380 33.53 -63.57 -4.25
C ASN A 380 33.40 -63.72 -2.74
N THR A 381 33.81 -62.69 -2.00
CA THR A 381 33.84 -62.79 -0.54
C THR A 381 32.53 -62.30 -0.01
N THR A 382 32.23 -62.71 1.21
CA THR A 382 30.99 -62.33 1.86
C THR A 382 31.20 -61.07 2.68
N ALA A 383 32.36 -60.46 2.52
CA ALA A 383 32.64 -59.21 3.23
C ALA A 383 32.22 -58.04 2.37
N ILE A 384 32.05 -58.29 1.09
CA ILE A 384 31.61 -57.25 0.18
C ILE A 384 30.18 -56.85 0.51
N ALA A 385 29.52 -57.56 1.40
CA ALA A 385 28.19 -57.15 1.82
C ALA A 385 28.30 -56.12 2.93
N GLU A 386 29.52 -55.76 3.28
CA GLU A 386 29.77 -54.63 4.18
C GLU A 386 29.29 -53.32 3.56
N ALA A 387 29.43 -53.21 2.24
CA ALA A 387 29.01 -52.04 1.47
C ALA A 387 27.55 -52.18 1.09
N TRP A 388 27.01 -53.36 1.27
CA TRP A 388 25.61 -53.49 1.05
C TRP A 388 24.85 -52.91 2.22
N ALA A 389 25.49 -52.78 3.37
CA ALA A 389 24.85 -52.20 4.53
C ALA A 389 25.23 -50.74 4.68
N ARG A 390 26.51 -50.43 4.48
CA ARG A 390 26.98 -49.05 4.56
C ARG A 390 26.16 -48.12 3.67
N LEU A 391 25.55 -48.70 2.63
CA LEU A 391 24.51 -48.07 1.83
C LEU A 391 23.19 -48.11 2.60
N ASP A 392 22.48 -49.24 2.50
CA ASP A 392 21.30 -49.52 3.32
C ASP A 392 21.05 -48.53 4.47
N HIS A 393 22.05 -48.36 5.35
CA HIS A 393 21.90 -47.54 6.56
C HIS A 393 21.50 -46.13 6.23
N LYS A 394 22.18 -45.51 5.25
CA LYS A 394 21.77 -44.18 4.82
C LYS A 394 20.30 -44.25 4.41
N PHE A 395 20.01 -45.11 3.44
CA PHE A 395 18.62 -45.33 2.97
C PHE A 395 17.64 -45.42 4.13
N ASP A 396 17.94 -46.30 5.05
CA ASP A 396 17.12 -46.47 6.22
C ASP A 396 16.87 -45.16 6.91
N LEU A 397 17.95 -44.43 7.16
CA LEU A 397 17.92 -43.32 8.10
C LEU A 397 17.28 -42.09 7.48
N MET A 398 17.06 -42.15 6.16
CA MET A 398 16.32 -41.13 5.42
C MET A 398 14.85 -41.48 5.29
N TYR A 399 14.53 -42.58 4.60
CA TYR A 399 13.15 -43.02 4.43
C TYR A 399 12.37 -42.96 5.72
N ALA A 400 13.09 -43.15 6.81
CA ALA A 400 12.58 -43.04 8.15
C ALA A 400 11.79 -41.77 8.36
N LYS A 401 12.03 -40.78 7.50
CA LYS A 401 11.41 -39.49 7.64
C LYS A 401 10.72 -39.08 6.34
N ARG A 402 10.54 -40.05 5.47
CA ARG A 402 10.09 -39.76 4.12
C ARG A 402 11.04 -38.80 3.44
N ALA A 403 11.98 -38.29 4.20
CA ALA A 403 13.10 -37.51 3.67
C ALA A 403 12.89 -36.90 2.30
N PHE A 404 13.35 -37.55 1.25
CA PHE A 404 13.27 -36.95 -0.06
C PHE A 404 12.18 -37.55 -0.88
N VAL A 405 11.51 -38.53 -0.31
CA VAL A 405 10.54 -39.35 -1.01
C VAL A 405 9.65 -38.64 -2.02
N HIS A 406 9.07 -37.51 -1.60
CA HIS A 406 8.02 -36.84 -2.37
C HIS A 406 8.42 -36.55 -3.82
N TRP A 407 9.70 -36.36 -4.09
CA TRP A 407 10.13 -36.14 -5.45
C TRP A 407 9.85 -37.34 -6.33
N TYR A 408 9.71 -38.49 -5.70
CA TYR A 408 9.54 -39.76 -6.39
C TYR A 408 8.06 -39.99 -6.62
N VAL A 409 7.30 -40.10 -5.53
CA VAL A 409 5.84 -40.18 -5.60
C VAL A 409 5.35 -39.16 -6.62
N GLY A 410 6.15 -38.10 -6.75
CA GLY A 410 5.93 -37.03 -7.70
C GLY A 410 5.90 -37.55 -9.11
N GLU A 411 7.05 -37.99 -9.63
CA GLU A 411 7.15 -38.41 -11.03
C GLU A 411 6.25 -39.57 -11.38
N GLY A 412 5.93 -40.39 -10.40
CA GLY A 412 4.85 -41.30 -10.62
C GLY A 412 4.88 -42.49 -9.72
N MET A 413 5.87 -42.55 -8.83
CA MET A 413 6.15 -43.77 -8.09
C MET A 413 5.28 -44.10 -6.88
N GLU A 414 5.62 -45.19 -6.21
CA GLU A 414 4.80 -45.73 -5.14
C GLU A 414 5.51 -45.79 -3.80
N GLU A 415 4.99 -45.06 -2.81
CA GLU A 415 5.42 -45.16 -1.43
C GLU A 415 5.90 -46.54 -1.02
N GLY A 416 5.23 -47.58 -1.53
CA GLY A 416 5.51 -48.96 -1.17
C GLY A 416 6.59 -49.67 -1.97
N GLU A 417 6.85 -49.21 -3.19
CA GLU A 417 7.92 -49.75 -4.02
C GLU A 417 9.29 -49.50 -3.39
N PHE A 418 9.38 -48.46 -2.57
CA PHE A 418 10.54 -48.15 -1.73
C PHE A 418 10.64 -49.19 -0.65
N SER A 419 9.56 -49.32 0.16
CA SER A 419 9.43 -50.32 1.23
C SER A 419 10.02 -51.62 0.76
N GLU A 420 9.40 -52.11 -0.31
CA GLU A 420 9.64 -53.38 -0.96
C GLU A 420 11.07 -53.58 -1.50
N ALA A 421 11.80 -52.51 -1.76
CA ALA A 421 13.17 -52.61 -2.23
C ALA A 421 14.14 -52.74 -1.07
N ARG A 422 13.89 -52.04 0.03
CA ARG A 422 14.73 -52.19 1.22
C ARG A 422 14.58 -53.61 1.65
N GLU A 423 13.33 -54.07 1.56
CA GLU A 423 12.97 -55.45 1.86
C GLU A 423 13.93 -56.45 1.21
N ASP A 424 14.29 -56.20 -0.04
CA ASP A 424 15.13 -57.11 -0.82
C ASP A 424 16.56 -57.11 -0.31
N MET A 425 17.04 -55.90 0.01
CA MET A 425 18.36 -55.75 0.60
C MET A 425 18.38 -56.49 1.92
N ALA A 426 17.44 -56.14 2.81
CA ALA A 426 17.34 -56.81 4.10
C ALA A 426 17.57 -58.31 3.89
N ALA A 427 16.81 -58.89 2.96
CA ALA A 427 16.87 -60.32 2.66
C ALA A 427 18.20 -60.74 2.00
N LEU A 428 18.75 -59.90 1.12
CA LEU A 428 20.06 -60.20 0.57
C LEU A 428 21.12 -60.21 1.67
N GLU A 429 21.28 -59.07 2.34
CA GLU A 429 22.16 -58.94 3.52
C GLU A 429 22.12 -60.20 4.36
N LYS A 430 20.97 -60.87 4.31
CA LYS A 430 20.70 -62.10 5.05
C LYS A 430 21.35 -63.30 4.39
N ASP A 431 21.18 -63.46 3.08
CA ASP A 431 21.80 -64.58 2.38
C ASP A 431 23.29 -64.52 2.57
N TYR A 432 23.84 -63.31 2.47
CA TYR A 432 25.29 -63.06 2.57
C TYR A 432 25.85 -63.42 3.93
N GLU A 433 25.04 -63.27 4.97
CA GLU A 433 25.39 -63.68 6.32
C GLU A 433 25.22 -65.19 6.47
N GLU A 434 24.18 -65.70 5.81
CA GLU A 434 23.80 -67.10 5.88
C GLU A 434 24.75 -68.02 5.11
N VAL A 435 25.89 -67.50 4.66
CA VAL A 435 26.83 -68.35 3.96
C VAL A 435 28.05 -68.68 4.84
N GLY A 436 28.16 -68.04 6.01
CA GLY A 436 29.22 -68.36 6.95
C GLY A 436 29.06 -69.69 7.70
N VAL A 437 30.14 -70.49 7.71
CA VAL A 437 30.31 -71.75 8.51
C VAL A 437 29.17 -72.78 8.51
N ASP A 438 29.24 -73.75 9.43
CA ASP A 438 28.20 -74.75 9.68
C ASP A 438 28.78 -75.84 10.56
N ARG B 2 19.98 -25.34 -18.60
CA ARG B 2 19.83 -25.42 -20.07
C ARG B 2 19.44 -24.05 -20.64
N GLU B 3 18.71 -23.22 -19.87
CA GLU B 3 18.15 -21.92 -20.31
C GLU B 3 17.10 -21.39 -19.33
N ILE B 4 17.28 -20.17 -18.81
CA ILE B 4 16.36 -19.58 -17.79
C ILE B 4 15.85 -18.13 -18.05
N VAL B 5 14.53 -17.89 -17.90
CA VAL B 5 14.01 -16.51 -18.02
C VAL B 5 13.78 -15.85 -16.68
N HIS B 6 13.73 -14.54 -16.70
CA HIS B 6 13.74 -13.81 -15.50
C HIS B 6 12.63 -12.80 -15.50
N ILE B 7 11.83 -12.85 -14.44
CA ILE B 7 10.78 -11.86 -14.19
C ILE B 7 11.14 -11.05 -12.94
N GLN B 8 11.01 -9.75 -13.09
CA GLN B 8 11.56 -8.83 -12.14
C GLN B 8 10.52 -7.74 -11.90
N ALA B 9 9.64 -7.96 -10.92
CA ALA B 9 8.43 -7.16 -10.77
C ALA B 9 8.35 -6.34 -9.47
N GLY B 10 8.15 -5.03 -9.59
CA GLY B 10 7.99 -4.19 -8.42
C GLY B 10 9.15 -3.25 -8.15
N GLN B 11 8.87 -2.09 -7.53
CA GLN B 11 9.89 -1.09 -7.19
C GLN B 11 11.08 -1.72 -6.46
N CYS B 12 10.79 -2.58 -5.49
CA CYS B 12 11.85 -3.29 -4.78
C CYS B 12 12.38 -4.40 -5.65
N GLY B 13 11.48 -5.17 -6.25
CA GLY B 13 11.87 -6.22 -7.17
C GLY B 13 12.71 -5.75 -8.35
N ASN B 14 12.40 -4.56 -8.86
CA ASN B 14 13.05 -4.05 -10.05
C ASN B 14 14.42 -3.45 -9.79
N GLN B 15 14.54 -2.63 -8.76
CA GLN B 15 15.82 -2.02 -8.44
C GLN B 15 16.84 -3.07 -7.92
N ILE B 16 16.34 -4.24 -7.48
CA ILE B 16 17.18 -5.43 -7.23
C ILE B 16 17.60 -6.03 -8.56
N GLY B 17 16.61 -6.24 -9.42
CA GLY B 17 16.80 -6.82 -10.73
C GLY B 17 17.82 -6.06 -11.55
N ALA B 18 17.78 -4.73 -11.44
CA ALA B 18 18.72 -3.83 -12.11
C ALA B 18 20.15 -4.07 -11.66
N LYS B 19 20.35 -4.07 -10.34
CA LYS B 19 21.69 -4.25 -9.80
C LYS B 19 22.20 -5.66 -10.09
N PHE B 20 21.35 -6.68 -9.91
CA PHE B 20 21.69 -8.05 -10.32
C PHE B 20 22.29 -8.02 -11.72
N TRP B 21 21.50 -7.54 -12.68
CA TRP B 21 21.83 -7.63 -14.08
C TRP B 21 23.13 -6.98 -14.44
N GLU B 22 23.38 -5.80 -13.94
CA GLU B 22 24.64 -5.16 -14.28
C GLU B 22 25.85 -5.83 -13.61
N VAL B 23 25.66 -6.53 -12.50
CA VAL B 23 26.78 -7.23 -11.87
C VAL B 23 27.13 -8.53 -12.60
N ILE B 24 26.11 -9.29 -13.01
CA ILE B 24 26.34 -10.49 -13.82
C ILE B 24 26.75 -10.10 -15.22
N SER B 25 26.28 -8.95 -15.67
CA SER B 25 26.65 -8.53 -17.00
C SER B 25 28.09 -8.10 -17.06
N ASP B 26 28.64 -7.74 -15.90
CA ASP B 26 30.06 -7.43 -15.83
C ASP B 26 30.86 -8.71 -15.92
N GLU B 27 30.50 -9.71 -15.10
CA GLU B 27 31.23 -10.97 -15.02
C GLU B 27 31.41 -11.55 -16.40
N HIS B 28 30.38 -11.47 -17.21
CA HIS B 28 30.45 -11.94 -18.57
C HIS B 28 31.13 -10.89 -19.45
N GLY B 29 30.99 -9.64 -19.06
CA GLY B 29 31.59 -8.54 -19.81
C GLY B 29 30.72 -8.19 -20.99
N ILE B 30 29.76 -7.30 -20.77
CA ILE B 30 28.91 -6.81 -21.83
C ILE B 30 28.81 -5.30 -21.77
N ASP B 31 28.98 -4.67 -22.93
CA ASP B 31 28.82 -3.23 -23.08
C ASP B 31 27.41 -2.86 -22.69
N PRO B 32 27.22 -1.70 -22.08
CA PRO B 32 25.87 -1.20 -21.77
C PRO B 32 24.86 -1.49 -22.89
N THR B 33 25.35 -1.71 -24.11
CA THR B 33 24.55 -2.24 -25.20
C THR B 33 25.20 -3.49 -25.74
N GLY B 34 26.32 -3.29 -26.43
CA GLY B 34 26.89 -4.30 -27.30
C GLY B 34 27.24 -5.64 -26.71
N SER B 35 28.39 -6.14 -27.12
CA SER B 35 28.82 -7.49 -26.82
C SER B 35 30.06 -7.53 -25.92
N TYR B 36 30.84 -8.58 -26.11
CA TYR B 36 31.93 -8.91 -25.22
C TYR B 36 33.13 -7.96 -25.37
N HIS B 37 33.64 -7.53 -24.22
CA HIS B 37 34.93 -6.85 -24.15
C HIS B 37 35.61 -7.33 -22.87
N GLY B 38 36.63 -8.20 -23.02
CA GLY B 38 37.34 -8.83 -21.90
C GLY B 38 38.34 -9.92 -22.29
N ASP B 39 39.46 -9.98 -21.58
CA ASP B 39 40.51 -10.95 -21.92
C ASP B 39 40.17 -12.41 -21.53
N SER B 40 39.18 -12.57 -20.66
CA SER B 40 38.69 -13.91 -20.30
C SER B 40 38.00 -14.55 -21.53
N ASP B 41 37.76 -15.87 -21.49
CA ASP B 41 37.12 -16.57 -22.61
C ASP B 41 36.01 -17.53 -22.20
N LEU B 42 36.06 -17.96 -20.93
CA LEU B 42 35.00 -18.77 -20.31
C LEU B 42 33.65 -18.09 -20.49
N GLN B 43 33.30 -17.16 -19.59
CA GLN B 43 32.07 -16.35 -19.67
C GLN B 43 30.98 -16.94 -20.57
N LEU B 44 31.22 -16.82 -21.87
CA LEU B 44 30.26 -17.15 -22.91
C LEU B 44 29.73 -18.60 -22.99
N GLU B 45 30.38 -19.58 -22.35
CA GLU B 45 29.89 -20.98 -22.28
C GLU B 45 28.43 -21.05 -21.83
N ARG B 46 28.18 -20.37 -20.74
CA ARG B 46 26.94 -20.50 -20.05
C ARG B 46 26.20 -19.14 -20.07
N ILE B 47 26.59 -18.28 -21.02
CA ILE B 47 25.92 -17.01 -21.28
C ILE B 47 24.66 -17.32 -22.04
N ASN B 48 24.69 -18.45 -22.73
CA ASN B 48 23.51 -19.04 -23.32
C ASN B 48 22.33 -19.01 -22.37
N VAL B 49 22.60 -19.18 -21.08
CA VAL B 49 21.56 -19.42 -20.09
C VAL B 49 20.80 -18.18 -19.68
N TYR B 50 21.51 -17.08 -19.48
CA TYR B 50 20.89 -15.87 -18.97
C TYR B 50 20.67 -14.76 -20.01
N TYR B 51 21.05 -15.02 -21.26
CA TYR B 51 20.96 -13.98 -22.28
C TYR B 51 20.49 -14.57 -23.60
N ASN B 52 19.28 -14.24 -24.01
CA ASN B 52 18.87 -14.54 -25.39
C ASN B 52 19.53 -13.50 -26.31
N GLU B 53 20.31 -13.97 -27.27
CA GLU B 53 21.08 -13.06 -28.12
C GLU B 53 20.34 -12.63 -29.40
N ALA B 54 20.47 -11.36 -29.79
CA ALA B 54 19.77 -10.81 -30.97
C ALA B 54 20.77 -10.37 -32.07
N THR B 55 20.26 -9.73 -33.13
CA THR B 55 21.04 -9.45 -34.36
C THR B 55 22.18 -8.42 -34.22
N GLY B 56 23.07 -8.37 -35.23
CA GLY B 56 24.31 -7.62 -35.14
C GLY B 56 25.30 -8.38 -34.27
N ASN B 57 25.97 -7.70 -33.34
CA ASN B 57 26.77 -8.39 -32.31
C ASN B 57 25.81 -8.82 -31.20
N LYS B 58 25.62 -7.93 -30.21
CA LYS B 58 24.49 -7.89 -29.26
C LYS B 58 24.18 -9.13 -28.40
N TYR B 59 23.53 -8.92 -27.26
CA TYR B 59 23.34 -10.02 -26.33
C TYR B 59 22.05 -10.06 -25.48
N VAL B 60 21.42 -8.90 -25.28
CA VAL B 60 20.14 -8.74 -24.53
C VAL B 60 19.65 -9.83 -23.55
N PRO B 61 19.56 -9.47 -22.26
CA PRO B 61 19.02 -10.35 -21.22
C PRO B 61 17.68 -10.98 -21.55
N ARG B 62 17.40 -12.06 -20.86
CA ARG B 62 16.10 -12.68 -20.89
C ARG B 62 15.40 -12.15 -19.68
N ALA B 63 14.85 -10.96 -19.83
CA ALA B 63 14.21 -10.28 -18.72
C ALA B 63 12.85 -9.68 -19.07
N ILE B 64 11.93 -9.71 -18.10
CA ILE B 64 10.65 -9.01 -18.20
C ILE B 64 10.56 -8.13 -16.99
N LEU B 65 10.13 -6.90 -17.19
CA LEU B 65 10.02 -5.96 -16.08
C LEU B 65 8.59 -5.51 -15.90
N VAL B 66 7.99 -5.89 -14.79
CA VAL B 66 6.61 -5.54 -14.54
C VAL B 66 6.55 -4.54 -13.44
N ASP B 67 5.76 -3.51 -13.64
CA ASP B 67 5.39 -2.57 -12.57
C ASP B 67 3.99 -2.06 -12.84
N LEU B 68 3.33 -1.58 -11.80
CA LEU B 68 2.00 -1.00 -11.99
C LEU B 68 2.02 0.54 -12.01
N GLU B 69 3.15 1.12 -12.42
CA GLU B 69 3.32 2.56 -12.63
C GLU B 69 4.66 2.90 -13.32
N PRO B 70 4.65 3.81 -14.28
CA PRO B 70 5.85 4.25 -15.01
C PRO B 70 7.06 4.45 -14.14
N GLY B 71 7.01 5.44 -13.26
CA GLY B 71 8.07 5.78 -12.32
C GLY B 71 9.39 5.00 -12.25
N THR B 72 9.34 3.77 -11.72
CA THR B 72 10.55 3.02 -11.44
C THR B 72 11.09 2.26 -12.65
N MET B 73 10.36 2.27 -13.74
CA MET B 73 10.83 1.59 -14.95
C MET B 73 11.82 2.46 -15.75
N ASP B 74 11.50 3.76 -15.81
CA ASP B 74 12.32 4.76 -16.47
C ASP B 74 13.49 5.17 -15.58
N SER B 75 13.62 4.49 -14.45
CA SER B 75 14.76 4.65 -13.56
C SER B 75 15.86 3.77 -14.11
N VAL B 76 15.48 2.53 -14.38
CA VAL B 76 16.39 1.59 -14.97
C VAL B 76 16.84 2.15 -16.30
N ARG B 77 15.89 2.35 -17.23
CA ARG B 77 16.25 2.80 -18.57
C ARG B 77 17.09 4.11 -18.57
N SER B 78 17.00 4.89 -17.49
CA SER B 78 17.70 6.17 -17.41
C SER B 78 18.99 6.13 -16.57
N GLY B 79 19.27 4.97 -15.99
CA GLY B 79 20.34 4.84 -15.01
C GLY B 79 21.65 4.21 -15.45
N PRO B 80 21.92 3.00 -14.94
CA PRO B 80 23.27 2.41 -15.02
C PRO B 80 23.47 1.65 -16.34
N PHE B 81 23.04 0.38 -16.36
CA PHE B 81 22.90 -0.37 -17.58
C PHE B 81 21.51 -0.16 -18.13
N GLY B 82 21.29 1.01 -18.72
CA GLY B 82 19.95 1.47 -19.03
C GLY B 82 19.35 0.70 -20.17
N GLN B 83 19.69 1.12 -21.37
CA GLN B 83 19.08 0.61 -22.58
C GLN B 83 19.65 -0.75 -22.94
N ILE B 84 19.85 -1.60 -21.94
CA ILE B 84 20.30 -2.98 -22.19
C ILE B 84 19.13 -3.95 -22.51
N PHE B 85 18.00 -3.79 -21.81
CA PHE B 85 16.84 -4.65 -21.97
C PHE B 85 16.03 -4.28 -23.19
N ARG B 86 15.52 -5.29 -23.89
CA ARG B 86 14.75 -5.11 -25.10
C ARG B 86 13.53 -4.21 -24.83
N PRO B 87 13.47 -3.07 -25.51
CA PRO B 87 12.43 -2.05 -25.29
C PRO B 87 11.04 -2.57 -24.88
N ASP B 88 10.41 -3.47 -25.66
CA ASP B 88 9.10 -4.01 -25.27
C ASP B 88 9.23 -5.34 -24.55
N ASN B 89 10.01 -5.33 -23.48
CA ASN B 89 9.96 -6.35 -22.44
C ASN B 89 9.55 -5.61 -21.18
N PHE B 90 9.28 -4.32 -21.36
CA PHE B 90 8.80 -3.45 -20.31
C PHE B 90 7.26 -3.51 -20.25
N VAL B 91 6.72 -4.06 -19.17
CA VAL B 91 5.28 -4.07 -18.99
C VAL B 91 4.83 -2.96 -18.03
N PHE B 92 4.31 -1.86 -18.61
CA PHE B 92 3.93 -0.63 -17.87
C PHE B 92 2.72 -0.78 -16.97
N GLY B 93 2.47 0.21 -16.13
CA GLY B 93 1.44 0.05 -15.15
C GLY B 93 0.39 1.12 -15.20
N GLN B 94 0.83 2.38 -15.28
CA GLN B 94 -0.04 3.57 -15.37
C GLN B 94 -0.83 3.82 -14.10
N SER B 95 -1.49 2.78 -13.60
CA SER B 95 -2.49 2.85 -12.54
C SER B 95 -1.86 3.06 -11.17
N GLY B 96 -2.62 2.73 -10.15
CA GLY B 96 -2.08 2.66 -8.81
C GLY B 96 -1.41 1.32 -8.63
N ALA B 97 -0.63 1.25 -7.56
CA ALA B 97 -0.06 0.04 -7.03
C ALA B 97 -0.66 -0.16 -5.64
N GLY B 98 -0.58 0.90 -4.84
CA GLY B 98 -1.29 0.99 -3.57
C GLY B 98 -0.49 0.62 -2.36
N ASN B 99 0.61 -0.11 -2.55
CA ASN B 99 1.28 -0.82 -1.46
C ASN B 99 0.24 -1.71 -0.79
N ASN B 100 -0.56 -2.36 -1.64
CA ASN B 100 -1.67 -3.21 -1.22
C ASN B 100 -1.78 -4.49 -2.05
N TRP B 101 -1.81 -5.63 -1.35
CA TRP B 101 -1.71 -6.92 -2.02
C TRP B 101 -2.82 -7.16 -3.02
N ALA B 102 -4.02 -6.74 -2.67
CA ALA B 102 -5.18 -7.14 -3.40
C ALA B 102 -5.14 -6.46 -4.74
N LYS B 103 -4.92 -5.15 -4.72
CA LYS B 103 -4.91 -4.38 -5.96
C LYS B 103 -4.00 -5.09 -6.97
N GLY B 104 -2.85 -5.56 -6.48
CA GLY B 104 -1.85 -6.24 -7.30
C GLY B 104 -2.14 -7.69 -7.65
N HIS B 105 -2.88 -8.39 -6.82
CA HIS B 105 -3.25 -9.78 -7.08
C HIS B 105 -4.68 -9.88 -7.67
N TYR B 106 -5.52 -8.90 -7.37
CA TYR B 106 -6.87 -8.99 -7.82
C TYR B 106 -7.24 -7.99 -8.90
N THR B 107 -7.43 -6.72 -8.51
CA THR B 107 -8.02 -5.73 -9.42
C THR B 107 -7.07 -5.17 -10.49
N GLU B 108 -6.21 -4.23 -10.08
CA GLU B 108 -5.28 -3.56 -10.99
C GLU B 108 -4.23 -4.50 -11.56
N GLY B 109 -3.96 -5.59 -10.84
CA GLY B 109 -3.03 -6.63 -11.27
C GLY B 109 -3.57 -7.42 -12.44
N ALA B 110 -4.64 -8.19 -12.20
CA ALA B 110 -5.26 -9.01 -13.25
C ALA B 110 -5.61 -8.14 -14.45
N GLU B 111 -5.73 -6.84 -14.21
CA GLU B 111 -5.92 -5.84 -15.25
C GLU B 111 -4.79 -5.94 -16.25
N LEU B 112 -3.57 -6.08 -15.77
CA LEU B 112 -2.40 -6.23 -16.62
C LEU B 112 -2.17 -7.71 -16.88
N VAL B 113 -1.26 -8.32 -16.12
CA VAL B 113 -1.09 -9.78 -16.04
C VAL B 113 -0.96 -10.46 -17.37
N ASP B 114 -2.06 -10.46 -18.11
CA ASP B 114 -2.18 -11.11 -19.41
C ASP B 114 -1.18 -10.54 -20.44
N SER B 115 -0.75 -9.29 -20.23
CA SER B 115 0.24 -8.64 -21.10
C SER B 115 1.62 -9.10 -20.73
N VAL B 116 1.82 -9.36 -19.44
CA VAL B 116 3.02 -9.97 -18.94
C VAL B 116 3.12 -11.41 -19.47
N LEU B 117 2.19 -12.27 -19.10
CA LEU B 117 2.14 -13.60 -19.67
C LEU B 117 2.55 -13.57 -21.15
N ASP B 118 2.21 -12.46 -21.83
CA ASP B 118 2.44 -12.33 -23.27
C ASP B 118 3.93 -12.18 -23.65
N VAL B 119 4.71 -11.48 -22.83
CA VAL B 119 6.15 -11.39 -23.09
C VAL B 119 6.82 -12.68 -22.69
N VAL B 120 6.49 -13.14 -21.48
CA VAL B 120 7.07 -14.36 -20.96
C VAL B 120 6.83 -15.49 -21.92
N ARG B 121 5.60 -15.62 -22.40
CA ARG B 121 5.26 -16.67 -23.35
C ARG B 121 6.11 -16.62 -24.63
N LYS B 122 6.54 -15.42 -25.04
CA LYS B 122 7.30 -15.25 -26.28
C LYS B 122 8.82 -15.16 -26.09
N GLU B 123 9.28 -15.18 -24.84
CA GLU B 123 10.69 -15.39 -24.58
C GLU B 123 10.91 -16.87 -24.34
N SER B 124 9.98 -17.48 -23.61
CA SER B 124 10.12 -18.85 -23.17
C SER B 124 9.79 -19.77 -24.32
N GLU B 125 8.85 -19.36 -25.12
CA GLU B 125 8.55 -20.13 -26.31
C GLU B 125 9.69 -20.01 -27.34
N SER B 126 10.48 -18.93 -27.29
CA SER B 126 11.63 -18.74 -28.20
C SER B 126 12.84 -19.55 -27.73
N CYS B 127 13.18 -19.33 -26.46
CA CYS B 127 14.08 -20.16 -25.69
C CYS B 127 14.04 -21.64 -26.08
N ASP B 128 15.18 -22.18 -26.46
CA ASP B 128 15.28 -23.51 -27.07
C ASP B 128 15.07 -24.71 -26.12
N CYS B 129 15.49 -24.60 -24.87
CA CYS B 129 15.16 -25.60 -23.85
C CYS B 129 14.99 -24.89 -22.53
N LEU B 130 13.85 -24.22 -22.36
CA LEU B 130 13.63 -23.41 -21.17
C LEU B 130 13.58 -24.25 -19.94
N GLN B 131 14.54 -24.07 -19.07
CA GLN B 131 14.62 -24.90 -17.90
C GLN B 131 13.67 -24.42 -16.79
N GLY B 132 13.61 -23.11 -16.55
CA GLY B 132 12.70 -22.55 -15.55
C GLY B 132 12.75 -21.04 -15.48
N PHE B 133 11.90 -20.45 -14.65
CA PHE B 133 11.98 -19.03 -14.40
C PHE B 133 12.47 -18.73 -13.00
N GLN B 134 13.06 -17.56 -12.84
CA GLN B 134 13.35 -16.98 -11.54
C GLN B 134 12.68 -15.61 -11.45
N LEU B 135 12.32 -15.18 -10.23
CA LEU B 135 11.64 -13.90 -10.04
C LEU B 135 12.21 -13.14 -8.86
N THR B 136 12.20 -11.81 -8.96
CA THR B 136 12.64 -10.93 -7.87
C THR B 136 11.51 -10.00 -7.44
N HIS B 137 11.36 -9.75 -6.14
CA HIS B 137 10.29 -8.87 -5.64
C HIS B 137 10.16 -8.81 -4.11
N SER B 138 9.59 -7.68 -3.63
CA SER B 138 9.21 -7.44 -2.24
C SER B 138 7.99 -8.23 -1.78
N LEU B 139 7.82 -8.35 -0.47
CA LEU B 139 6.75 -9.17 0.06
C LEU B 139 5.75 -8.36 0.84
N GLY B 140 6.15 -7.16 1.25
CA GLY B 140 5.25 -6.18 1.81
C GLY B 140 5.05 -5.02 0.84
N GLY B 141 3.89 -4.97 0.21
CA GLY B 141 3.72 -4.08 -0.93
C GLY B 141 3.28 -4.78 -2.20
N GLY B 142 2.29 -4.19 -2.86
CA GLY B 142 1.44 -4.93 -3.76
C GLY B 142 1.99 -5.39 -5.09
N THR B 143 2.64 -4.48 -5.81
CA THR B 143 2.95 -4.74 -7.22
C THR B 143 3.88 -5.94 -7.40
N GLY B 144 4.75 -6.12 -6.42
CA GLY B 144 5.65 -7.25 -6.39
C GLY B 144 4.99 -8.45 -5.74
N SER B 145 4.68 -8.32 -4.45
CA SER B 145 4.15 -9.44 -3.69
C SER B 145 2.80 -9.94 -4.18
N GLY B 146 1.90 -9.03 -4.56
CA GLY B 146 0.57 -9.38 -5.07
C GLY B 146 0.51 -9.81 -6.53
N MET B 147 1.12 -9.02 -7.41
CA MET B 147 1.14 -9.38 -8.82
C MET B 147 1.96 -10.61 -9.06
N GLY B 148 3.15 -10.63 -8.47
CA GLY B 148 4.11 -11.70 -8.69
C GLY B 148 3.63 -13.03 -8.18
N THR B 149 2.97 -13.02 -7.04
CA THR B 149 2.40 -14.23 -6.49
C THR B 149 1.31 -14.64 -7.42
N LEU B 150 0.65 -13.65 -8.02
CA LEU B 150 -0.30 -13.95 -9.10
C LEU B 150 0.45 -14.50 -10.30
N LEU B 151 1.41 -13.72 -10.80
CA LEU B 151 2.25 -14.14 -11.92
C LEU B 151 2.58 -15.62 -11.82
N ILE B 152 3.24 -15.99 -10.71
CA ILE B 152 3.69 -17.38 -10.49
C ILE B 152 2.57 -18.43 -10.55
N SER B 153 1.38 -18.08 -10.03
CA SER B 153 0.25 -19.01 -10.08
C SER B 153 -0.15 -19.18 -11.53
N LYS B 154 0.03 -18.11 -12.31
CA LYS B 154 -0.40 -18.13 -13.69
C LYS B 154 0.76 -18.61 -14.53
N ILE B 155 1.96 -18.42 -14.04
CA ILE B 155 3.16 -18.97 -14.66
C ILE B 155 3.21 -20.50 -14.60
N ARG B 156 2.90 -21.11 -13.44
CA ARG B 156 2.56 -22.53 -13.38
C ARG B 156 1.25 -22.66 -14.10
N GLU B 157 0.66 -23.84 -14.11
CA GLU B 157 -0.56 -24.01 -14.90
C GLU B 157 -0.26 -23.95 -16.41
N GLU B 158 0.48 -22.92 -16.80
CA GLU B 158 0.96 -22.74 -18.18
C GLU B 158 2.19 -23.60 -18.33
N TYR B 159 3.03 -23.59 -17.29
CA TYR B 159 4.30 -24.26 -17.26
C TYR B 159 4.29 -24.97 -15.94
N PRO B 160 3.71 -26.15 -15.87
CA PRO B 160 3.73 -26.95 -14.65
C PRO B 160 5.14 -27.55 -14.49
N ASP B 161 5.39 -28.65 -15.19
CA ASP B 161 6.56 -28.80 -16.06
C ASP B 161 7.91 -28.29 -15.66
N ARG B 162 8.04 -26.97 -15.60
CA ARG B 162 9.29 -26.26 -15.36
C ARG B 162 9.33 -25.67 -13.97
N ILE B 163 10.54 -25.48 -13.45
CA ILE B 163 10.69 -25.15 -12.04
C ILE B 163 10.77 -23.67 -11.76
N MET B 164 10.07 -23.26 -10.71
CA MET B 164 9.95 -21.88 -10.29
C MET B 164 10.90 -21.49 -9.15
N ASN B 165 11.13 -20.20 -8.93
CA ASN B 165 12.28 -19.76 -8.12
C ASN B 165 12.27 -18.27 -7.82
N THR B 166 12.38 -17.89 -6.56
CA THR B 166 12.30 -16.46 -6.29
C THR B 166 13.22 -15.98 -5.22
N PHE B 167 13.76 -14.80 -5.43
CA PHE B 167 14.36 -14.04 -4.35
C PHE B 167 13.25 -13.10 -3.95
N SER B 168 12.76 -13.30 -2.73
CA SER B 168 11.71 -12.48 -2.17
C SER B 168 12.25 -11.75 -0.92
N VAL B 169 11.79 -10.53 -0.69
CA VAL B 169 12.36 -9.73 0.35
C VAL B 169 11.34 -9.55 1.45
N MET B 170 11.37 -10.43 2.46
CA MET B 170 10.52 -10.34 3.67
C MET B 170 10.70 -9.05 4.44
N PRO B 171 9.64 -8.27 4.61
CA PRO B 171 9.78 -6.90 5.14
C PRO B 171 9.88 -6.84 6.66
N SER B 172 10.58 -5.84 7.13
CA SER B 172 10.67 -5.68 8.56
C SER B 172 9.85 -4.46 9.03
N PRO B 173 9.39 -4.52 10.28
CA PRO B 173 8.87 -3.32 10.98
C PRO B 173 9.83 -2.12 11.00
N LYS B 174 11.13 -2.36 11.20
CA LYS B 174 12.12 -1.28 11.13
C LYS B 174 12.70 -1.21 9.71
N VAL B 175 12.76 -0.01 9.16
CA VAL B 175 13.16 0.26 7.76
C VAL B 175 12.17 -0.28 6.72
N SER B 176 11.00 0.38 6.74
CA SER B 176 9.87 0.22 5.80
C SER B 176 8.94 1.47 5.76
N ASP B 177 8.03 1.43 4.79
CA ASP B 177 7.17 2.56 4.39
C ASP B 177 5.72 2.43 4.91
N THR B 178 5.16 1.22 4.76
CA THR B 178 3.75 0.96 5.01
C THR B 178 3.42 0.23 6.31
N VAL B 179 2.50 0.80 7.07
CA VAL B 179 1.91 0.17 8.23
C VAL B 179 1.47 -1.28 8.01
N VAL B 180 1.01 -1.60 6.79
CA VAL B 180 0.32 -2.88 6.51
C VAL B 180 1.15 -4.12 6.15
N GLU B 181 2.37 -3.93 5.67
CA GLU B 181 3.21 -5.01 5.14
C GLU B 181 3.03 -6.46 5.71
N PRO B 182 2.99 -6.65 7.04
CA PRO B 182 2.61 -7.93 7.63
C PRO B 182 1.43 -8.58 6.92
N TYR B 183 0.36 -7.83 6.62
CA TYR B 183 -0.79 -8.32 5.84
C TYR B 183 -0.32 -8.76 4.45
N ASN B 184 0.34 -7.85 3.74
CA ASN B 184 0.89 -8.17 2.42
C ASN B 184 1.79 -9.43 2.39
N ALA B 185 2.61 -9.59 3.41
CA ALA B 185 3.55 -10.69 3.48
C ALA B 185 2.85 -12.03 3.65
N THR B 186 2.03 -12.12 4.68
CA THR B 186 1.34 -13.35 5.05
C THR B 186 0.50 -13.88 3.90
N LEU B 187 0.07 -12.98 3.04
CA LEU B 187 -0.77 -13.34 1.92
C LEU B 187 -0.01 -14.00 0.77
N SER B 188 1.24 -13.60 0.60
CA SER B 188 2.11 -14.11 -0.47
C SER B 188 2.89 -15.34 0.01
N VAL B 189 3.29 -15.30 1.29
CA VAL B 189 3.94 -16.40 1.96
C VAL B 189 3.13 -17.64 1.69
N HIS B 190 1.85 -17.54 2.03
CA HIS B 190 0.87 -18.55 1.70
C HIS B 190 1.08 -18.92 0.22
N GLN B 191 0.95 -17.94 -0.67
CA GLN B 191 1.00 -18.19 -2.12
C GLN B 191 2.26 -18.93 -2.53
N LEU B 192 3.42 -18.44 -2.04
CA LEU B 192 4.73 -18.96 -2.40
C LEU B 192 4.85 -20.43 -2.00
N VAL B 193 4.59 -20.68 -0.73
CA VAL B 193 4.74 -22.00 -0.14
C VAL B 193 4.03 -23.12 -0.88
N GLU B 194 3.22 -22.77 -1.87
CA GLU B 194 2.49 -23.79 -2.65
C GLU B 194 2.81 -23.78 -4.14
N ASN B 195 3.51 -22.72 -4.58
CA ASN B 195 3.78 -22.51 -6.01
C ASN B 195 5.24 -22.38 -6.47
N THR B 196 6.17 -22.12 -5.54
CA THR B 196 7.59 -22.04 -5.89
C THR B 196 8.28 -23.34 -5.57
N ASP B 197 9.54 -23.47 -6.00
CA ASP B 197 10.28 -24.72 -5.80
C ASP B 197 11.48 -24.49 -5.00
N GLU B 198 11.95 -23.24 -5.00
CA GLU B 198 12.92 -22.66 -4.05
C GLU B 198 12.62 -21.18 -3.86
N THR B 199 12.88 -20.66 -2.66
CA THR B 199 12.63 -19.26 -2.36
C THR B 199 13.64 -18.69 -1.41
N TYR B 200 14.62 -17.96 -1.95
CA TYR B 200 15.65 -17.29 -1.14
C TYR B 200 15.02 -16.21 -0.29
N SER B 201 15.09 -16.39 1.02
CA SER B 201 14.46 -15.48 1.96
C SER B 201 15.46 -14.39 2.16
N ILE B 202 15.04 -13.13 2.15
CA ILE B 202 15.97 -12.02 2.34
C ILE B 202 15.34 -10.99 3.23
N ASP B 203 15.81 -10.87 4.45
CA ASP B 203 15.20 -9.94 5.39
C ASP B 203 15.84 -8.58 5.23
N ASN B 204 15.06 -7.53 5.27
CA ASN B 204 15.64 -6.19 5.26
C ASN B 204 16.08 -5.84 6.67
N GLU B 205 15.60 -6.60 7.65
CA GLU B 205 16.08 -6.52 9.05
C GLU B 205 17.50 -7.02 9.06
N ALA B 206 17.77 -8.04 8.25
CA ALA B 206 19.14 -8.49 8.09
C ALA B 206 19.92 -7.44 7.30
N LEU B 207 19.50 -7.22 6.07
CA LEU B 207 20.26 -6.44 5.11
C LEU B 207 20.75 -5.16 5.72
N TYR B 208 19.87 -4.51 6.47
CA TYR B 208 20.20 -3.27 7.16
C TYR B 208 21.11 -3.55 8.32
N ASP B 209 20.94 -4.73 8.92
CA ASP B 209 21.72 -5.04 10.12
C ASP B 209 23.19 -5.35 9.73
N ILE B 210 23.34 -6.02 8.58
CA ILE B 210 24.65 -6.24 7.98
C ILE B 210 25.43 -4.94 7.72
N CYS B 211 24.75 -3.80 7.75
CA CYS B 211 25.34 -2.52 7.35
C CYS B 211 25.76 -1.67 8.53
N PHE B 212 25.03 -1.78 9.62
CA PHE B 212 25.30 -0.93 10.78
C PHE B 212 26.02 -1.67 11.91
N ARG B 213 25.83 -2.98 12.00
CA ARG B 213 26.63 -3.74 12.97
C ARG B 213 27.98 -4.20 12.36
N THR B 214 27.95 -4.40 11.04
CA THR B 214 29.02 -5.04 10.27
C THR B 214 29.68 -4.12 9.19
N LEU B 215 29.35 -2.83 9.13
CA LEU B 215 29.90 -1.99 8.05
C LEU B 215 30.19 -0.48 8.27
N LYS B 216 29.88 0.05 9.45
CA LYS B 216 30.06 1.48 9.74
C LYS B 216 29.58 2.34 8.57
N LEU B 217 28.30 2.18 8.25
CA LEU B 217 27.59 3.05 7.30
C LEU B 217 26.30 3.56 7.94
N THR B 218 26.35 4.83 8.35
CA THR B 218 25.27 5.50 9.07
C THR B 218 23.91 5.45 8.38
N THR B 219 23.81 6.17 7.26
CA THR B 219 22.54 6.39 6.58
C THR B 219 22.34 5.38 5.46
N PRO B 220 21.82 4.18 5.76
CA PRO B 220 21.71 3.11 4.76
C PRO B 220 20.61 3.38 3.77
N THR B 221 21.01 3.53 2.51
CA THR B 221 20.08 3.83 1.43
C THR B 221 19.25 2.60 1.20
N TYR B 222 18.42 2.68 0.15
CA TYR B 222 18.03 1.48 -0.60
C TYR B 222 19.12 1.14 -1.60
N GLY B 223 20.19 1.92 -1.61
CA GLY B 223 21.35 1.65 -2.43
C GLY B 223 22.23 0.58 -1.82
N ASP B 224 23.23 1.02 -1.05
CA ASP B 224 24.14 0.10 -0.35
C ASP B 224 23.34 -0.77 0.63
N LEU B 225 22.74 -1.84 0.10
CA LEU B 225 21.74 -2.62 0.81
C LEU B 225 21.05 -3.42 -0.26
N ASN B 226 20.80 -2.77 -1.38
CA ASN B 226 20.56 -3.52 -2.60
C ASN B 226 21.88 -4.18 -2.92
N HIS B 227 22.96 -3.45 -2.70
CA HIS B 227 24.30 -3.90 -3.06
C HIS B 227 24.60 -5.31 -2.61
N LEU B 228 24.11 -5.66 -1.43
CA LEU B 228 24.29 -6.99 -0.89
C LEU B 228 23.55 -8.01 -1.71
N VAL B 229 22.24 -7.81 -1.85
CA VAL B 229 21.34 -8.70 -2.61
C VAL B 229 21.87 -8.97 -4.01
N SER B 230 22.28 -7.89 -4.68
CA SER B 230 22.96 -7.93 -5.97
C SER B 230 24.12 -8.92 -5.94
N ALA B 231 24.95 -8.82 -4.90
CA ALA B 231 26.10 -9.70 -4.77
C ALA B 231 25.68 -11.14 -4.50
N THR B 232 24.78 -11.29 -3.55
CA THR B 232 24.33 -12.60 -3.09
C THR B 232 23.60 -13.32 -4.19
N MET B 233 22.94 -12.56 -5.02
CA MET B 233 22.31 -13.14 -6.16
C MET B 233 23.33 -13.62 -7.16
N SER B 234 24.39 -12.87 -7.38
CA SER B 234 25.36 -13.37 -8.32
C SER B 234 25.88 -14.66 -7.78
N GLY B 235 26.16 -14.69 -6.49
CA GLY B 235 26.68 -15.86 -5.83
C GLY B 235 25.86 -17.08 -6.17
N VAL B 236 24.59 -17.03 -5.82
CA VAL B 236 23.71 -18.18 -6.00
C VAL B 236 23.60 -18.70 -7.44
N THR B 237 23.59 -17.80 -8.40
CA THR B 237 23.50 -18.18 -9.80
C THR B 237 24.74 -18.95 -10.29
N THR B 238 25.91 -18.38 -10.00
CA THR B 238 27.15 -18.74 -10.67
C THR B 238 27.09 -20.07 -11.40
N CYS B 239 26.89 -21.15 -10.68
CA CYS B 239 27.19 -22.44 -11.26
C CYS B 239 26.11 -23.02 -12.15
N LEU B 240 25.03 -22.26 -12.38
CA LEU B 240 24.27 -22.52 -13.60
C LEU B 240 24.81 -21.71 -14.74
N ARG B 241 25.52 -20.63 -14.40
CA ARG B 241 26.02 -19.72 -15.43
C ARG B 241 27.56 -19.62 -15.68
N PHE B 242 28.33 -20.67 -15.38
CA PHE B 242 29.80 -20.53 -15.45
C PHE B 242 30.77 -21.71 -15.80
N PRO B 243 31.02 -22.66 -14.87
CA PRO B 243 32.24 -23.47 -14.97
C PRO B 243 31.98 -24.63 -15.91
N GLY B 244 31.64 -25.77 -15.29
CA GLY B 244 31.51 -27.07 -15.93
C GLY B 244 32.03 -28.15 -14.96
N GLN B 245 32.30 -27.72 -13.72
CA GLN B 245 32.71 -28.58 -12.59
C GLN B 245 31.48 -29.07 -11.74
N LEU B 246 30.32 -28.43 -11.95
CA LEU B 246 29.04 -28.95 -11.52
C LEU B 246 28.32 -29.55 -12.73
N ASN B 247 27.02 -29.34 -12.79
CA ASN B 247 26.36 -28.91 -14.03
C ASN B 247 24.87 -28.46 -13.86
N ALA B 248 24.33 -28.71 -12.67
CA ALA B 248 23.35 -27.80 -12.06
C ALA B 248 22.03 -27.60 -12.82
N ASP B 249 21.27 -28.66 -12.96
CA ASP B 249 20.05 -28.64 -13.76
C ASP B 249 19.01 -27.65 -13.36
N LEU B 250 19.16 -27.05 -12.20
CA LEU B 250 18.15 -26.20 -11.58
C LEU B 250 17.10 -27.10 -11.00
N ARG B 251 16.70 -28.10 -11.76
CA ARG B 251 15.89 -29.14 -11.19
C ARG B 251 16.73 -29.97 -10.22
N LYS B 252 17.83 -30.53 -10.72
CA LYS B 252 18.71 -31.34 -9.90
C LYS B 252 18.92 -30.51 -8.68
N LEU B 253 19.43 -29.31 -8.91
CA LEU B 253 19.68 -28.38 -7.83
C LEU B 253 18.56 -28.31 -6.78
N ALA B 254 17.30 -28.40 -7.21
CA ALA B 254 16.19 -28.37 -6.29
C ALA B 254 16.05 -29.71 -5.62
N VAL B 255 15.83 -30.77 -6.38
CA VAL B 255 15.72 -32.12 -5.80
C VAL B 255 16.69 -32.36 -4.62
N ASN B 256 17.92 -31.89 -4.72
CA ASN B 256 18.93 -32.22 -3.73
C ASN B 256 19.01 -31.22 -2.59
N MET B 257 18.13 -30.25 -2.66
CA MET B 257 18.08 -29.17 -1.70
C MET B 257 16.80 -29.24 -0.85
N VAL B 258 15.75 -29.86 -1.39
CA VAL B 258 14.49 -29.93 -0.68
C VAL B 258 14.01 -31.31 -0.32
N PRO B 259 13.95 -31.55 0.98
CA PRO B 259 13.46 -32.81 1.54
C PRO B 259 11.94 -32.90 1.41
N PHE B 260 11.28 -31.84 1.84
CA PHE B 260 9.84 -31.84 2.01
C PHE B 260 9.20 -30.69 1.23
N PRO B 261 8.13 -30.99 0.50
CA PRO B 261 7.76 -30.20 -0.67
C PRO B 261 7.39 -28.79 -0.30
N ARG B 262 6.80 -28.60 0.88
CA ARG B 262 6.60 -27.26 1.43
C ARG B 262 8.01 -26.74 1.71
N LEU B 263 8.18 -25.92 2.74
CA LEU B 263 9.54 -25.64 3.25
C LEU B 263 10.74 -25.65 2.27
N HIS B 264 10.73 -24.73 1.32
CA HIS B 264 11.89 -24.53 0.48
C HIS B 264 12.48 -23.16 0.78
N PHE B 265 12.84 -22.92 2.02
CA PHE B 265 13.09 -21.56 2.40
C PHE B 265 14.50 -21.36 2.79
N PHE B 266 15.35 -21.37 1.75
CA PHE B 266 16.76 -21.10 1.94
C PHE B 266 17.03 -19.65 2.41
N MET B 267 17.51 -19.50 3.65
CA MET B 267 18.18 -18.28 4.08
C MET B 267 19.60 -18.33 3.51
N PRO B 268 20.03 -17.27 2.83
CA PRO B 268 21.38 -17.18 2.27
C PRO B 268 22.35 -16.40 3.13
N GLY B 269 23.57 -16.22 2.63
CA GLY B 269 24.59 -15.47 3.33
C GLY B 269 25.79 -15.26 2.45
N PHE B 270 26.63 -14.30 2.82
CA PHE B 270 27.80 -13.97 2.02
C PHE B 270 29.14 -13.95 2.73
N ALA B 271 30.22 -13.93 1.93
CA ALA B 271 31.60 -13.97 2.43
C ALA B 271 32.17 -12.63 2.91
N PRO B 272 32.85 -11.88 2.03
CA PRO B 272 33.24 -10.50 2.34
C PRO B 272 32.15 -9.46 1.98
N LEU B 273 32.37 -8.18 2.32
CA LEU B 273 31.30 -7.18 2.14
C LEU B 273 31.69 -5.74 1.74
N THR B 274 30.87 -5.17 0.83
CA THR B 274 30.79 -3.72 0.41
C THR B 274 31.71 -3.22 -0.78
N SER B 275 31.96 -1.89 -0.90
CA SER B 275 32.95 -1.31 -1.85
C SER B 275 34.08 -0.56 -1.12
N LEU B 284 41.18 -12.47 2.90
CA LEU B 284 40.16 -13.50 2.67
C LEU B 284 40.91 -14.79 2.40
N THR B 285 40.78 -15.73 3.32
CA THR B 285 41.81 -16.76 3.52
C THR B 285 41.42 -18.22 3.26
N VAL B 286 40.12 -18.50 3.34
CA VAL B 286 39.51 -19.85 3.23
C VAL B 286 38.98 -20.26 4.60
N PRO B 287 39.84 -20.53 5.58
CA PRO B 287 39.33 -20.69 6.92
C PRO B 287 38.45 -19.49 7.26
N GLU B 288 39.04 -18.29 7.22
CA GLU B 288 38.37 -17.07 7.66
C GLU B 288 37.28 -16.65 6.68
N LEU B 289 37.18 -17.40 5.60
CA LEU B 289 36.07 -17.27 4.66
C LEU B 289 34.95 -18.20 5.10
N THR B 290 35.31 -19.40 5.52
CA THR B 290 34.32 -20.41 5.85
C THR B 290 33.64 -20.16 7.18
N GLN B 291 34.40 -19.96 8.25
CA GLN B 291 33.76 -19.58 9.51
C GLN B 291 33.23 -18.13 9.44
N GLN B 292 32.79 -17.72 8.24
CA GLN B 292 32.24 -16.38 7.98
C GLN B 292 30.94 -16.46 7.20
N MET B 293 30.83 -17.46 6.34
CA MET B 293 29.59 -17.77 5.62
C MET B 293 28.76 -18.78 6.44
N PHE B 294 29.34 -19.16 7.58
CA PHE B 294 28.69 -19.99 8.60
C PHE B 294 28.52 -19.24 9.91
N ASP B 295 28.66 -17.91 9.86
CA ASP B 295 28.20 -17.06 10.93
C ASP B 295 26.86 -16.41 10.62
N SER B 296 26.01 -16.33 11.63
CA SER B 296 24.67 -15.76 11.52
C SER B 296 24.68 -14.26 11.16
N LYS B 297 25.51 -13.53 11.91
CA LYS B 297 25.88 -12.14 11.66
C LYS B 297 26.30 -11.88 10.20
N ASN B 298 25.99 -12.83 9.31
CA ASN B 298 26.28 -12.80 7.86
C ASN B 298 25.29 -13.61 7.01
N MET B 299 24.12 -13.89 7.59
CA MET B 299 23.05 -14.56 6.88
C MET B 299 22.17 -13.49 6.25
N MET B 300 21.48 -13.87 5.19
CA MET B 300 20.61 -12.95 4.45
C MET B 300 19.17 -12.85 4.99
N ALA B 301 18.67 -13.91 5.63
CA ALA B 301 17.46 -13.79 6.43
C ALA B 301 17.83 -13.28 7.81
N ALA B 302 16.88 -12.68 8.48
CA ALA B 302 17.10 -12.38 9.88
C ALA B 302 16.71 -13.60 10.73
N CYS B 303 17.65 -14.53 10.90
CA CYS B 303 17.46 -15.68 11.77
C CYS B 303 18.56 -15.73 12.76
N ASP B 304 18.86 -16.94 13.19
CA ASP B 304 20.13 -17.29 13.77
C ASP B 304 20.15 -18.77 13.66
N PRO B 305 20.91 -19.22 12.67
CA PRO B 305 21.02 -20.65 12.38
C PRO B 305 21.56 -21.44 13.57
N ARG B 306 21.29 -20.98 14.79
CA ARG B 306 21.56 -21.78 15.98
C ARG B 306 20.30 -22.54 16.47
N HIS B 307 19.35 -21.85 17.10
CA HIS B 307 18.04 -22.43 17.43
C HIS B 307 17.28 -22.88 16.15
N GLY B 308 17.58 -24.09 15.69
CA GLY B 308 17.20 -24.55 14.37
C GLY B 308 18.43 -25.14 13.68
N ARG B 309 18.28 -26.39 13.28
CA ARG B 309 19.37 -27.19 12.73
C ARG B 309 19.24 -27.24 11.22
N TYR B 310 20.36 -27.35 10.50
CA TYR B 310 20.32 -27.27 9.04
C TYR B 310 19.79 -28.56 8.39
N LEU B 311 18.77 -28.40 7.54
CA LEU B 311 18.24 -29.53 6.80
C LEU B 311 19.28 -29.95 5.78
N THR B 312 19.43 -29.17 4.72
CA THR B 312 20.51 -29.33 3.77
C THR B 312 21.23 -28.00 3.64
N VAL B 313 22.47 -28.02 3.16
CA VAL B 313 23.29 -26.83 3.05
C VAL B 313 24.22 -26.93 1.83
N ALA B 314 24.14 -25.95 0.93
CA ALA B 314 25.10 -25.86 -0.19
C ALA B 314 25.93 -24.61 -0.03
N ALA B 315 27.21 -24.67 -0.40
CA ALA B 315 28.02 -23.45 -0.55
C ALA B 315 28.77 -23.50 -1.88
N VAL B 316 29.00 -22.31 -2.45
CA VAL B 316 29.81 -22.20 -3.65
C VAL B 316 30.91 -21.16 -3.42
N PHE B 317 32.15 -21.56 -3.70
CA PHE B 317 33.36 -20.80 -3.44
C PHE B 317 33.92 -20.19 -4.71
N ARG B 318 34.53 -19.01 -4.59
CA ARG B 318 35.03 -18.28 -5.74
C ARG B 318 36.44 -17.68 -5.58
N GLY B 319 37.38 -18.22 -6.36
CA GLY B 319 38.75 -17.73 -6.36
C GLY B 319 39.78 -18.80 -6.71
N ARG B 320 40.75 -18.48 -7.57
CA ARG B 320 41.79 -19.43 -7.96
C ARG B 320 42.56 -19.74 -6.72
N MET B 321 42.04 -20.67 -5.93
CA MET B 321 42.66 -21.11 -4.68
C MET B 321 42.61 -22.65 -4.56
N SER B 322 43.38 -23.22 -3.64
CA SER B 322 43.43 -24.67 -3.44
C SER B 322 42.20 -25.18 -2.69
N MET B 323 41.36 -25.95 -3.39
CA MET B 323 40.19 -26.57 -2.75
C MET B 323 40.59 -27.77 -1.87
N LYS B 324 41.85 -28.22 -2.03
CA LYS B 324 42.49 -29.14 -1.10
C LYS B 324 42.47 -28.56 0.33
N GLU B 325 42.38 -27.23 0.42
CA GLU B 325 42.12 -26.56 1.68
C GLU B 325 40.61 -26.55 1.98
N VAL B 326 39.79 -26.36 0.93
CA VAL B 326 38.34 -26.22 1.04
C VAL B 326 37.58 -27.35 1.78
N ASP B 327 37.68 -28.60 1.31
CA ASP B 327 36.96 -29.71 1.97
C ASP B 327 37.45 -29.97 3.40
N GLU B 328 38.70 -29.57 3.66
CA GLU B 328 39.37 -29.70 4.95
C GLU B 328 38.83 -28.67 5.96
N GLN B 329 38.54 -27.46 5.48
CA GLN B 329 37.86 -26.45 6.29
C GLN B 329 36.37 -26.78 6.41
N MET B 330 35.79 -27.24 5.31
CA MET B 330 34.38 -27.64 5.21
C MET B 330 34.03 -28.71 6.23
N LEU B 331 34.74 -29.84 6.15
CA LEU B 331 34.71 -30.84 7.21
C LEU B 331 34.74 -30.16 8.58
N ASN B 332 35.80 -29.40 8.85
CA ASN B 332 36.00 -28.77 10.16
C ASN B 332 34.77 -28.07 10.72
N VAL B 333 33.99 -27.38 9.88
CA VAL B 333 32.79 -26.69 10.37
C VAL B 333 31.71 -27.67 10.85
N GLN B 334 31.51 -28.73 10.07
CA GLN B 334 30.62 -29.84 10.43
C GLN B 334 31.03 -30.61 11.71
N ASN B 335 32.23 -30.39 12.24
CA ASN B 335 32.65 -31.10 13.44
C ASN B 335 32.76 -30.11 14.60
N LYS B 336 33.20 -28.88 14.29
CA LYS B 336 33.29 -27.78 15.27
C LYS B 336 31.88 -27.37 15.56
N ASN B 337 31.00 -27.67 14.61
CA ASN B 337 29.57 -27.51 14.76
C ASN B 337 28.83 -28.74 14.22
N SER B 338 28.99 -29.87 14.91
CA SER B 338 28.47 -31.17 14.47
C SER B 338 27.02 -31.40 14.85
N SER B 339 26.71 -30.96 16.05
CA SER B 339 25.36 -30.98 16.58
C SER B 339 24.37 -30.44 15.55
N TYR B 340 24.62 -29.24 15.05
CA TYR B 340 23.61 -28.46 14.28
C TYR B 340 23.41 -28.75 12.77
N PHE B 341 23.60 -30.00 12.42
CA PHE B 341 23.12 -30.50 11.14
C PHE B 341 22.30 -31.72 11.46
N VAL B 342 21.27 -31.94 10.69
CA VAL B 342 20.41 -33.08 10.91
C VAL B 342 21.21 -34.37 10.65
N GLU B 343 20.90 -35.49 11.29
CA GLU B 343 21.60 -36.74 10.95
C GLU B 343 20.89 -37.54 9.92
N TRP B 344 19.56 -37.52 9.95
CA TRP B 344 18.77 -38.38 9.08
C TRP B 344 18.85 -38.16 7.56
N ILE B 345 19.38 -37.02 7.09
CA ILE B 345 19.88 -36.98 5.72
C ILE B 345 21.39 -37.03 5.79
N PRO B 346 21.95 -38.04 5.14
CA PRO B 346 23.35 -38.40 5.30
C PRO B 346 24.28 -37.34 4.77
N ASN B 347 24.57 -37.28 3.49
CA ASN B 347 25.66 -36.40 3.11
C ASN B 347 25.15 -35.05 2.75
N ASN B 348 24.43 -34.50 3.70
CA ASN B 348 23.63 -33.33 3.50
C ASN B 348 24.35 -31.98 3.50
N VAL B 349 25.67 -31.94 3.35
CA VAL B 349 26.34 -30.65 3.04
C VAL B 349 27.48 -30.76 2.01
N LYS B 350 27.08 -30.63 0.74
CA LYS B 350 27.97 -30.65 -0.43
C LYS B 350 28.34 -29.22 -0.81
N THR B 351 29.57 -29.04 -1.28
CA THR B 351 30.06 -27.73 -1.75
C THR B 351 30.81 -27.89 -3.06
N ALA B 352 30.82 -26.84 -3.86
CA ALA B 352 31.69 -26.81 -5.01
C ALA B 352 32.27 -25.41 -5.22
N VAL B 353 33.21 -25.32 -6.17
CA VAL B 353 34.10 -24.17 -6.35
C VAL B 353 34.28 -23.79 -7.81
N CYS B 354 34.03 -22.52 -8.12
CA CYS B 354 34.34 -21.99 -9.43
C CYS B 354 35.31 -20.83 -9.25
N ASP B 355 36.28 -20.74 -10.14
CA ASP B 355 37.49 -19.96 -9.88
C ASP B 355 37.53 -18.55 -10.49
N ILE B 356 36.46 -18.11 -11.12
CA ILE B 356 36.47 -16.77 -11.70
C ILE B 356 35.80 -15.76 -10.75
N PRO B 357 36.62 -14.95 -10.06
CA PRO B 357 36.14 -14.08 -8.97
C PRO B 357 35.10 -13.04 -9.43
N PRO B 358 34.47 -12.30 -8.50
CA PRO B 358 33.49 -11.25 -8.87
C PRO B 358 34.12 -9.85 -9.05
N ARG B 359 33.30 -8.83 -9.31
CA ARG B 359 33.77 -7.43 -9.22
C ARG B 359 34.54 -7.27 -7.89
N GLY B 360 35.73 -6.66 -7.94
CA GLY B 360 36.63 -6.58 -6.79
C GLY B 360 36.99 -7.95 -6.23
N LEU B 361 37.43 -8.00 -4.97
CA LEU B 361 37.49 -9.24 -4.17
C LEU B 361 38.22 -10.45 -4.79
N LYS B 362 39.38 -10.81 -4.23
CA LYS B 362 40.16 -11.97 -4.69
C LYS B 362 39.47 -13.32 -4.42
N MET B 363 38.86 -13.45 -3.24
CA MET B 363 38.30 -14.69 -2.74
C MET B 363 36.91 -14.43 -2.15
N SER B 364 35.91 -15.23 -2.50
CA SER B 364 34.56 -15.05 -1.91
C SER B 364 33.69 -16.31 -1.88
N ALA B 365 32.66 -16.30 -1.03
CA ALA B 365 31.82 -17.47 -0.83
C ALA B 365 30.38 -17.11 -0.63
N THR B 366 29.51 -18.01 -1.06
CA THR B 366 28.08 -17.82 -0.89
C THR B 366 27.47 -19.05 -0.23
N PHE B 367 26.55 -18.79 0.70
CA PHE B 367 25.94 -19.85 1.49
C PHE B 367 24.46 -19.86 1.22
N ILE B 368 24.00 -20.93 0.55
CA ILE B 368 22.59 -21.30 0.40
C ILE B 368 22.21 -22.20 1.60
N GLY B 369 21.08 -21.96 2.25
CA GLY B 369 20.81 -22.70 3.47
C GLY B 369 19.41 -22.97 3.98
N ASN B 370 18.91 -24.18 3.70
CA ASN B 370 17.64 -24.71 4.20
C ASN B 370 17.57 -24.96 5.71
N SER B 371 17.61 -23.90 6.53
CA SER B 371 17.64 -24.05 8.02
C SER B 371 16.28 -23.86 8.65
N THR B 372 15.91 -24.80 9.52
CA THR B 372 14.59 -24.79 10.11
C THR B 372 14.51 -23.59 11.00
N ALA B 373 15.63 -22.93 11.23
CA ALA B 373 15.67 -21.68 11.97
C ALA B 373 14.99 -20.54 11.22
N ILE B 374 14.63 -20.82 9.97
CA ILE B 374 13.83 -19.92 9.14
C ILE B 374 12.44 -19.74 9.75
N GLN B 375 11.97 -20.77 10.45
CA GLN B 375 10.79 -20.70 11.32
C GLN B 375 10.81 -19.44 12.15
N GLU B 376 12.03 -19.01 12.50
CA GLU B 376 12.28 -17.81 13.30
C GLU B 376 11.85 -16.50 12.63
N LEU B 377 11.94 -16.48 11.30
CA LEU B 377 11.45 -15.38 10.48
C LEU B 377 9.92 -15.42 10.31
N PHE B 378 9.37 -16.48 9.74
CA PHE B 378 7.91 -16.57 9.62
C PHE B 378 7.16 -16.15 10.92
N LYS B 379 7.54 -16.78 12.03
CA LYS B 379 6.97 -16.50 13.34
C LYS B 379 6.97 -15.02 13.68
N ARG B 380 8.03 -14.31 13.28
CA ARG B 380 8.22 -12.86 13.57
C ARG B 380 7.17 -11.98 12.88
N ILE B 381 6.80 -12.37 11.63
CA ILE B 381 5.77 -11.71 10.83
C ILE B 381 4.40 -12.09 11.33
N SER B 382 4.15 -13.39 11.46
CA SER B 382 2.87 -13.86 11.97
C SER B 382 2.54 -13.31 13.37
N GLU B 383 3.59 -12.92 14.10
CA GLU B 383 3.49 -12.31 15.42
C GLU B 383 2.89 -10.90 15.34
N GLN B 384 3.37 -10.06 14.40
CA GLN B 384 2.78 -8.71 14.17
C GLN B 384 1.59 -8.74 13.23
N PHE B 385 1.28 -9.91 12.66
CA PHE B 385 0.14 -10.06 11.77
C PHE B 385 -1.13 -10.22 12.57
N THR B 386 -1.19 -11.26 13.40
CA THR B 386 -2.38 -11.52 14.24
C THR B 386 -2.55 -10.42 15.29
N ALA B 387 -1.43 -9.81 15.65
CA ALA B 387 -1.42 -8.61 16.44
C ALA B 387 -2.11 -7.42 15.75
N MET B 388 -2.43 -7.56 14.47
CA MET B 388 -3.12 -6.52 13.68
C MET B 388 -4.47 -7.03 13.20
N PHE B 389 -4.55 -8.32 12.90
CA PHE B 389 -5.80 -8.93 12.46
C PHE B 389 -6.70 -9.05 13.67
N ARG B 390 -6.09 -8.85 14.82
CA ARG B 390 -6.76 -8.63 16.10
C ARG B 390 -8.17 -8.07 15.94
N ARG B 391 -8.39 -6.83 16.36
CA ARG B 391 -9.67 -6.17 16.14
C ARG B 391 -9.84 -5.77 14.67
N LYS B 392 -9.29 -6.61 13.79
CA LYS B 392 -9.37 -6.45 12.35
C LYS B 392 -9.15 -5.01 11.93
N ALA B 393 -7.89 -4.58 11.96
CA ALA B 393 -7.57 -3.18 11.73
C ALA B 393 -7.48 -2.82 10.26
N PHE B 394 -6.33 -2.31 9.85
CA PHE B 394 -6.20 -1.68 8.56
C PHE B 394 -6.84 -2.53 7.48
N LEU B 395 -7.44 -3.66 7.86
CA LEU B 395 -8.03 -4.62 6.91
C LEU B 395 -9.04 -4.01 5.93
N HIS B 396 -9.75 -2.97 6.36
CA HIS B 396 -10.75 -2.33 5.50
C HIS B 396 -10.23 -1.84 4.13
N TRP B 397 -8.91 -1.82 3.92
CA TRP B 397 -8.37 -1.45 2.61
C TRP B 397 -8.48 -2.60 1.65
N TYR B 398 -8.77 -3.79 2.19
CA TYR B 398 -8.92 -5.00 1.39
C TYR B 398 -10.38 -5.46 1.47
N THR B 399 -10.98 -5.33 2.64
CA THR B 399 -12.42 -5.47 2.77
C THR B 399 -13.05 -5.02 1.47
N GLY B 400 -12.80 -3.76 1.16
CA GLY B 400 -13.47 -3.08 0.08
C GLY B 400 -12.99 -3.50 -1.26
N GLU B 401 -11.74 -3.97 -1.36
CA GLU B 401 -11.19 -4.38 -2.66
C GLU B 401 -11.79 -5.66 -3.27
N GLY B 402 -12.56 -6.37 -2.46
CA GLY B 402 -13.27 -7.55 -2.91
C GLY B 402 -12.69 -8.81 -2.35
N MET B 403 -12.04 -8.68 -1.21
CA MET B 403 -11.42 -9.82 -0.57
C MET B 403 -12.30 -10.29 0.57
N ASP B 404 -12.12 -11.52 1.02
CA ASP B 404 -12.93 -12.04 2.12
C ASP B 404 -12.35 -11.96 3.54
N GLU B 405 -13.23 -11.50 4.44
CA GLU B 405 -13.10 -11.54 5.89
C GLU B 405 -12.21 -12.70 6.38
N MET B 406 -12.59 -13.94 6.00
CA MET B 406 -11.92 -15.18 6.42
C MET B 406 -10.75 -15.57 5.52
N GLU B 407 -10.62 -14.90 4.39
CA GLU B 407 -9.56 -15.23 3.46
C GLU B 407 -8.21 -14.89 4.06
N PHE B 408 -8.18 -13.90 4.95
CA PHE B 408 -6.98 -13.55 5.73
C PHE B 408 -6.66 -14.70 6.70
N THR B 409 -7.61 -15.01 7.57
CA THR B 409 -7.49 -16.14 8.49
C THR B 409 -7.16 -17.46 7.74
N GLU B 410 -7.64 -17.61 6.52
CA GLU B 410 -7.36 -18.78 5.71
C GLU B 410 -5.90 -18.97 5.32
N ALA B 411 -5.15 -17.87 5.34
CA ALA B 411 -3.72 -17.85 5.00
C ALA B 411 -2.84 -17.51 6.20
N GLU B 412 -3.46 -17.02 7.27
CA GLU B 412 -2.78 -16.89 8.56
C GLU B 412 -2.52 -18.27 9.08
N SER B 413 -3.47 -19.16 8.86
CA SER B 413 -3.34 -20.54 9.30
C SER B 413 -2.31 -21.27 8.46
N ASN B 414 -2.36 -21.14 7.13
CA ASN B 414 -1.43 -21.90 6.29
C ASN B 414 0.00 -21.66 6.71
N MET B 415 0.22 -20.50 7.32
CA MET B 415 1.52 -20.08 7.82
C MET B 415 1.92 -20.70 9.16
N ASN B 416 0.96 -20.76 10.10
CA ASN B 416 1.16 -21.41 11.41
C ASN B 416 1.27 -22.91 11.33
N ASP B 417 1.01 -23.46 10.14
CA ASP B 417 1.32 -24.85 9.86
C ASP B 417 2.79 -24.83 9.58
N LEU B 418 3.15 -24.15 8.50
CA LEU B 418 4.53 -24.01 8.09
C LEU B 418 5.47 -23.68 9.25
N VAL B 419 4.97 -22.99 10.27
CA VAL B 419 5.76 -22.80 11.47
C VAL B 419 6.03 -24.17 12.07
N SER B 420 4.98 -24.81 12.57
CA SER B 420 5.15 -26.02 13.39
C SER B 420 5.33 -27.30 12.57
N GLU B 421 5.90 -27.14 11.39
CA GLU B 421 6.37 -28.26 10.61
C GLU B 421 7.84 -28.16 10.66
N TYR B 422 8.31 -26.92 10.62
CA TYR B 422 9.71 -26.62 10.82
C TYR B 422 10.07 -27.00 12.25
N GLN B 423 9.18 -26.67 13.19
CA GLN B 423 9.32 -27.09 14.57
C GLN B 423 9.22 -28.62 14.69
N GLN B 424 8.36 -29.24 13.88
CA GLN B 424 8.20 -30.69 13.84
C GLN B 424 9.43 -31.39 13.22
N TYR B 425 10.30 -30.62 12.56
CA TYR B 425 11.55 -31.21 12.08
C TYR B 425 12.74 -30.75 12.91
N GLN B 426 12.62 -31.00 14.20
CA GLN B 426 13.75 -31.10 15.08
C GLN B 426 13.45 -32.43 15.77
N ASP B 427 13.78 -33.50 15.01
CA ASP B 427 13.21 -34.85 15.12
C ASP B 427 14.05 -35.92 15.88
N ALA B 428 14.39 -37.04 15.21
CA ALA B 428 15.11 -38.16 15.86
C ALA B 428 15.86 -39.12 14.90
N THR B 429 16.95 -39.72 15.37
CA THR B 429 17.71 -40.69 14.58
C THR B 429 16.98 -42.03 14.50
N ARG C 2 -1.74 10.36 -10.29
CA ARG C 2 -1.28 11.23 -11.40
C ARG C 2 -1.74 12.68 -11.21
N GLU C 3 -3.00 13.00 -11.48
CA GLU C 3 -3.47 14.39 -11.45
C GLU C 3 -4.21 14.67 -10.14
N CYS C 4 -4.68 15.91 -9.92
CA CYS C 4 -5.18 16.30 -8.58
C CYS C 4 -6.00 17.61 -8.36
N ILE C 5 -7.34 17.50 -8.32
CA ILE C 5 -8.20 18.70 -8.36
C ILE C 5 -8.60 19.27 -7.00
N SER C 6 -8.39 20.57 -6.82
CA SER C 6 -8.83 21.28 -5.63
C SER C 6 -10.22 21.88 -5.80
N ILE C 7 -11.13 21.56 -4.89
CA ILE C 7 -12.36 22.34 -4.72
C ILE C 7 -12.30 23.15 -3.41
N HIS C 8 -12.66 24.43 -3.49
CA HIS C 8 -12.80 25.28 -2.30
C HIS C 8 -14.21 25.85 -2.28
N VAL C 9 -15.06 25.35 -1.39
CA VAL C 9 -16.35 25.99 -1.27
C VAL C 9 -16.36 26.83 -0.02
N GLY C 10 -16.98 28.00 -0.13
CA GLY C 10 -17.30 28.80 1.03
C GLY C 10 -16.26 29.79 1.45
N GLN C 11 -16.73 30.99 1.81
CA GLN C 11 -15.88 32.10 2.20
C GLN C 11 -14.61 31.65 2.87
N ALA C 12 -14.73 30.73 3.81
CA ALA C 12 -13.56 30.26 4.53
C ALA C 12 -12.68 29.41 3.64
N GLY C 13 -13.30 28.42 2.99
CA GLY C 13 -12.62 27.61 1.99
C GLY C 13 -11.85 28.49 1.01
N VAL C 14 -12.57 29.35 0.31
CA VAL C 14 -11.97 30.20 -0.71
C VAL C 14 -10.73 30.94 -0.24
N GLN C 15 -10.77 31.53 0.95
CA GLN C 15 -9.65 32.35 1.39
C GLN C 15 -8.46 31.55 1.90
N ILE C 16 -8.71 30.40 2.53
CA ILE C 16 -7.64 29.46 2.80
C ILE C 16 -7.02 29.11 1.46
N GLY C 17 -7.87 28.80 0.49
CA GLY C 17 -7.42 28.46 -0.84
C GLY C 17 -6.51 29.51 -1.40
N ASN C 18 -7.04 30.70 -1.60
CA ASN C 18 -6.29 31.80 -2.20
C ASN C 18 -4.95 32.02 -1.51
N ALA C 19 -4.89 31.68 -0.23
CA ALA C 19 -3.70 31.87 0.58
C ALA C 19 -2.76 30.66 0.58
N CYS C 20 -3.17 29.59 -0.08
CA CYS C 20 -2.20 28.53 -0.32
C CYS C 20 -1.95 28.26 -1.79
N TRP C 21 -2.89 28.59 -2.67
CA TRP C 21 -2.53 28.59 -4.06
C TRP C 21 -1.46 29.63 -4.21
N GLU C 22 -1.56 30.72 -3.46
CA GLU C 22 -0.50 31.72 -3.38
C GLU C 22 0.86 31.13 -2.96
N LEU C 23 0.82 30.25 -1.95
CA LEU C 23 2.05 29.73 -1.39
C LEU C 23 2.57 28.58 -2.21
N TYR C 24 1.67 27.93 -2.94
CA TYR C 24 2.07 26.94 -3.94
C TYR C 24 2.89 27.72 -4.94
N CYS C 25 2.35 28.87 -5.36
CA CYS C 25 2.94 29.69 -6.42
C CYS C 25 4.35 30.18 -6.12
N LEU C 26 4.59 30.58 -4.88
CA LEU C 26 5.94 30.95 -4.49
C LEU C 26 6.87 29.75 -4.57
N GLU C 27 6.45 28.62 -4.00
CA GLU C 27 7.25 27.38 -3.95
C GLU C 27 7.74 26.87 -5.31
N HIS C 28 6.87 26.87 -6.32
CA HIS C 28 7.18 26.34 -7.64
C HIS C 28 7.65 27.40 -8.62
N GLY C 29 7.75 28.63 -8.12
CA GLY C 29 8.23 29.76 -8.90
C GLY C 29 7.36 30.12 -10.09
N ILE C 30 6.14 30.57 -9.80
CA ILE C 30 5.23 31.08 -10.83
C ILE C 30 4.97 32.55 -10.56
N GLN C 31 5.38 33.41 -11.47
CA GLN C 31 4.94 34.79 -11.38
C GLN C 31 3.44 34.84 -11.68
N PRO C 32 2.71 35.49 -10.78
CA PRO C 32 1.27 35.72 -10.92
C PRO C 32 0.64 35.51 -12.33
N ASP C 33 1.13 36.15 -13.38
CA ASP C 33 0.51 35.99 -14.70
C ASP C 33 0.37 34.54 -15.21
N GLY C 34 0.99 33.60 -14.50
CA GLY C 34 0.89 32.20 -14.84
C GLY C 34 2.18 31.62 -15.37
N GLN C 35 2.97 32.46 -16.05
CA GLN C 35 4.23 32.02 -16.66
C GLN C 35 5.33 31.83 -15.62
N MET C 36 6.03 30.71 -15.70
CA MET C 36 7.25 30.48 -14.92
C MET C 36 8.41 30.26 -15.88
N PRO C 37 9.51 30.97 -15.68
CA PRO C 37 10.73 30.73 -16.45
C PRO C 37 11.57 29.54 -15.93
N SER C 38 11.00 28.33 -15.98
CA SER C 38 11.76 27.10 -15.74
C SER C 38 11.51 26.12 -16.89
N ASP C 39 12.46 25.19 -17.10
CA ASP C 39 12.45 24.24 -18.22
C ASP C 39 11.45 23.09 -18.06
N LYS C 40 10.46 23.29 -17.20
CA LYS C 40 9.50 22.25 -16.85
C LYS C 40 8.07 22.55 -17.34
N THR C 41 7.95 22.94 -18.61
CA THR C 41 6.68 22.76 -19.31
C THR C 41 6.63 22.58 -20.84
N ILE C 42 5.90 21.51 -21.15
CA ILE C 42 5.04 21.40 -22.29
C ILE C 42 3.84 20.65 -21.62
N GLY C 43 2.78 20.43 -22.41
CA GLY C 43 1.61 19.64 -21.99
C GLY C 43 0.46 19.82 -22.98
N ASP C 47 5.93 16.62 -16.18
CA ASP C 47 6.03 15.87 -14.92
C ASP C 47 6.45 16.74 -13.68
N SER C 48 6.36 16.13 -12.48
CA SER C 48 6.88 16.69 -11.20
C SER C 48 5.94 17.64 -10.38
N PHE C 49 5.55 18.76 -10.96
CA PHE C 49 4.59 19.67 -10.34
C PHE C 49 3.32 19.85 -11.19
N ASN C 50 3.21 19.03 -12.23
CA ASN C 50 2.02 18.96 -13.07
C ASN C 50 0.83 18.32 -12.33
N THR C 51 1.07 17.95 -11.07
CA THR C 51 0.07 17.30 -10.23
C THR C 51 -1.08 18.22 -9.95
N PHE C 52 -0.74 19.52 -9.83
CA PHE C 52 -1.69 20.54 -9.39
C PHE C 52 -2.02 21.57 -10.46
N PHE C 53 -1.03 22.02 -11.21
CA PHE C 53 -1.26 22.96 -12.30
C PHE C 53 -1.37 22.23 -13.63
N SER C 54 -1.97 22.89 -14.63
CA SER C 54 -2.04 22.37 -16.00
C SER C 54 -1.39 23.35 -16.99
N GLU C 55 -0.50 22.85 -17.85
CA GLU C 55 0.21 23.70 -18.77
C GLU C 55 -0.71 24.01 -19.93
N THR C 56 -1.76 24.78 -19.65
CA THR C 56 -2.70 25.21 -20.69
C THR C 56 -2.14 26.38 -21.52
N GLY C 57 -2.34 26.31 -22.84
CA GLY C 57 -1.82 27.32 -23.74
C GLY C 57 -0.31 27.32 -23.76
N ALA C 58 0.28 28.17 -24.59
CA ALA C 58 1.73 28.28 -24.67
C ALA C 58 2.25 29.53 -23.94
N GLY C 59 2.22 29.48 -22.60
CA GLY C 59 2.78 30.54 -21.78
C GLY C 59 2.47 30.41 -20.31
N LYS C 60 1.20 30.12 -20.01
CA LYS C 60 0.61 30.16 -18.66
C LYS C 60 0.60 28.81 -17.90
N HIS C 61 0.19 28.84 -16.63
CA HIS C 61 0.21 27.66 -15.77
C HIS C 61 -0.97 27.57 -14.81
N VAL C 62 -2.18 27.49 -15.35
CA VAL C 62 -3.44 27.51 -14.56
C VAL C 62 -3.54 26.42 -13.48
N PRO C 63 -4.00 26.80 -12.28
CA PRO C 63 -4.23 25.83 -11.21
C PRO C 63 -5.39 24.94 -11.58
N ARG C 64 -5.30 23.68 -11.19
CA ARG C 64 -6.41 22.79 -11.41
C ARG C 64 -7.27 22.91 -10.17
N ALA C 65 -8.10 23.93 -10.19
CA ALA C 65 -8.97 24.22 -9.07
C ALA C 65 -10.30 24.75 -9.55
N VAL C 66 -11.29 24.67 -8.69
CA VAL C 66 -12.55 25.33 -8.94
C VAL C 66 -12.97 25.97 -7.64
N PHE C 67 -13.50 27.18 -7.72
CA PHE C 67 -13.81 27.95 -6.53
C PHE C 67 -15.32 28.20 -6.47
N VAL C 68 -15.97 27.84 -5.37
CA VAL C 68 -17.41 28.10 -5.29
C VAL C 68 -17.82 28.79 -4.00
N ASP C 69 -18.72 29.76 -4.15
CA ASP C 69 -19.30 30.50 -3.05
C ASP C 69 -20.68 30.93 -3.49
N LEU C 70 -21.57 31.21 -2.55
CA LEU C 70 -22.92 31.56 -2.94
C LEU C 70 -23.28 33.06 -3.00
N GLU C 71 -22.43 33.91 -2.42
CA GLU C 71 -22.42 35.37 -2.69
C GLU C 71 -21.35 35.56 -3.75
N PRO C 72 -21.18 36.75 -4.30
CA PRO C 72 -19.94 37.02 -5.03
C PRO C 72 -18.91 37.38 -3.99
N THR C 73 -18.81 38.67 -3.68
CA THR C 73 -17.97 39.19 -2.61
C THR C 73 -16.59 38.59 -2.50
N VAL C 74 -16.49 37.31 -2.11
CA VAL C 74 -15.20 36.69 -1.87
C VAL C 74 -14.50 36.21 -3.13
N ILE C 75 -15.24 35.49 -3.96
CA ILE C 75 -14.77 35.05 -5.28
C ILE C 75 -14.41 36.27 -6.11
N ASP C 76 -15.10 37.37 -5.83
CA ASP C 76 -14.88 38.66 -6.50
C ASP C 76 -13.48 39.23 -6.27
N GLU C 77 -12.94 39.02 -5.07
CA GLU C 77 -11.65 39.61 -4.72
C GLU C 77 -10.49 38.75 -5.22
N VAL C 78 -10.83 37.70 -5.98
CA VAL C 78 -9.85 36.96 -6.78
C VAL C 78 -9.74 37.55 -8.18
N ARG C 79 -10.87 37.78 -8.83
CA ARG C 79 -10.84 38.45 -10.12
C ARG C 79 -10.49 39.94 -9.96
N THR C 80 -9.73 40.25 -8.91
CA THR C 80 -9.36 41.64 -8.56
C THR C 80 -7.84 41.85 -8.33
N GLY C 81 -7.29 41.27 -7.25
CA GLY C 81 -5.89 41.41 -6.91
C GLY C 81 -5.06 40.38 -7.65
N THR C 82 -3.92 40.81 -8.20
CA THR C 82 -3.14 39.98 -9.12
C THR C 82 -3.08 38.54 -8.64
N TYR C 83 -3.26 37.65 -9.61
CA TYR C 83 -3.69 36.26 -9.47
C TYR C 83 -4.96 36.25 -10.29
N ARG C 84 -5.59 37.42 -10.37
CA ARG C 84 -6.63 37.70 -11.35
C ARG C 84 -6.20 37.07 -12.67
N GLN C 85 -4.89 37.10 -12.92
CA GLN C 85 -4.30 36.58 -14.14
C GLN C 85 -4.07 35.09 -14.09
N LEU C 86 -4.25 34.48 -12.93
CA LEU C 86 -3.78 33.12 -12.67
C LEU C 86 -4.76 32.01 -13.01
N PHE C 87 -6.05 32.27 -12.85
CA PHE C 87 -7.06 31.25 -13.04
C PHE C 87 -7.75 31.43 -14.39
N HIS C 88 -8.75 30.61 -14.67
CA HIS C 88 -9.62 30.81 -15.82
C HIS C 88 -10.98 31.32 -15.36
N PRO C 89 -11.46 32.44 -15.92
CA PRO C 89 -12.75 33.03 -15.51
C PRO C 89 -13.84 31.98 -15.30
N GLU C 90 -13.74 30.83 -15.98
CA GLU C 90 -14.61 29.67 -15.77
C GLU C 90 -14.59 29.14 -14.35
N GLN C 91 -13.38 28.99 -13.81
CA GLN C 91 -13.15 28.17 -12.63
C GLN C 91 -13.62 28.83 -11.34
N LEU C 92 -14.23 30.00 -11.44
CA LEU C 92 -14.73 30.67 -10.24
C LEU C 92 -16.24 30.90 -10.26
N ILE C 93 -16.99 29.98 -9.67
CA ILE C 93 -18.43 30.08 -9.66
C ILE C 93 -18.91 30.89 -8.45
N THR C 94 -19.71 31.92 -8.73
CA THR C 94 -20.40 32.75 -7.74
C THR C 94 -21.91 32.57 -7.94
N GLY C 95 -22.73 32.90 -6.96
CA GLY C 95 -24.13 32.51 -7.05
C GLY C 95 -25.28 33.45 -6.67
N LYS C 96 -25.03 34.76 -6.64
CA LYS C 96 -26.07 35.79 -6.39
C LYS C 96 -26.57 35.97 -4.94
N GLU C 97 -27.24 34.95 -4.39
CA GLU C 97 -27.76 35.07 -3.04
C GLU C 97 -27.03 34.17 -2.02
N ASP C 98 -26.87 34.70 -0.80
CA ASP C 98 -26.18 34.01 0.29
C ASP C 98 -26.86 32.72 0.81
N ALA C 99 -26.12 31.94 1.59
CA ALA C 99 -26.62 30.72 2.22
C ALA C 99 -27.18 31.02 3.59
N ALA C 100 -26.83 32.20 4.09
CA ALA C 100 -27.20 32.68 5.41
C ALA C 100 -26.92 31.69 6.53
N ASN C 101 -25.63 31.49 6.81
CA ASN C 101 -25.21 30.86 8.03
C ASN C 101 -26.08 29.64 8.34
N ASN C 102 -26.65 29.04 7.29
CA ASN C 102 -27.58 27.90 7.49
C ASN C 102 -27.58 26.71 6.47
N TYR C 103 -27.37 25.51 7.01
CA TYR C 103 -27.09 24.32 6.23
C TYR C 103 -28.25 24.00 5.34
N ALA C 104 -29.42 23.87 5.91
CA ALA C 104 -30.58 23.59 5.09
C ALA C 104 -30.55 24.45 3.84
N ARG C 105 -30.34 25.74 3.99
CA ARG C 105 -30.29 26.62 2.84
C ARG C 105 -29.21 26.15 1.91
N GLY C 106 -28.04 25.85 2.44
CA GLY C 106 -26.90 25.44 1.62
C GLY C 106 -27.03 24.16 0.81
N HIS C 107 -27.63 23.13 1.42
CA HIS C 107 -27.87 21.82 0.81
C HIS C 107 -29.09 21.84 -0.10
N TYR C 108 -30.23 22.28 0.42
CA TYR C 108 -31.50 22.06 -0.25
C TYR C 108 -32.04 23.21 -1.02
N THR C 109 -31.92 24.41 -0.51
CA THR C 109 -32.70 25.48 -1.13
C THR C 109 -31.92 26.25 -2.14
N ILE C 110 -30.80 26.80 -1.72
CA ILE C 110 -30.00 27.58 -2.63
C ILE C 110 -29.05 26.63 -3.41
N GLY C 111 -28.82 25.43 -2.87
CA GLY C 111 -27.92 24.47 -3.48
C GLY C 111 -28.39 23.92 -4.82
N LYS C 112 -29.40 23.07 -4.75
CA LYS C 112 -30.19 22.62 -5.87
C LYS C 112 -29.78 23.25 -7.19
N GLU C 113 -29.70 24.59 -7.20
CA GLU C 113 -29.63 25.41 -8.42
C GLU C 113 -28.25 25.53 -9.07
N ILE C 114 -27.24 25.63 -8.22
CA ILE C 114 -25.88 25.91 -8.67
C ILE C 114 -25.06 24.61 -8.82
N ILE C 115 -25.45 23.58 -8.08
CA ILE C 115 -24.74 22.30 -8.05
C ILE C 115 -24.53 21.66 -9.41
N ASP C 116 -25.57 21.65 -10.25
CA ASP C 116 -25.50 21.07 -11.58
C ASP C 116 -24.38 21.74 -12.34
N LEU C 117 -24.29 23.06 -12.24
CA LEU C 117 -23.27 23.80 -12.97
C LEU C 117 -21.86 23.51 -12.48
N VAL C 118 -21.63 23.66 -11.18
CA VAL C 118 -20.33 23.37 -10.57
C VAL C 118 -19.86 21.98 -10.96
N LEU C 119 -20.63 20.98 -10.54
CA LEU C 119 -20.39 19.59 -10.83
C LEU C 119 -19.82 19.35 -12.21
N ASP C 120 -20.36 20.10 -13.16
CA ASP C 120 -19.97 19.97 -14.55
C ASP C 120 -18.70 20.77 -14.83
N ARG C 121 -18.56 21.97 -14.27
CA ARG C 121 -17.33 22.74 -14.49
C ARG C 121 -16.11 22.06 -13.87
N ILE C 122 -16.38 21.11 -12.99
CA ILE C 122 -15.33 20.30 -12.40
C ILE C 122 -14.96 19.27 -13.44
N ARG C 123 -15.98 18.62 -13.98
CA ARG C 123 -15.82 17.64 -15.06
C ARG C 123 -14.99 18.11 -16.25
N LYS C 124 -14.93 19.42 -16.48
CA LYS C 124 -14.04 20.02 -17.48
C LYS C 124 -12.58 19.78 -17.11
N LEU C 125 -12.27 19.96 -15.83
CA LEU C 125 -10.90 19.90 -15.33
C LEU C 125 -10.41 18.50 -15.15
N ALA C 126 -11.34 17.59 -14.84
CA ALA C 126 -11.02 16.16 -14.76
C ALA C 126 -10.76 15.61 -16.15
N ASP C 127 -11.31 16.27 -17.16
CA ASP C 127 -11.17 15.82 -18.53
C ASP C 127 -9.85 16.18 -19.17
N GLN C 128 -9.16 17.19 -18.65
CA GLN C 128 -7.81 17.51 -19.12
C GLN C 128 -6.76 16.83 -18.24
N CYS C 129 -7.05 15.59 -17.85
CA CYS C 129 -6.21 14.80 -16.94
C CYS C 129 -6.18 13.30 -17.27
N THR C 130 -5.00 12.75 -17.56
CA THR C 130 -4.93 11.33 -17.95
C THR C 130 -4.64 10.48 -16.76
N GLY C 131 -5.70 9.93 -16.19
CA GLY C 131 -5.66 9.25 -14.92
C GLY C 131 -5.69 10.20 -13.72
N LEU C 132 -6.86 10.76 -13.42
CA LEU C 132 -6.98 11.65 -12.26
C LEU C 132 -6.98 10.87 -10.96
N GLN C 133 -6.32 11.42 -9.96
CA GLN C 133 -6.30 10.79 -8.64
C GLN C 133 -7.58 11.07 -7.86
N GLY C 134 -7.61 12.17 -7.11
CA GLY C 134 -8.77 12.57 -6.33
C GLY C 134 -8.96 14.07 -6.14
N PHE C 135 -9.84 14.43 -5.21
CA PHE C 135 -10.09 15.83 -4.93
C PHE C 135 -9.69 16.28 -3.55
N LEU C 136 -9.30 17.54 -3.48
CA LEU C 136 -9.12 18.21 -2.21
C LEU C 136 -10.23 19.25 -2.06
N VAL C 137 -11.09 19.03 -1.06
CA VAL C 137 -12.23 19.89 -0.81
C VAL C 137 -11.89 20.77 0.35
N PHE C 138 -11.65 22.05 0.11
CA PHE C 138 -11.46 22.96 1.23
C PHE C 138 -12.82 23.60 1.58
N HIS C 139 -13.18 23.61 2.87
CA HIS C 139 -14.48 24.14 3.35
C HIS C 139 -14.59 24.35 4.84
N SER C 140 -15.46 25.29 5.23
CA SER C 140 -15.73 25.64 6.62
C SER C 140 -16.70 24.68 7.30
N PHE C 141 -16.39 24.31 8.54
CA PHE C 141 -17.19 23.32 9.25
C PHE C 141 -18.55 23.93 9.47
N GLY C 142 -18.62 24.79 10.48
CA GLY C 142 -19.82 25.59 10.69
C GLY C 142 -19.94 26.62 9.58
N GLY C 143 -21.11 27.22 9.45
CA GLY C 143 -21.28 28.22 8.42
C GLY C 143 -21.88 27.60 7.19
N GLY C 144 -22.50 28.45 6.38
CA GLY C 144 -23.63 28.10 5.54
C GLY C 144 -23.38 27.27 4.31
N THR C 145 -22.84 27.91 3.29
CA THR C 145 -22.49 27.21 2.07
C THR C 145 -21.41 26.17 2.38
N GLY C 146 -20.43 26.55 3.19
CA GLY C 146 -19.36 25.65 3.60
C GLY C 146 -19.77 24.30 4.16
N SER C 147 -20.81 24.24 4.97
CA SER C 147 -21.27 22.97 5.47
C SER C 147 -22.23 22.33 4.49
N GLY C 148 -23.11 23.14 3.92
CA GLY C 148 -24.26 22.65 3.17
C GLY C 148 -24.09 22.35 1.69
N PHE C 149 -23.22 23.10 1.02
CA PHE C 149 -22.91 22.81 -0.36
C PHE C 149 -21.91 21.70 -0.37
N THR C 150 -20.82 21.87 0.37
CA THR C 150 -19.84 20.81 0.57
C THR C 150 -20.46 19.43 0.78
N SER C 151 -21.41 19.36 1.69
CA SER C 151 -22.15 18.13 1.89
C SER C 151 -22.80 17.64 0.57
N LEU C 152 -23.58 18.49 -0.09
CA LEU C 152 -24.21 18.13 -1.35
C LEU C 152 -23.19 17.76 -2.42
N LEU C 153 -22.11 18.53 -2.54
CA LEU C 153 -21.05 18.23 -3.51
C LEU C 153 -20.63 16.79 -3.33
N MET C 154 -20.15 16.47 -2.14
CA MET C 154 -19.60 15.16 -1.87
C MET C 154 -20.56 14.04 -2.21
N GLU C 155 -21.84 14.20 -1.87
CA GLU C 155 -22.82 13.15 -2.16
C GLU C 155 -22.73 12.91 -3.65
N ARG C 156 -22.64 14.00 -4.40
CA ARG C 156 -22.69 13.94 -5.86
C ARG C 156 -21.37 13.54 -6.49
N LEU C 157 -20.28 14.20 -6.09
CA LEU C 157 -18.95 13.80 -6.50
C LEU C 157 -18.83 12.28 -6.29
N SER C 158 -19.29 11.81 -5.13
CA SER C 158 -19.28 10.37 -4.80
C SER C 158 -19.93 9.52 -5.89
N VAL C 159 -21.00 10.03 -6.46
CA VAL C 159 -21.68 9.32 -7.53
C VAL C 159 -20.95 9.47 -8.86
N ASP C 160 -20.62 10.71 -9.24
CA ASP C 160 -20.00 11.01 -10.55
C ASP C 160 -18.55 10.46 -10.71
N TYR C 161 -17.87 10.20 -9.58
CA TYR C 161 -16.48 9.69 -9.55
C TYR C 161 -16.24 8.45 -8.64
N GLY C 162 -15.85 7.35 -9.31
CA GLY C 162 -15.77 6.03 -8.70
C GLY C 162 -14.91 5.84 -7.44
N LYS C 163 -13.76 5.19 -7.66
CA LYS C 163 -12.72 5.05 -6.63
C LYS C 163 -12.34 6.48 -6.16
N LYS C 164 -11.81 7.25 -7.12
CA LYS C 164 -11.32 8.62 -6.93
C LYS C 164 -11.65 9.15 -5.54
N SER C 165 -10.62 9.18 -4.70
CA SER C 165 -10.77 9.49 -3.28
C SER C 165 -10.99 10.98 -3.02
N LYS C 166 -11.36 11.28 -1.79
CA LYS C 166 -11.71 12.63 -1.46
C LYS C 166 -11.12 13.02 -0.11
N LEU C 167 -10.29 14.04 -0.12
CA LEU C 167 -9.66 14.54 1.08
C LEU C 167 -10.26 15.88 1.40
N GLU C 168 -10.81 16.05 2.61
CA GLU C 168 -11.36 17.35 3.03
C GLU C 168 -10.48 18.07 4.07
N PHE C 169 -10.43 19.39 4.01
CA PHE C 169 -9.81 20.18 5.04
C PHE C 169 -10.92 21.02 5.61
N SER C 170 -11.39 20.64 6.79
CA SER C 170 -12.48 21.35 7.47
C SER C 170 -11.98 22.46 8.41
N ILE C 171 -12.73 23.55 8.55
CA ILE C 171 -12.36 24.59 9.51
C ILE C 171 -13.33 24.59 10.69
N TYR C 172 -12.92 23.84 11.70
CA TYR C 172 -13.63 23.65 12.97
C TYR C 172 -13.68 24.98 13.70
N PRO C 173 -14.90 25.35 14.11
CA PRO C 173 -15.28 26.75 14.34
C PRO C 173 -15.08 27.26 15.76
N ALA C 174 -14.60 28.48 15.90
CA ALA C 174 -14.21 28.89 17.24
C ALA C 174 -14.77 30.19 17.72
N PRO C 175 -15.55 30.09 18.77
CA PRO C 175 -16.27 31.22 19.35
C PRO C 175 -15.62 32.59 19.11
N GLN C 176 -14.32 32.73 19.39
CA GLN C 176 -13.67 34.05 19.42
C GLN C 176 -13.69 34.75 18.08
N VAL C 177 -13.16 34.14 17.03
CA VAL C 177 -13.33 34.77 15.72
C VAL C 177 -14.31 34.04 14.82
N SER C 178 -15.55 34.06 15.27
CA SER C 178 -16.71 33.66 14.50
C SER C 178 -17.61 34.89 14.48
N THR C 179 -18.88 34.68 14.18
CA THR C 179 -19.89 35.72 14.36
C THR C 179 -21.21 34.99 14.61
N ALA C 180 -21.27 33.76 14.08
CA ALA C 180 -22.46 32.92 14.05
C ALA C 180 -22.66 32.01 15.28
N VAL C 181 -23.79 32.21 15.94
CA VAL C 181 -24.25 31.41 17.05
C VAL C 181 -24.62 29.98 16.59
N VAL C 182 -25.29 29.89 15.44
CA VAL C 182 -25.93 28.66 14.94
C VAL C 182 -24.93 27.60 14.49
N GLU C 183 -23.69 28.04 14.37
CA GLU C 183 -22.55 27.19 14.04
C GLU C 183 -22.67 25.71 14.35
N PRO C 184 -22.58 25.30 15.60
CA PRO C 184 -22.62 23.88 15.92
C PRO C 184 -23.62 23.14 15.08
N TYR C 185 -24.87 23.59 14.99
CA TYR C 185 -25.85 22.81 14.24
C TYR C 185 -25.23 22.41 12.89
N ASN C 186 -24.74 23.41 12.17
CA ASN C 186 -24.26 23.24 10.80
C ASN C 186 -23.18 22.22 10.72
N SER C 187 -22.25 22.19 11.68
CA SER C 187 -21.13 21.24 11.63
C SER C 187 -21.56 19.79 11.84
N ILE C 188 -22.45 19.58 12.78
CA ILE C 188 -22.89 18.24 13.12
C ILE C 188 -23.86 17.74 12.08
N LEU C 189 -24.46 18.67 11.38
CA LEU C 189 -25.28 18.34 10.24
C LEU C 189 -24.41 17.79 9.10
N THR C 190 -23.54 18.63 8.51
CA THR C 190 -22.67 18.25 7.39
C THR C 190 -21.86 16.99 7.71
N THR C 191 -20.93 17.15 8.64
CA THR C 191 -20.14 16.07 9.21
C THR C 191 -20.83 14.68 9.22
N HIS C 192 -22.15 14.66 9.27
CA HIS C 192 -22.89 13.42 9.25
C HIS C 192 -23.15 12.92 7.85
N THR C 193 -23.74 13.77 7.00
CA THR C 193 -24.01 13.39 5.60
C THR C 193 -22.69 13.18 4.89
N THR C 194 -21.69 13.93 5.36
CA THR C 194 -20.39 14.11 4.73
C THR C 194 -19.42 12.94 4.91
N LEU C 195 -19.48 12.31 6.08
CA LEU C 195 -18.43 11.41 6.52
C LEU C 195 -18.42 10.05 5.77
N GLU C 196 -19.54 9.63 5.22
CA GLU C 196 -19.45 8.37 4.50
C GLU C 196 -19.12 8.57 3.04
N HIS C 197 -18.85 9.81 2.67
CA HIS C 197 -18.47 10.12 1.31
C HIS C 197 -17.05 10.68 1.30
N SER C 198 -16.40 10.65 2.47
CA SER C 198 -15.03 11.19 2.62
C SER C 198 -14.02 10.07 2.95
N ASP C 199 -12.73 10.32 2.72
CA ASP C 199 -11.69 9.30 2.86
C ASP C 199 -10.72 9.56 3.99
N CYS C 200 -10.17 10.76 4.04
CA CYS C 200 -9.39 11.21 5.17
C CYS C 200 -9.62 12.71 5.25
N ALA C 201 -9.69 13.23 6.48
CA ALA C 201 -10.15 14.60 6.71
C ALA C 201 -9.39 15.40 7.79
N PHE C 202 -8.62 16.37 7.32
CA PHE C 202 -7.84 17.19 8.21
C PHE C 202 -8.69 18.28 8.82
N MET C 203 -8.95 18.19 10.11
CA MET C 203 -9.62 19.28 10.79
C MET C 203 -8.60 20.34 11.15
N VAL C 204 -9.02 21.59 11.07
CA VAL C 204 -8.20 22.73 11.47
C VAL C 204 -8.98 23.63 12.44
N ASP C 205 -8.58 23.63 13.72
CA ASP C 205 -9.33 24.31 14.76
C ASP C 205 -8.94 25.76 14.77
N ASN C 206 -9.87 26.59 14.30
CA ASN C 206 -9.61 28.02 14.26
C ASN C 206 -8.97 28.54 15.57
N GLU C 207 -9.53 28.12 16.71
CA GLU C 207 -9.04 28.53 18.02
C GLU C 207 -7.57 28.24 18.16
N ALA C 208 -7.15 27.03 17.81
CA ALA C 208 -5.75 26.63 17.94
C ALA C 208 -4.81 27.43 17.05
N ILE C 209 -5.32 27.88 15.90
CA ILE C 209 -4.52 28.71 15.01
C ILE C 209 -4.46 30.13 15.55
N TYR C 210 -5.62 30.65 15.94
CA TYR C 210 -5.70 31.93 16.65
C TYR C 210 -4.71 31.88 17.81
N ASP C 211 -4.58 30.69 18.39
CA ASP C 211 -3.74 30.47 19.55
C ASP C 211 -2.28 30.63 19.19
N ILE C 212 -1.84 29.90 18.16
CA ILE C 212 -0.45 29.93 17.76
C ILE C 212 0.06 31.37 17.55
N CYS C 213 -0.73 32.17 16.85
CA CYS C 213 -0.36 33.56 16.51
C CYS C 213 -0.25 34.50 17.71
N ARG C 214 -1.11 34.28 18.69
CA ARG C 214 -1.15 35.10 19.89
C ARG C 214 0.05 34.80 20.76
N ARG C 215 0.56 33.57 20.66
CA ARG C 215 1.70 33.13 21.45
C ARG C 215 3.00 33.21 20.66
N ASN C 216 2.99 32.71 19.43
CA ASN C 216 4.23 32.50 18.70
C ASN C 216 4.58 33.56 17.67
N LEU C 217 3.62 34.46 17.41
CA LEU C 217 3.83 35.51 16.42
C LEU C 217 3.69 36.91 16.99
N ASP C 218 3.26 37.00 18.24
CA ASP C 218 3.16 38.27 18.93
C ASP C 218 2.09 39.21 18.37
N ILE C 219 1.19 38.64 17.57
CA ILE C 219 0.07 39.38 16.98
C ILE C 219 -1.00 39.65 18.04
N GLU C 220 -1.39 40.92 18.20
CA GLU C 220 -2.39 41.27 19.21
C GLU C 220 -3.75 40.53 19.07
N ARG C 221 -4.61 40.97 18.14
CA ARG C 221 -5.86 40.23 17.82
C ARG C 221 -5.89 39.89 16.34
N PRO C 222 -5.43 38.70 16.01
CA PRO C 222 -5.03 38.32 14.64
C PRO C 222 -6.16 38.24 13.63
N THR C 223 -5.85 38.68 12.40
CA THR C 223 -6.80 38.76 11.30
C THR C 223 -7.12 37.39 10.76
N TYR C 224 -8.01 37.35 9.77
CA TYR C 224 -8.24 36.13 8.98
C TYR C 224 -7.05 35.86 8.09
N THR C 225 -6.61 36.89 7.37
CA THR C 225 -5.47 36.77 6.49
C THR C 225 -4.20 36.55 7.30
N ASN C 226 -4.30 36.78 8.61
CA ASN C 226 -3.30 36.32 9.55
C ASN C 226 -3.37 34.79 9.70
N LEU C 227 -4.56 34.28 9.95
CA LEU C 227 -4.77 32.87 10.20
C LEU C 227 -4.49 32.06 8.96
N ASN C 228 -4.80 32.64 7.81
CA ASN C 228 -4.76 31.88 6.58
C ASN C 228 -3.36 31.64 6.11
N ARG C 229 -2.48 32.60 6.35
CA ARG C 229 -1.07 32.44 6.04
C ARG C 229 -0.49 31.21 6.73
N LEU C 230 -0.98 30.96 7.95
CA LEU C 230 -0.53 29.87 8.80
C LEU C 230 -1.01 28.53 8.32
N ILE C 231 -2.28 28.47 7.98
CA ILE C 231 -2.89 27.27 7.44
C ILE C 231 -2.27 26.98 6.07
N GLY C 232 -2.08 28.04 5.27
CA GLY C 232 -1.44 27.97 3.96
C GLY C 232 -0.14 27.21 4.03
N GLN C 233 0.64 27.49 5.06
CA GLN C 233 1.92 26.82 5.31
C GLN C 233 1.77 25.34 5.67
N ILE C 234 0.74 25.01 6.46
CA ILE C 234 0.53 23.66 6.98
C ILE C 234 0.04 22.77 5.86
N VAL C 235 -1.02 23.21 5.20
CA VAL C 235 -1.56 22.49 4.05
C VAL C 235 -0.43 22.20 3.07
N SER C 236 0.29 23.24 2.67
CA SER C 236 1.38 23.08 1.71
C SER C 236 2.50 22.16 2.21
N SER C 237 2.51 21.83 3.50
CA SER C 237 3.47 20.85 4.00
C SER C 237 2.83 19.47 4.00
N ILE C 238 1.50 19.42 3.94
CA ILE C 238 0.82 18.15 3.79
C ILE C 238 0.83 17.74 2.34
N THR C 239 0.41 18.67 1.47
CA THR C 239 0.33 18.38 0.04
C THR C 239 1.71 18.27 -0.56
N ALA C 240 2.71 18.80 0.14
CA ALA C 240 4.12 18.78 -0.31
C ALA C 240 4.57 17.45 -0.95
N SER C 241 4.21 16.34 -0.32
CA SER C 241 4.54 15.00 -0.80
C SER C 241 4.26 14.78 -2.30
N LEU C 242 3.08 15.18 -2.75
CA LEU C 242 2.64 14.91 -4.12
C LEU C 242 2.99 16.01 -5.15
N ARG C 243 3.79 17.00 -4.77
CA ARG C 243 4.02 18.13 -5.66
C ARG C 243 5.44 18.22 -6.23
N PHE C 244 6.41 17.81 -5.42
CA PHE C 244 7.82 17.82 -5.87
C PHE C 244 8.28 16.41 -6.20
N ASP C 245 7.33 15.47 -6.11
CA ASP C 245 7.60 14.04 -6.02
C ASP C 245 8.41 13.83 -4.73
N GLY C 246 7.78 13.19 -3.73
CA GLY C 246 8.41 12.92 -2.44
C GLY C 246 9.02 11.52 -2.27
N ALA C 247 10.16 11.44 -1.59
CA ALA C 247 10.79 10.16 -1.19
C ALA C 247 9.80 9.28 -0.36
N LEU C 248 8.86 9.93 0.39
CA LEU C 248 7.65 9.26 0.91
C LEU C 248 6.33 10.06 0.82
N ASN C 249 5.23 9.31 0.93
CA ASN C 249 3.82 9.75 0.87
C ASN C 249 3.31 10.16 -0.54
N VAL C 250 3.95 9.55 -1.57
CA VAL C 250 3.92 9.94 -3.01
C VAL C 250 2.64 9.69 -3.88
N ASP C 251 1.61 9.08 -3.28
CA ASP C 251 0.26 8.91 -3.87
C ASP C 251 -0.84 8.91 -2.76
N LEU C 252 -2.10 9.19 -3.15
CA LEU C 252 -3.19 9.41 -2.17
C LEU C 252 -3.48 8.20 -1.26
N THR C 253 -3.51 6.99 -1.83
CA THR C 253 -3.54 5.74 -1.05
C THR C 253 -2.36 5.67 -0.04
N GLU C 254 -1.18 5.18 -0.47
CA GLU C 254 -0.02 4.93 0.42
C GLU C 254 0.48 6.21 1.18
N PHE C 255 -0.24 7.31 0.94
CA PHE C 255 -0.17 8.52 1.74
C PHE C 255 -1.02 8.27 3.02
N GLN C 256 -2.25 7.76 2.82
CA GLN C 256 -3.28 7.64 3.90
C GLN C 256 -3.65 6.22 4.42
N THR C 257 -3.63 5.21 3.55
CA THR C 257 -3.40 3.81 3.92
C THR C 257 -2.58 3.77 5.18
N ASN C 258 -1.86 4.87 5.36
CA ASN C 258 -0.98 5.11 6.49
C ASN C 258 -1.75 5.59 7.71
N LEU C 259 -2.73 6.45 7.49
CA LEU C 259 -3.35 7.20 8.58
C LEU C 259 -4.62 6.62 9.15
N VAL C 260 -5.48 6.09 8.30
CA VAL C 260 -6.79 5.68 8.75
C VAL C 260 -6.93 4.18 8.82
N PRO C 261 -6.93 3.65 10.03
CA PRO C 261 -7.06 2.22 10.23
C PRO C 261 -8.49 1.75 10.07
N TYR C 262 -9.44 2.63 10.32
CA TYR C 262 -10.83 2.25 10.25
C TYR C 262 -11.67 3.21 9.41
N PRO C 263 -12.70 2.69 8.74
CA PRO C 263 -13.40 3.44 7.69
C PRO C 263 -13.84 4.79 8.16
N ARG C 264 -14.39 4.82 9.37
CA ARG C 264 -14.93 6.04 9.98
C ARG C 264 -13.80 7.00 10.42
N ILE C 265 -13.08 6.64 11.48
CA ILE C 265 -11.87 7.37 11.93
C ILE C 265 -10.94 7.94 10.80
N HIS C 266 -11.30 9.11 10.25
CA HIS C 266 -10.47 9.82 9.27
C HIS C 266 -9.50 10.74 9.96
N PHE C 267 -9.92 11.28 11.09
CA PHE C 267 -9.51 12.61 11.44
C PHE C 267 -8.17 12.58 12.09
N PRO C 268 -7.13 12.92 11.32
CA PRO C 268 -5.78 12.98 11.84
C PRO C 268 -5.57 14.35 12.47
N LEU C 269 -4.59 14.44 13.35
CA LEU C 269 -4.24 15.65 14.05
C LEU C 269 -2.92 16.11 13.43
N ALA C 270 -2.84 17.36 12.96
CA ALA C 270 -1.58 17.89 12.42
C ALA C 270 -0.82 18.72 13.45
N THR C 271 0.46 18.94 13.24
CA THR C 271 1.27 19.74 14.15
C THR C 271 2.43 20.36 13.36
N TYR C 272 2.45 21.67 13.19
CA TYR C 272 3.51 22.27 12.38
C TYR C 272 4.66 22.75 13.24
N ALA C 273 5.87 22.58 12.71
CA ALA C 273 7.11 22.61 13.51
C ALA C 273 7.61 23.98 13.96
N PRO C 274 8.45 24.66 13.19
CA PRO C 274 9.02 25.94 13.64
C PRO C 274 8.21 27.13 13.11
N VAL C 275 7.18 27.52 13.85
CA VAL C 275 6.48 28.78 13.63
C VAL C 275 7.28 29.80 14.41
N ILE C 276 8.04 30.62 13.71
CA ILE C 276 8.77 31.71 14.34
C ILE C 276 8.78 32.97 13.46
N SER C 277 8.68 34.12 14.13
CA SER C 277 8.36 35.41 13.51
C SER C 277 9.58 36.24 13.07
N ALA C 278 9.58 36.66 11.80
CA ALA C 278 10.55 37.61 11.30
C ALA C 278 10.44 38.92 12.10
N GLU C 279 11.50 39.73 12.13
CA GLU C 279 11.51 41.04 12.82
C GLU C 279 11.16 40.92 14.30
N GLN C 285 19.03 29.38 14.01
CA GLN C 285 17.81 28.62 13.75
C GLN C 285 17.83 27.23 14.38
N LEU C 286 16.65 26.63 14.51
CA LEU C 286 16.45 25.47 15.39
C LEU C 286 17.04 24.17 14.89
N SER C 287 17.28 23.26 15.83
CA SER C 287 17.92 21.97 15.59
C SER C 287 16.95 20.87 15.13
N VAL C 288 17.41 20.02 14.22
CA VAL C 288 16.65 18.85 13.79
C VAL C 288 15.97 18.19 14.96
N ALA C 289 16.71 18.04 16.06
CA ALA C 289 16.21 17.46 17.30
C ALA C 289 15.03 18.26 17.86
N GLU C 290 15.25 19.55 18.09
CA GLU C 290 14.29 20.41 18.81
C GLU C 290 12.90 20.52 18.17
N ILE C 291 12.86 20.57 16.84
CA ILE C 291 11.60 20.72 16.09
C ILE C 291 10.73 19.48 16.12
N THR C 292 11.37 18.31 16.05
CA THR C 292 10.72 17.04 16.32
C THR C 292 10.08 17.07 17.70
N ASN C 293 10.88 17.49 18.70
CA ASN C 293 10.44 17.57 20.09
C ASN C 293 9.40 18.67 20.34
N ALA C 294 8.96 19.30 19.27
CA ALA C 294 7.91 20.32 19.30
C ALA C 294 6.61 19.70 18.87
N CYS C 295 6.67 18.84 17.86
CA CYS C 295 5.50 18.19 17.30
C CYS C 295 4.63 17.58 18.36
N PHE C 296 5.26 17.23 19.47
CA PHE C 296 4.56 16.66 20.60
C PHE C 296 4.48 17.71 21.71
N GLU C 297 3.76 18.78 21.42
CA GLU C 297 3.54 19.87 22.37
C GLU C 297 2.16 20.44 22.13
N PRO C 298 1.21 20.13 23.01
CA PRO C 298 -0.18 20.58 22.89
C PRO C 298 -0.41 22.03 22.39
N ALA C 299 0.57 22.89 22.66
CA ALA C 299 0.53 24.29 22.22
C ALA C 299 0.58 24.43 20.70
N ASN C 300 1.56 23.75 20.10
CA ASN C 300 1.85 23.80 18.66
C ASN C 300 0.87 22.96 17.84
N GLN C 301 -0.14 22.43 18.51
CA GLN C 301 -1.14 21.56 17.92
C GLN C 301 -2.02 22.27 16.91
N MET C 302 -2.88 21.50 16.26
CA MET C 302 -3.65 21.99 15.13
C MET C 302 -5.14 21.90 15.38
N VAL C 303 -5.48 21.20 16.45
CA VAL C 303 -6.83 21.11 16.98
C VAL C 303 -6.67 21.15 18.50
N LYS C 304 -7.41 22.04 19.16
CA LYS C 304 -7.32 22.19 20.60
C LYS C 304 -7.82 20.90 21.27
N CYS C 305 -6.90 20.13 21.86
CA CYS C 305 -7.22 18.95 22.66
C CYS C 305 -6.05 18.61 23.61
N ASP C 306 -5.80 17.32 23.84
CA ASP C 306 -4.71 16.82 24.71
C ASP C 306 -4.37 15.35 24.41
N PRO C 307 -3.41 15.12 23.52
CA PRO C 307 -3.10 13.76 23.07
C PRO C 307 -2.18 12.98 24.00
N ARG C 308 -1.77 13.60 25.11
CA ARG C 308 -0.91 12.92 26.09
C ARG C 308 -1.70 11.88 26.87
N HIS C 309 -3.04 12.01 26.84
CA HIS C 309 -3.94 11.11 27.56
C HIS C 309 -4.78 10.15 26.68
N GLY C 310 -5.04 10.53 25.44
CA GLY C 310 -5.60 9.58 24.48
C GLY C 310 -4.48 8.73 23.88
N LYS C 311 -4.81 7.58 23.29
CA LYS C 311 -3.80 6.73 22.63
C LYS C 311 -3.62 7.14 21.16
N TYR C 312 -2.36 7.14 20.72
CA TYR C 312 -2.01 7.28 19.31
C TYR C 312 -2.27 5.96 18.61
N MET C 313 -2.71 6.00 17.36
CA MET C 313 -2.92 4.75 16.64
C MET C 313 -2.33 4.71 15.25
N ALA C 314 -1.69 5.80 14.88
CA ALA C 314 -0.82 5.85 13.72
C ALA C 314 -0.13 7.20 13.71
N CYS C 315 1.16 7.17 13.42
CA CYS C 315 1.95 8.40 13.47
C CYS C 315 2.87 8.60 12.27
N CYS C 316 2.71 9.74 11.59
CA CYS C 316 3.58 10.14 10.49
C CYS C 316 4.40 11.37 10.90
N LEU C 317 5.62 11.48 10.37
CA LEU C 317 6.43 12.68 10.54
C LEU C 317 6.84 13.18 9.17
N LEU C 318 6.33 14.35 8.80
CA LEU C 318 6.66 14.91 7.49
C LEU C 318 7.66 16.06 7.56
N TYR C 319 8.94 15.71 7.34
CA TYR C 319 10.06 16.65 7.32
C TYR C 319 10.17 17.38 5.99
N ARG C 320 10.66 18.62 6.07
CA ARG C 320 10.89 19.48 4.91
C ARG C 320 12.11 20.37 5.14
N GLY C 321 13.08 20.33 4.23
CA GLY C 321 14.26 21.17 4.31
C GLY C 321 15.58 20.42 4.28
N ASP C 322 16.58 20.99 4.97
CA ASP C 322 17.91 20.41 5.04
C ASP C 322 17.99 19.42 6.21
N VAL C 323 17.91 18.13 5.90
CA VAL C 323 17.94 17.05 6.90
C VAL C 323 18.54 15.74 6.37
N VAL C 324 19.50 15.19 7.10
CA VAL C 324 19.97 13.80 6.89
C VAL C 324 19.23 12.93 7.92
N PRO C 325 18.62 11.83 7.46
CA PRO C 325 17.90 10.90 8.34
C PRO C 325 18.73 10.50 9.56
N LYS C 326 20.05 10.48 9.41
CA LYS C 326 20.98 10.11 10.47
C LYS C 326 20.69 10.91 11.73
N ASP C 327 20.04 12.06 11.53
CA ASP C 327 19.66 12.96 12.62
C ASP C 327 18.27 12.59 13.13
N VAL C 328 17.33 12.49 12.22
CA VAL C 328 15.94 12.23 12.56
C VAL C 328 15.86 11.12 13.59
N ASN C 329 16.59 10.06 13.34
CA ASN C 329 16.48 8.85 14.14
C ASN C 329 16.71 9.06 15.61
N ALA C 330 17.96 9.29 16.00
CA ALA C 330 18.33 9.46 17.41
C ALA C 330 17.49 10.54 18.12
N ALA C 331 16.97 11.50 17.34
CA ALA C 331 16.03 12.50 17.83
C ALA C 331 14.75 11.82 18.30
N ILE C 332 14.12 11.03 17.42
CA ILE C 332 12.97 10.21 17.79
C ILE C 332 13.31 9.35 19.00
N ALA C 333 14.48 8.71 18.97
CA ALA C 333 14.90 7.79 20.02
C ALA C 333 14.59 8.35 21.40
N THR C 334 14.98 9.60 21.63
CA THR C 334 14.73 10.28 22.90
C THR C 334 13.44 11.11 22.92
N ILE C 335 12.56 10.89 21.94
CA ILE C 335 11.14 11.22 22.10
C ILE C 335 10.51 10.12 22.97
N LYS C 336 11.04 8.89 22.88
CA LYS C 336 10.51 7.70 23.58
C LYS C 336 11.06 7.43 24.99
N THR C 337 12.33 7.81 25.22
CA THR C 337 12.99 7.70 26.54
C THR C 337 12.85 8.96 27.42
N LYS C 338 12.11 9.96 26.95
CA LYS C 338 11.80 11.14 27.74
C LYS C 338 10.29 11.33 27.84
N ARG C 339 9.62 11.55 26.71
CA ARG C 339 8.20 11.89 26.71
C ARG C 339 7.27 10.67 26.77
N THR C 340 5.99 10.93 26.48
CA THR C 340 4.91 9.93 26.53
C THR C 340 4.66 9.19 25.19
N ILE C 341 5.28 8.02 25.12
CA ILE C 341 5.09 7.00 24.10
C ILE C 341 3.65 7.01 23.60
N GLN C 342 2.76 6.36 24.35
CA GLN C 342 1.30 6.51 24.22
C GLN C 342 0.66 5.76 23.04
N PHE C 343 1.04 4.49 22.85
CA PHE C 343 0.51 3.73 21.72
C PHE C 343 -0.67 2.83 21.98
N VAL C 344 -1.37 2.46 20.90
CA VAL C 344 -2.53 1.61 21.03
C VAL C 344 -2.13 0.14 21.24
N ASP C 345 -3.09 -0.67 21.64
CA ASP C 345 -2.91 -2.10 21.86
C ASP C 345 -2.33 -2.89 20.67
N TRP C 346 -2.62 -2.47 19.44
CA TRP C 346 -2.47 -3.38 18.28
C TRP C 346 -1.82 -2.88 16.97
N CYS C 347 -1.16 -1.72 16.96
CA CYS C 347 -0.44 -1.29 15.76
C CYS C 347 1.01 -0.93 16.04
N PRO C 348 1.98 -1.55 15.33
CA PRO C 348 3.42 -1.48 15.63
C PRO C 348 3.90 -0.45 16.72
N THR C 349 4.76 0.53 16.39
CA THR C 349 4.91 1.82 17.11
C THR C 349 5.34 2.87 16.08
N GLY C 350 4.54 2.93 14.99
CA GLY C 350 4.58 3.91 13.90
C GLY C 350 5.88 4.54 13.39
N PHE C 351 5.74 5.78 12.93
CA PHE C 351 6.82 6.61 12.41
C PHE C 351 7.27 6.25 11.00
N LYS C 352 6.32 6.34 10.06
CA LYS C 352 6.64 6.55 8.66
C LYS C 352 7.30 7.94 8.69
N VAL C 353 8.42 8.08 7.99
CA VAL C 353 9.17 9.33 8.05
C VAL C 353 9.48 9.83 6.66
N GLY C 354 9.03 11.06 6.38
CA GLY C 354 9.01 11.59 5.04
C GLY C 354 9.91 12.78 4.85
N ILE C 355 11.02 12.55 4.16
CA ILE C 355 12.00 13.59 3.90
C ILE C 355 11.75 14.25 2.56
N ASN C 356 11.67 15.59 2.57
CA ASN C 356 11.62 16.43 1.37
C ASN C 356 12.66 17.57 1.39
N TYR C 357 13.71 17.46 0.58
CA TYR C 357 14.86 18.38 0.62
C TYR C 357 14.57 19.81 0.23
N GLN C 358 13.38 20.06 -0.28
CA GLN C 358 12.97 21.39 -0.69
C GLN C 358 12.75 22.35 0.49
N PRO C 359 13.67 23.32 0.68
CA PRO C 359 13.61 24.26 1.80
C PRO C 359 12.30 25.06 1.79
N PRO C 360 11.72 25.24 2.98
CA PRO C 360 10.40 25.88 3.12
C PRO C 360 10.37 27.39 2.84
N THR C 361 9.55 27.80 1.88
CA THR C 361 9.41 29.21 1.51
C THR C 361 8.24 29.85 2.22
N VAL C 362 8.46 31.07 2.70
CA VAL C 362 7.42 31.83 3.38
C VAL C 362 7.03 33.03 2.54
N VAL C 363 5.80 33.49 2.77
CA VAL C 363 5.21 34.65 2.10
C VAL C 363 6.00 35.93 2.41
N PRO C 364 6.30 36.74 1.38
CA PRO C 364 7.43 37.69 1.42
C PRO C 364 7.44 38.70 2.59
N GLY C 365 6.50 39.63 2.61
CA GLY C 365 6.30 40.53 3.73
C GLY C 365 5.26 39.98 4.69
N GLY C 366 5.31 38.67 4.94
CA GLY C 366 4.40 37.95 5.83
C GLY C 366 4.78 38.11 7.29
N ASP C 367 4.46 37.10 8.11
CA ASP C 367 4.66 37.19 9.56
C ASP C 367 5.83 36.32 10.07
N LEU C 368 6.05 35.21 9.38
CA LEU C 368 7.01 34.18 9.76
C LEU C 368 8.34 34.41 9.01
N ALA C 369 9.38 33.67 9.39
CA ALA C 369 10.67 33.78 8.70
C ALA C 369 11.04 32.53 7.91
N LYS C 370 12.04 32.69 7.04
CA LYS C 370 12.61 31.59 6.27
C LYS C 370 13.28 30.61 7.23
N VAL C 371 12.84 29.35 7.20
CA VAL C 371 13.45 28.34 8.07
C VAL C 371 14.26 27.30 7.30
N GLN C 372 15.29 26.78 7.97
CA GLN C 372 16.19 25.80 7.38
C GLN C 372 15.51 24.43 7.26
N ARG C 373 14.87 24.03 8.36
CA ARG C 373 14.17 22.76 8.47
C ARG C 373 12.83 22.94 9.20
N ALA C 374 11.80 22.25 8.73
CA ALA C 374 10.47 22.29 9.34
C ALA C 374 9.87 20.89 9.37
N VAL C 375 9.06 20.61 10.38
CA VAL C 375 8.49 19.26 10.57
C VAL C 375 6.96 19.32 10.62
N CYS C 376 6.28 18.19 10.39
CA CYS C 376 4.83 18.25 10.26
C CYS C 376 3.91 17.19 10.85
N MET C 377 4.43 16.08 11.35
CA MET C 377 3.65 15.17 12.18
C MET C 377 2.15 15.06 11.90
N LEU C 378 1.76 13.93 11.33
CA LEU C 378 0.35 13.62 11.14
C LEU C 378 0.00 12.42 12.01
N SER C 379 -0.70 12.70 13.09
CA SER C 379 -1.03 11.68 14.06
C SER C 379 -2.52 11.40 14.08
N ASN C 380 -2.90 10.13 14.16
CA ASN C 380 -4.31 9.75 14.28
C ASN C 380 -4.55 9.31 15.69
N THR C 381 -4.65 10.29 16.58
CA THR C 381 -4.87 9.97 17.99
C THR C 381 -6.35 9.93 18.29
N THR C 382 -6.67 9.30 19.41
CA THR C 382 -8.06 9.15 19.82
C THR C 382 -8.48 10.31 20.66
N ALA C 383 -7.56 11.25 20.86
CA ALA C 383 -7.84 12.41 21.69
C ALA C 383 -8.45 13.53 20.86
N ILE C 384 -8.41 13.38 19.54
CA ILE C 384 -9.01 14.36 18.66
C ILE C 384 -10.53 14.26 18.66
N ALA C 385 -11.07 13.27 19.36
CA ALA C 385 -12.50 13.23 19.55
C ALA C 385 -12.93 14.10 20.73
N GLU C 386 -11.95 14.73 21.37
CA GLU C 386 -12.18 15.75 22.40
C GLU C 386 -12.95 16.92 21.83
N ALA C 387 -12.66 17.24 20.58
CA ALA C 387 -13.32 18.32 19.88
C ALA C 387 -14.54 17.81 19.17
N TRP C 388 -14.69 16.50 19.21
CA TRP C 388 -15.92 15.95 18.67
C TRP C 388 -17.03 16.11 19.69
N ALA C 389 -16.68 16.21 20.96
CA ALA C 389 -17.68 16.44 21.98
C ALA C 389 -17.83 17.93 22.30
N ARG C 390 -16.70 18.64 22.38
CA ARG C 390 -16.70 20.06 22.72
C ARG C 390 -17.59 20.81 21.76
N LEU C 391 -17.84 20.18 20.63
CA LEU C 391 -18.86 20.58 19.69
C LEU C 391 -20.17 20.01 20.15
N ASP C 392 -20.40 18.72 19.86
CA ASP C 392 -21.59 18.00 20.31
C ASP C 392 -22.35 18.71 21.41
N HIS C 393 -21.64 19.06 22.51
CA HIS C 393 -22.25 19.59 23.74
C HIS C 393 -23.04 20.86 23.50
N LYS C 394 -22.47 21.79 22.74
CA LYS C 394 -23.22 22.97 22.33
C LYS C 394 -24.48 22.54 21.59
N PHE C 395 -24.31 21.78 20.50
CA PHE C 395 -25.42 21.25 19.71
C PHE C 395 -26.51 20.66 20.59
N ASP C 396 -26.11 19.79 21.53
CA ASP C 396 -27.02 19.19 22.51
C ASP C 396 -27.82 20.24 23.28
N LEU C 397 -27.09 21.21 23.84
CA LEU C 397 -27.62 22.11 24.85
C LEU C 397 -28.53 23.15 24.23
N MET C 398 -28.54 23.19 22.90
CA MET C 398 -29.40 24.08 22.13
C MET C 398 -30.63 23.32 21.65
N TYR C 399 -30.42 22.28 20.85
CA TYR C 399 -31.52 21.47 20.28
C TYR C 399 -32.48 21.07 21.38
N ALA C 400 -31.92 20.91 22.58
CA ALA C 400 -32.68 20.68 23.80
C ALA C 400 -33.86 21.65 23.96
N LYS C 401 -33.79 22.77 23.27
CA LYS C 401 -34.80 23.81 23.39
C LYS C 401 -35.36 24.16 22.03
N ARG C 402 -35.04 23.32 21.04
CA ARG C 402 -35.30 23.62 19.62
C ARG C 402 -34.62 24.93 19.23
N ALA C 403 -34.02 25.57 20.22
CA ALA C 403 -33.24 26.80 20.04
C ALA C 403 -33.46 27.51 18.70
N PHE C 404 -32.66 27.16 17.69
CA PHE C 404 -32.72 27.89 16.44
C PHE C 404 -33.37 27.08 15.33
N VAL C 405 -33.76 25.86 15.67
CA VAL C 405 -34.29 24.90 14.72
C VAL C 405 -35.20 25.47 13.67
N HIS C 406 -36.12 26.33 14.07
CA HIS C 406 -37.18 26.73 13.18
C HIS C 406 -36.67 27.34 11.90
N TRP C 407 -35.46 27.88 11.90
CA TRP C 407 -34.88 28.42 10.66
C TRP C 407 -34.57 27.35 9.59
N TYR C 408 -34.44 26.11 10.04
CA TYR C 408 -34.10 24.98 9.22
C TYR C 408 -35.38 24.37 8.67
N VAL C 409 -36.23 23.87 9.56
CA VAL C 409 -37.56 23.37 9.20
C VAL C 409 -38.17 24.36 8.22
N GLY C 410 -37.74 25.60 8.34
CA GLY C 410 -38.20 26.71 7.52
C GLY C 410 -37.84 26.46 6.10
N GLU C 411 -36.55 26.48 5.80
CA GLU C 411 -36.10 26.33 4.41
C GLU C 411 -36.53 25.02 3.77
N GLY C 412 -36.71 23.97 4.57
CA GLY C 412 -37.37 22.79 4.10
C GLY C 412 -37.08 21.54 4.88
N MET C 413 -36.32 21.67 5.96
CA MET C 413 -35.76 20.50 6.64
C MET C 413 -36.66 19.79 7.63
N GLU C 414 -36.15 18.71 8.20
CA GLU C 414 -36.92 17.77 9.02
C GLU C 414 -36.45 17.70 10.47
N GLU C 415 -37.37 17.98 11.37
CA GLU C 415 -37.11 17.85 12.80
C GLU C 415 -36.21 16.67 13.16
N GLY C 416 -36.40 15.55 12.46
CA GLY C 416 -35.71 14.32 12.78
C GLY C 416 -34.34 14.15 12.16
N GLU C 417 -34.05 14.87 11.08
CA GLU C 417 -32.75 14.82 10.40
C GLU C 417 -31.64 15.40 11.28
N PHE C 418 -32.07 16.23 12.24
CA PHE C 418 -31.24 16.75 13.34
C PHE C 418 -30.96 15.66 14.36
N SER C 419 -32.05 15.07 14.84
CA SER C 419 -32.01 13.92 15.73
C SER C 419 -30.92 13.03 15.22
N GLU C 420 -31.20 12.51 14.03
CA GLU C 420 -30.43 11.51 13.31
C GLU C 420 -28.94 11.81 13.10
N ALA C 421 -28.58 13.08 13.11
CA ALA C 421 -27.18 13.47 12.91
C ALA C 421 -26.42 13.48 14.21
N ARG C 422 -27.09 13.89 15.29
CA ARG C 422 -26.50 13.80 16.62
C ARG C 422 -26.30 12.33 16.93
N GLU C 423 -27.27 11.52 16.52
CA GLU C 423 -27.17 10.07 16.63
C GLU C 423 -25.83 9.56 16.12
N ASP C 424 -25.40 10.11 14.99
CA ASP C 424 -24.16 9.67 14.34
C ASP C 424 -22.90 10.01 15.12
N MET C 425 -22.83 11.23 15.63
CA MET C 425 -21.74 11.66 16.51
C MET C 425 -21.68 10.83 17.78
N ALA C 426 -22.83 10.67 18.44
CA ALA C 426 -22.93 9.81 19.60
C ALA C 426 -22.24 8.50 19.30
N ALA C 427 -22.66 7.86 18.23
CA ALA C 427 -22.08 6.60 17.78
C ALA C 427 -20.58 6.69 17.43
N LEU C 428 -20.17 7.80 16.80
CA LEU C 428 -18.76 8.03 16.46
C LEU C 428 -17.94 8.21 17.74
N GLU C 429 -18.28 9.24 18.52
CA GLU C 429 -17.76 9.45 19.87
C GLU C 429 -17.57 8.14 20.59
N LYS C 430 -18.37 7.14 20.18
CA LYS C 430 -18.33 5.77 20.71
C LYS C 430 -17.21 4.93 20.11
N ASP C 431 -17.07 4.95 18.80
CA ASP C 431 -16.00 4.20 18.17
C ASP C 431 -14.63 4.68 18.66
N TYR C 432 -14.48 6.00 18.74
CA TYR C 432 -13.23 6.62 19.17
C TYR C 432 -12.83 6.24 20.58
N GLU C 433 -13.83 6.02 21.44
CA GLU C 433 -13.63 5.53 22.80
C GLU C 433 -13.33 4.05 22.77
N GLU C 434 -13.97 3.35 21.84
CA GLU C 434 -13.88 1.91 21.70
C GLU C 434 -12.56 1.42 21.09
N VAL C 435 -11.59 2.31 20.93
CA VAL C 435 -10.31 1.90 20.36
C VAL C 435 -9.21 1.82 21.44
N GLY C 436 -9.52 2.25 22.67
CA GLY C 436 -8.58 2.16 23.77
C GLY C 436 -8.41 0.74 24.32
N VAL C 437 -7.15 0.37 24.55
CA VAL C 437 -6.71 -0.88 25.20
C VAL C 437 -7.47 -2.17 24.85
N ASP C 438 -7.23 -3.24 25.60
CA ASP C 438 -7.83 -4.55 25.31
C ASP C 438 -8.37 -5.26 26.55
N ARG D 2 -27.33 42.91 0.30
CA ARG D 2 -27.26 42.93 -1.20
C ARG D 2 -27.96 44.16 -1.78
N GLU D 3 -29.01 44.67 -1.13
CA GLU D 3 -29.82 45.81 -1.60
C GLU D 3 -31.11 45.91 -0.77
N ILE D 4 -31.42 47.07 -0.20
CA ILE D 4 -32.63 47.21 0.67
C ILE D 4 -33.53 48.42 0.38
N VAL D 5 -34.85 48.23 0.25
CA VAL D 5 -35.77 49.37 0.17
C VAL D 5 -36.38 49.77 1.51
N HIS D 6 -36.89 50.98 1.52
CA HIS D 6 -37.31 51.62 2.74
C HIS D 6 -38.71 52.23 2.60
N ILE D 7 -39.62 51.86 3.50
CA ILE D 7 -40.95 52.42 3.49
C ILE D 7 -41.06 53.17 4.76
N GLN D 8 -41.57 54.39 4.64
CA GLN D 8 -41.53 55.31 5.74
C GLN D 8 -42.89 56.01 5.87
N ALA D 9 -43.75 55.48 6.75
CA ALA D 9 -45.17 55.81 6.70
C ALA D 9 -45.73 56.36 7.98
N GLY D 10 -46.31 57.56 7.93
CA GLY D 10 -46.88 58.17 9.13
C GLY D 10 -46.14 59.38 9.64
N GLN D 11 -46.88 60.35 10.13
CA GLN D 11 -46.31 61.57 10.75
C GLN D 11 -45.10 61.23 11.67
N CYS D 12 -45.28 60.26 12.57
CA CYS D 12 -44.20 59.84 13.44
C CYS D 12 -43.22 58.99 12.63
N GLY D 13 -43.73 58.10 11.78
CA GLY D 13 -42.83 57.34 10.93
C GLY D 13 -42.02 58.20 9.97
N ASN D 14 -42.61 59.30 9.51
CA ASN D 14 -42.00 60.06 8.44
C ASN D 14 -40.94 60.99 8.91
N GLN D 15 -41.27 61.75 9.96
CA GLN D 15 -40.31 62.67 10.56
C GLN D 15 -39.14 61.94 11.25
N ILE D 16 -39.30 60.63 11.52
CA ILE D 16 -38.17 59.76 11.89
C ILE D 16 -37.39 59.47 10.62
N GLY D 17 -38.14 59.11 9.58
CA GLY D 17 -37.57 58.73 8.31
C GLY D 17 -36.70 59.83 7.80
N ALA D 18 -37.24 61.03 7.82
CA ALA D 18 -36.50 62.18 7.37
C ALA D 18 -35.13 62.27 8.07
N LYS D 19 -35.13 62.25 9.41
CA LYS D 19 -33.89 62.46 10.18
C LYS D 19 -32.89 61.31 9.93
N PHE D 20 -33.39 60.06 9.94
CA PHE D 20 -32.60 58.92 9.49
C PHE D 20 -31.81 59.30 8.25
N TRP D 21 -32.56 59.59 7.20
CA TRP D 21 -32.01 59.78 5.88
C TRP D 21 -30.91 60.81 5.83
N GLU D 22 -31.16 61.98 6.40
CA GLU D 22 -30.16 63.02 6.32
C GLU D 22 -28.93 62.70 7.18
N VAL D 23 -29.06 61.83 8.19
CA VAL D 23 -27.87 61.44 8.97
C VAL D 23 -27.01 60.39 8.28
N ILE D 24 -27.65 59.40 7.67
CA ILE D 24 -26.90 58.44 6.87
C ILE D 24 -26.41 59.09 5.61
N SER D 25 -27.15 60.08 5.12
CA SER D 25 -26.75 60.78 3.90
C SER D 25 -25.53 61.63 4.12
N ASP D 26 -25.32 62.05 5.36
CA ASP D 26 -24.11 62.75 5.68
C ASP D 26 -22.93 61.79 5.74
N GLU D 27 -23.08 60.64 6.39
CA GLU D 27 -21.98 59.67 6.56
C GLU D 27 -21.38 59.35 5.21
N HIS D 28 -22.25 59.13 4.23
CA HIS D 28 -21.81 58.84 2.88
C HIS D 28 -21.43 60.13 2.20
N GLY D 29 -22.08 61.22 2.59
CA GLY D 29 -21.77 62.52 2.05
C GLY D 29 -22.50 62.70 0.73
N ILE D 30 -23.72 63.23 0.81
CA ILE D 30 -24.50 63.53 -0.38
C ILE D 30 -25.09 64.93 -0.27
N ASP D 31 -24.92 65.72 -1.34
CA ASP D 31 -25.50 67.05 -1.47
C ASP D 31 -27.00 66.90 -1.30
N PRO D 32 -27.65 67.91 -0.71
CA PRO D 32 -29.11 67.92 -0.63
C PRO D 32 -29.77 67.43 -1.93
N THR D 33 -29.05 67.49 -3.05
CA THR D 33 -29.46 66.84 -4.29
C THR D 33 -28.37 65.91 -4.79
N GLY D 34 -27.28 66.51 -5.24
CA GLY D 34 -26.29 65.84 -6.06
C GLY D 34 -25.60 64.62 -5.49
N SER D 35 -24.29 64.60 -5.67
CA SER D 35 -23.50 63.43 -5.37
C SER D 35 -22.48 63.69 -4.28
N TYR D 36 -21.39 62.92 -4.34
CA TYR D 36 -20.40 62.85 -3.28
C TYR D 36 -19.58 64.14 -3.14
N HIS D 37 -19.39 64.53 -1.89
CA HIS D 37 -18.43 65.57 -1.52
C HIS D 37 -17.85 65.21 -0.16
N GLY D 38 -16.62 64.69 -0.18
CA GLY D 38 -15.93 64.24 1.03
C GLY D 38 -14.61 63.56 0.73
N ASP D 39 -13.62 63.79 1.61
CA ASP D 39 -12.26 63.24 1.42
C ASP D 39 -12.14 61.74 1.71
N SER D 40 -13.14 61.17 2.40
CA SER D 40 -13.24 59.72 2.59
C SER D 40 -13.55 59.02 1.23
N ASP D 41 -13.34 57.70 1.16
CA ASP D 41 -13.52 56.96 -0.10
C ASP D 41 -14.28 55.66 0.09
N LEU D 42 -14.34 55.19 1.34
CA LEU D 42 -15.13 54.02 1.71
C LEU D 42 -16.59 54.20 1.32
N GLN D 43 -17.34 54.91 2.16
CA GLN D 43 -18.76 55.27 1.93
C GLN D 43 -19.43 54.47 0.83
N LEU D 44 -19.02 54.76 -0.40
CA LEU D 44 -19.66 54.27 -1.63
C LEU D 44 -19.66 52.74 -1.90
N GLU D 45 -18.86 51.96 -1.15
CA GLU D 45 -18.85 50.48 -1.28
C GLU D 45 -20.25 49.91 -1.12
N ARG D 46 -20.89 50.43 -0.08
CA ARG D 46 -22.13 49.88 0.43
C ARG D 46 -23.24 50.93 0.34
N ILE D 47 -23.03 51.94 -0.51
CA ILE D 47 -24.06 52.94 -0.84
C ILE D 47 -25.03 52.32 -1.83
N ASN D 48 -24.54 51.28 -2.51
CA ASN D 48 -25.32 50.41 -3.36
C ASN D 48 -26.59 50.00 -2.70
N VAL D 49 -26.49 49.77 -1.40
CA VAL D 49 -27.54 49.13 -0.63
C VAL D 49 -28.72 50.04 -0.38
N TYR D 50 -28.47 51.27 0.05
CA TYR D 50 -29.53 52.13 0.52
C TYR D 50 -29.93 53.22 -0.46
N TYR D 51 -29.23 53.30 -1.60
CA TYR D 51 -29.43 54.37 -2.58
C TYR D 51 -29.53 53.86 -4.02
N ASN D 52 -30.72 53.86 -4.61
CA ASN D 52 -30.78 53.54 -6.04
C ASN D 52 -30.37 54.78 -6.80
N GLU D 53 -29.33 54.68 -7.63
CA GLU D 53 -28.76 55.86 -8.32
C GLU D 53 -29.39 56.17 -9.70
N ALA D 54 -29.68 57.45 -9.95
CA ALA D 54 -30.31 57.92 -11.20
C ALA D 54 -29.36 58.78 -12.05
N THR D 55 -29.85 59.28 -13.20
CA THR D 55 -28.99 59.88 -14.25
C THR D 55 -28.25 61.18 -13.86
N GLY D 56 -27.28 61.60 -14.68
CA GLY D 56 -26.37 62.69 -14.33
C GLY D 56 -25.34 62.19 -13.32
N ASN D 57 -25.10 62.97 -12.27
CA ASN D 57 -24.31 62.48 -11.14
C ASN D 57 -25.27 61.69 -10.27
N LYS D 58 -25.86 62.37 -9.28
CA LYS D 58 -27.07 61.97 -8.54
C LYS D 58 -27.07 60.62 -7.79
N TYR D 59 -27.93 60.49 -6.79
CA TYR D 59 -27.90 59.28 -5.97
C TYR D 59 -29.22 58.78 -5.33
N VAL D 60 -30.23 59.65 -5.24
CA VAL D 60 -31.60 59.31 -4.73
C VAL D 60 -31.84 58.02 -3.92
N PRO D 61 -32.28 58.21 -2.67
CA PRO D 61 -32.69 57.10 -1.81
C PRO D 61 -33.71 56.16 -2.42
N ARG D 62 -33.73 54.95 -1.86
CA ARG D 62 -34.70 53.95 -2.19
C ARG D 62 -35.75 54.07 -1.12
N ALA D 63 -36.58 55.08 -1.29
CA ALA D 63 -37.54 55.43 -0.26
C ALA D 63 -38.95 55.57 -0.82
N ILE D 64 -39.91 55.25 0.04
CA ILE D 64 -41.32 55.48 -0.22
C ILE D 64 -41.90 56.10 1.03
N LEU D 65 -42.65 57.17 0.81
CA LEU D 65 -43.27 57.94 1.87
C LEU D 65 -44.76 57.87 1.70
N VAL D 66 -45.39 57.17 2.64
CA VAL D 66 -46.82 57.12 2.70
C VAL D 66 -47.35 57.97 3.87
N ASP D 67 -48.42 58.73 3.58
CA ASP D 67 -49.21 59.40 4.61
C ASP D 67 -50.65 59.46 4.14
N LEU D 68 -51.59 59.60 5.09
CA LEU D 68 -53.01 59.71 4.73
C LEU D 68 -53.53 61.16 4.77
N GLU D 69 -52.59 62.09 4.55
CA GLU D 69 -52.87 63.52 4.41
C GLU D 69 -51.60 64.30 4.00
N PRO D 70 -51.74 65.25 3.06
CA PRO D 70 -50.62 66.13 2.62
C PRO D 70 -49.69 66.64 3.73
N GLY D 71 -50.21 67.49 4.61
CA GLY D 71 -49.51 68.04 5.77
C GLY D 71 -48.04 67.70 6.00
N THR D 72 -47.76 66.47 6.45
CA THR D 72 -46.41 66.09 6.91
C THR D 72 -45.44 65.68 5.79
N MET D 73 -45.95 65.58 4.57
CA MET D 73 -45.13 65.22 3.42
C MET D 73 -44.40 66.43 2.88
N ASP D 74 -45.11 67.56 2.89
CA ASP D 74 -44.57 68.85 2.46
C ASP D 74 -43.74 69.50 3.57
N SER D 75 -43.51 68.72 4.63
CA SER D 75 -42.65 69.13 5.73
C SER D 75 -41.25 68.71 5.37
N VAL D 76 -41.13 67.44 5.00
CA VAL D 76 -39.89 66.92 4.47
C VAL D 76 -39.46 67.76 3.26
N ARG D 77 -40.24 67.72 2.17
CA ARG D 77 -39.85 68.41 0.94
C ARG D 77 -39.49 69.89 1.15
N SER D 78 -40.00 70.49 2.22
CA SER D 78 -39.78 71.91 2.47
C SER D 78 -38.71 72.17 3.54
N GLY D 79 -38.16 71.10 4.13
CA GLY D 79 -37.31 71.22 5.29
C GLY D 79 -35.80 71.06 5.10
N PRO D 80 -35.23 69.93 5.53
CA PRO D 80 -33.78 69.80 5.68
C PRO D 80 -33.16 69.29 4.39
N PHE D 81 -33.15 67.97 4.22
CA PHE D 81 -32.80 67.35 2.96
C PHE D 81 -34.11 67.14 2.23
N GLY D 82 -34.64 68.25 1.74
CA GLY D 82 -35.96 68.27 1.14
C GLY D 82 -36.09 67.50 -0.15
N GLN D 83 -35.76 68.17 -1.25
CA GLN D 83 -35.94 67.61 -2.58
C GLN D 83 -34.91 66.51 -2.88
N ILE D 84 -34.62 65.66 -1.89
CA ILE D 84 -33.70 64.57 -2.16
C ILE D 84 -34.43 63.33 -2.71
N PHE D 85 -35.64 63.07 -2.22
CA PHE D 85 -36.41 61.89 -2.61
C PHE D 85 -37.07 62.12 -3.95
N ARG D 86 -37.11 61.07 -4.75
CA ARG D 86 -37.69 61.10 -6.10
C ARG D 86 -39.16 61.53 -6.05
N PRO D 87 -39.48 62.68 -6.66
CA PRO D 87 -40.82 63.29 -6.60
C PRO D 87 -42.04 62.36 -6.48
N ASP D 88 -42.21 61.40 -7.38
CA ASP D 88 -43.31 60.44 -7.23
C ASP D 88 -42.84 59.15 -6.61
N ASN D 89 -42.31 59.27 -5.41
CA ASN D 89 -42.19 58.17 -4.50
C ASN D 89 -43.06 58.60 -3.33
N PHE D 90 -43.68 59.77 -3.49
CA PHE D 90 -44.52 60.36 -2.46
C PHE D 90 -45.91 59.78 -2.66
N VAL D 91 -46.43 59.06 -1.67
CA VAL D 91 -47.81 58.56 -1.74
C VAL D 91 -48.75 59.33 -0.82
N PHE D 92 -49.42 60.32 -1.43
CA PHE D 92 -50.33 61.25 -0.74
C PHE D 92 -51.57 60.64 -0.14
N GLY D 93 -52.26 61.39 0.70
CA GLY D 93 -53.37 60.83 1.43
C GLY D 93 -54.70 61.51 1.21
N GLN D 94 -54.70 62.85 1.33
CA GLN D 94 -55.89 63.69 1.13
C GLN D 94 -56.92 63.59 2.25
N SER D 95 -57.28 62.35 2.59
CA SER D 95 -58.41 62.03 3.47
C SER D 95 -58.11 62.30 4.96
N GLY D 96 -58.90 61.66 5.83
CA GLY D 96 -58.55 61.53 7.22
C GLY D 96 -57.48 60.46 7.46
N ALA D 97 -56.91 60.52 8.67
CA ALA D 97 -56.00 59.50 9.22
C ALA D 97 -56.72 58.96 10.44
N GLY D 98 -57.12 59.90 11.29
CA GLY D 98 -58.00 59.63 12.40
C GLY D 98 -57.29 59.41 13.72
N ASN D 99 -56.03 58.97 13.65
CA ASN D 99 -55.30 58.46 14.81
C ASN D 99 -56.03 57.20 15.24
N ASN D 100 -56.56 56.49 14.25
CA ASN D 100 -57.38 55.33 14.49
C ASN D 100 -56.93 54.19 13.61
N TRP D 101 -56.69 53.02 14.22
CA TRP D 101 -56.06 51.87 13.52
C TRP D 101 -56.85 51.38 12.30
N ALA D 102 -58.16 51.39 12.43
CA ALA D 102 -59.03 50.80 11.44
C ALA D 102 -58.99 51.61 10.16
N LYS D 103 -59.25 52.91 10.28
CA LYS D 103 -59.25 53.79 9.12
C LYS D 103 -58.02 53.44 8.30
N GLY D 104 -56.88 53.35 8.98
CA GLY D 104 -55.61 53.04 8.35
C GLY D 104 -55.45 51.64 7.79
N HIS D 105 -56.02 50.65 8.48
CA HIS D 105 -55.81 49.25 8.08
C HIS D 105 -56.97 48.72 7.24
N TYR D 106 -58.12 49.38 7.34
CA TYR D 106 -59.32 48.90 6.66
C TYR D 106 -59.90 49.85 5.61
N THR D 107 -60.48 50.96 6.04
CA THR D 107 -61.21 51.81 5.10
C THR D 107 -60.28 52.69 4.27
N GLU D 108 -59.83 53.80 4.84
CA GLU D 108 -59.04 54.82 4.13
C GLU D 108 -57.63 54.34 3.76
N GLY D 109 -57.17 53.31 4.44
CA GLY D 109 -55.88 52.73 4.13
C GLY D 109 -55.96 51.94 2.84
N ALA D 110 -56.73 50.86 2.87
CA ALA D 110 -56.94 50.02 1.68
C ALA D 110 -57.37 50.84 0.48
N GLU D 111 -57.96 51.99 0.77
CA GLU D 111 -58.29 53.01 -0.23
C GLU D 111 -57.05 53.37 -1.02
N LEU D 112 -55.94 53.60 -0.32
CA LEU D 112 -54.66 53.88 -0.95
C LEU D 112 -53.93 52.57 -1.23
N VAL D 113 -53.01 52.18 -0.33
CA VAL D 113 -52.39 50.84 -0.32
C VAL D 113 -51.87 50.31 -1.68
N ASP D 114 -52.81 50.12 -2.60
CA ASP D 114 -52.47 49.61 -3.90
C ASP D 114 -51.56 50.56 -4.68
N SER D 115 -51.62 51.85 -4.36
CA SER D 115 -50.73 52.84 -4.99
C SER D 115 -49.33 52.80 -4.38
N VAL D 116 -49.26 52.49 -3.09
CA VAL D 116 -47.99 52.26 -2.41
C VAL D 116 -47.35 50.99 -3.00
N LEU D 117 -48.06 49.87 -2.91
CA LEU D 117 -47.57 48.64 -3.50
C LEU D 117 -46.98 48.88 -4.91
N ASP D 118 -47.48 49.93 -5.57
CA ASP D 118 -47.08 50.27 -6.94
C ASP D 118 -45.70 50.94 -7.05
N VAL D 119 -45.35 51.79 -6.09
CA VAL D 119 -43.99 52.35 -6.01
C VAL D 119 -43.02 51.27 -5.55
N VAL D 120 -43.36 50.61 -4.43
CA VAL D 120 -42.51 49.57 -3.85
C VAL D 120 -42.21 48.47 -4.85
N ARG D 121 -43.24 48.01 -5.57
CA ARG D 121 -43.09 47.00 -6.58
C ARG D 121 -42.09 47.49 -7.64
N LYS D 122 -42.12 48.80 -7.94
CA LYS D 122 -41.17 49.39 -8.92
C LYS D 122 -39.73 49.26 -8.42
N GLU D 123 -39.44 50.02 -7.35
CA GLU D 123 -38.09 50.10 -6.79
C GLU D 123 -37.46 48.74 -6.62
N SER D 124 -38.26 47.81 -6.10
CA SER D 124 -37.80 46.49 -5.74
C SER D 124 -37.67 45.62 -6.95
N GLU D 125 -38.57 45.81 -7.88
CA GLU D 125 -38.44 45.15 -9.13
C GLU D 125 -37.28 45.74 -9.97
N SER D 126 -36.89 46.98 -9.66
CA SER D 126 -35.74 47.62 -10.33
C SER D 126 -34.42 47.14 -9.71
N CYS D 127 -34.35 47.31 -8.38
CA CYS D 127 -33.35 46.73 -7.48
C CYS D 127 -32.84 45.35 -7.89
N ASP D 128 -31.55 45.25 -8.23
CA ASP D 128 -30.94 44.04 -8.84
C ASP D 128 -30.81 42.74 -7.98
N CYS D 129 -30.61 42.89 -6.67
CA CYS D 129 -30.79 41.76 -5.78
C CYS D 129 -31.45 42.23 -4.50
N LEU D 130 -32.77 42.47 -4.56
CA LEU D 130 -33.43 43.00 -3.36
C LEU D 130 -33.38 42.05 -2.16
N GLN D 131 -32.75 42.49 -1.07
CA GLN D 131 -32.60 41.63 0.09
C GLN D 131 -33.83 41.66 0.98
N GLY D 132 -34.32 42.84 1.30
CA GLY D 132 -35.54 42.95 2.08
C GLY D 132 -35.96 44.40 2.22
N PHE D 133 -37.05 44.67 2.93
CA PHE D 133 -37.44 46.03 3.21
C PHE D 133 -37.25 46.28 4.68
N GLN D 134 -37.15 47.55 5.01
CA GLN D 134 -37.33 48.03 6.37
C GLN D 134 -38.46 49.09 6.44
N LEU D 135 -39.07 49.27 7.60
CA LEU D 135 -40.10 50.27 7.73
C LEU D 135 -40.00 51.07 9.01
N THR D 136 -40.44 52.33 8.95
CA THR D 136 -40.52 53.19 10.13
C THR D 136 -41.95 53.66 10.32
N HIS D 137 -42.37 53.80 11.61
CA HIS D 137 -43.75 54.19 11.97
C HIS D 137 -44.11 54.13 13.45
N SER D 138 -45.09 54.94 13.80
CA SER D 138 -45.71 54.92 15.14
C SER D 138 -46.65 53.71 15.33
N LEU D 139 -46.98 53.43 16.60
CA LEU D 139 -47.80 52.26 16.96
C LEU D 139 -49.11 52.67 17.62
N GLY D 140 -49.16 53.87 18.17
CA GLY D 140 -50.42 54.47 18.59
C GLY D 140 -50.77 55.57 17.61
N GLY D 141 -51.78 55.35 16.78
CA GLY D 141 -52.05 56.22 15.64
C GLY D 141 -52.09 55.47 14.32
N GLY D 142 -53.14 55.73 13.55
CA GLY D 142 -53.55 54.86 12.45
C GLY D 142 -52.72 54.75 11.19
N THR D 143 -52.32 55.89 10.63
CA THR D 143 -51.66 55.93 9.32
C THR D 143 -50.35 55.12 9.28
N GLY D 144 -49.63 55.16 10.40
CA GLY D 144 -48.41 54.39 10.56
C GLY D 144 -48.73 52.97 10.98
N SER D 145 -49.26 52.85 12.21
CA SER D 145 -49.53 51.55 12.81
C SER D 145 -50.51 50.70 11.98
N GLY D 146 -51.62 51.31 11.54
CA GLY D 146 -52.64 50.59 10.77
C GLY D 146 -52.32 50.29 9.32
N MET D 147 -51.84 51.31 8.60
CA MET D 147 -51.55 51.18 7.17
C MET D 147 -50.36 50.30 6.96
N GLY D 148 -49.36 50.50 7.81
CA GLY D 148 -48.10 49.81 7.70
C GLY D 148 -48.18 48.32 8.03
N THR D 149 -48.89 48.03 9.12
CA THR D 149 -49.17 46.66 9.48
C THR D 149 -49.88 45.99 8.33
N LEU D 150 -50.72 46.78 7.64
CA LEU D 150 -51.36 46.34 6.39
C LEU D 150 -50.30 46.18 5.29
N LEU D 151 -49.58 47.27 5.05
CA LEU D 151 -48.52 47.29 4.07
C LEU D 151 -47.71 45.99 4.16
N ILE D 152 -47.18 45.71 5.35
CA ILE D 152 -46.31 44.55 5.61
C ILE D 152 -46.99 43.22 5.22
N SER D 153 -48.28 43.15 5.57
CA SER D 153 -49.06 41.95 5.35
C SER D 153 -49.20 41.73 3.87
N LYS D 154 -49.31 42.85 3.16
CA LYS D 154 -49.43 42.83 1.73
C LYS D 154 -48.03 42.80 1.10
N ILE D 155 -47.05 43.27 1.88
CA ILE D 155 -45.65 43.34 1.44
C ILE D 155 -45.11 41.93 1.29
N ARG D 156 -45.39 41.15 2.34
CA ARG D 156 -45.24 39.69 2.32
C ARG D 156 -46.25 39.19 1.31
N GLU D 157 -46.44 37.88 1.18
CA GLU D 157 -47.43 37.40 0.20
C GLU D 157 -46.99 37.71 -1.24
N GLU D 158 -46.56 38.96 -1.43
CA GLU D 158 -45.96 39.46 -2.67
C GLU D 158 -44.48 39.03 -2.62
N TYR D 159 -43.94 39.25 -1.40
CA TYR D 159 -42.55 39.05 -1.03
C TYR D 159 -42.55 38.21 0.23
N PRO D 160 -42.59 36.89 0.06
CA PRO D 160 -42.55 35.97 1.20
C PRO D 160 -41.09 35.85 1.58
N ASP D 161 -40.40 34.98 0.84
CA ASP D 161 -39.14 35.25 0.19
C ASP D 161 -38.07 36.11 0.85
N ARG D 162 -38.33 37.43 0.92
CA ARG D 162 -37.39 38.43 1.42
C ARG D 162 -37.75 38.85 2.82
N ILE D 163 -36.75 39.34 3.57
CA ILE D 163 -36.93 39.53 5.01
C ILE D 163 -37.45 40.91 5.45
N MET D 164 -38.39 40.91 6.36
CA MET D 164 -39.01 42.15 6.75
C MET D 164 -38.44 42.71 8.10
N ASN D 165 -38.82 43.93 8.52
CA ASN D 165 -38.00 44.70 9.46
C ASN D 165 -38.52 46.08 9.74
N THR D 166 -38.68 46.40 11.01
CA THR D 166 -39.29 47.70 11.35
C THR D 166 -38.74 48.27 12.60
N PHE D 167 -38.62 49.60 12.58
CA PHE D 167 -38.45 50.39 13.78
C PHE D 167 -39.85 50.86 13.98
N SER D 168 -40.43 50.43 15.09
CA SER D 168 -41.77 50.86 15.46
C SER D 168 -41.77 51.62 16.79
N VAL D 169 -42.67 52.58 16.93
CA VAL D 169 -42.57 53.44 18.10
C VAL D 169 -43.71 53.21 19.09
N MET D 170 -43.54 52.15 19.91
CA MET D 170 -44.39 51.92 21.10
C MET D 170 -44.73 53.26 21.79
N PRO D 171 -46.03 53.58 21.94
CA PRO D 171 -46.47 54.83 22.58
C PRO D 171 -46.69 54.78 24.09
N SER D 172 -46.38 55.86 24.75
CA SER D 172 -46.62 55.87 26.17
C SER D 172 -47.84 56.69 26.54
N PRO D 173 -48.46 56.38 27.68
CA PRO D 173 -49.45 57.24 28.32
C PRO D 173 -48.94 58.66 28.57
N LYS D 174 -47.64 58.79 28.86
CA LYS D 174 -47.05 60.11 29.11
C LYS D 174 -46.30 60.51 27.86
N VAL D 175 -46.58 61.74 27.38
CA VAL D 175 -46.08 62.24 26.08
C VAL D 175 -46.61 61.53 24.76
N SER D 176 -47.90 61.84 24.54
CA SER D 176 -48.75 61.45 23.42
C SER D 176 -50.01 62.36 23.34
N ASP D 177 -50.75 62.17 22.24
CA ASP D 177 -51.86 63.02 21.82
C ASP D 177 -53.22 62.36 22.09
N THR D 178 -53.30 61.06 21.77
CA THR D 178 -54.55 60.29 21.74
C THR D 178 -54.81 59.33 22.93
N VAL D 179 -55.93 59.58 23.62
CA VAL D 179 -56.53 58.64 24.55
C VAL D 179 -56.43 57.13 24.15
N VAL D 180 -56.62 56.83 22.87
CA VAL D 180 -56.83 55.45 22.44
C VAL D 180 -55.60 54.58 22.19
N GLU D 181 -54.44 55.18 21.88
CA GLU D 181 -53.22 54.46 21.41
C GLU D 181 -52.99 52.99 21.86
N PRO D 182 -53.13 52.68 23.17
CA PRO D 182 -53.14 51.28 23.61
C PRO D 182 -53.88 50.38 22.61
N TYR D 183 -55.10 50.79 22.23
CA TYR D 183 -55.96 50.05 21.31
C TYR D 183 -55.16 49.93 20.05
N ASN D 184 -54.67 51.06 19.55
CA ASN D 184 -53.95 51.08 18.29
C ASN D 184 -52.74 50.15 18.30
N ALA D 185 -52.05 50.16 19.46
CA ALA D 185 -50.81 49.40 19.64
C ALA D 185 -51.02 47.87 19.58
N THR D 186 -51.84 47.40 20.51
CA THR D 186 -52.20 45.99 20.65
C THR D 186 -52.58 45.38 19.31
N LEU D 187 -53.18 46.20 18.46
CA LEU D 187 -53.75 45.75 17.20
C LEU D 187 -52.66 45.49 16.15
N SER D 188 -51.59 46.29 16.28
CA SER D 188 -50.45 46.24 15.35
C SER D 188 -49.38 45.23 15.84
N VAL D 189 -49.20 45.22 17.17
CA VAL D 189 -48.35 44.32 17.93
C VAL D 189 -48.66 42.91 17.48
N HIS D 190 -49.94 42.55 17.65
CA HIS D 190 -50.52 41.36 17.05
C HIS D 190 -50.04 41.22 15.59
N GLN D 191 -50.28 42.24 14.78
CA GLN D 191 -49.96 42.18 13.37
C GLN D 191 -48.46 41.87 13.13
N LEU D 192 -47.62 42.61 13.87
CA LEU D 192 -46.14 42.59 13.72
C LEU D 192 -45.59 41.20 14.01
N VAL D 193 -45.90 40.77 15.23
CA VAL D 193 -45.45 39.51 15.80
C VAL D 193 -45.64 38.28 14.90
N GLU D 194 -46.32 38.42 13.76
CA GLU D 194 -46.58 37.29 12.86
C GLU D 194 -46.01 37.55 11.49
N ASN D 195 -45.69 38.84 11.25
CA ASN D 195 -45.30 39.33 9.91
C ASN D 195 -43.89 39.94 9.67
N THR D 196 -43.28 40.46 10.74
CA THR D 196 -41.92 41.00 10.64
C THR D 196 -40.88 39.93 10.95
N ASP D 197 -39.62 40.26 10.79
CA ASP D 197 -38.55 39.30 11.09
C ASP D 197 -37.66 39.79 12.21
N GLU D 198 -37.61 41.11 12.39
CA GLU D 198 -37.01 41.80 13.55
C GLU D 198 -37.79 43.09 13.69
N THR D 199 -37.91 43.56 14.91
CA THR D 199 -38.69 44.75 15.16
C THR D 199 -38.15 45.59 16.34
N TYR D 200 -37.32 46.58 16.00
CA TYR D 200 -36.71 47.44 17.01
C TYR D 200 -37.83 48.14 17.73
N SER D 201 -37.92 47.82 19.01
CA SER D 201 -38.84 48.43 19.99
C SER D 201 -38.29 49.78 20.43
N ILE D 202 -39.12 50.82 20.34
CA ILE D 202 -38.68 52.15 20.73
C ILE D 202 -39.77 52.85 21.56
N ASP D 203 -39.55 52.92 22.87
CA ASP D 203 -40.52 53.55 23.72
C ASP D 203 -40.29 55.03 23.81
N ASN D 204 -41.39 55.76 23.71
CA ASN D 204 -41.33 57.18 23.89
C ASN D 204 -41.26 57.47 25.36
N GLU D 205 -41.60 56.45 26.18
CA GLU D 205 -41.38 56.49 27.63
C GLU D 205 -39.89 56.51 27.88
N ALA D 206 -39.19 55.73 27.06
CA ALA D 206 -37.74 55.76 27.09
C ALA D 206 -37.29 57.13 26.57
N LEU D 207 -37.48 57.29 25.25
CA LEU D 207 -36.93 58.41 24.51
C LEU D 207 -37.01 59.70 25.26
N TYR D 208 -38.16 59.97 25.89
CA TYR D 208 -38.36 61.17 26.71
C TYR D 208 -37.62 61.08 28.04
N ASP D 209 -37.46 59.83 28.49
CA ASP D 209 -36.80 59.61 29.76
C ASP D 209 -35.28 59.81 29.63
N ILE D 210 -34.71 59.33 28.55
CA ILE D 210 -33.34 59.68 28.20
C ILE D 210 -32.99 61.20 28.16
N CYS D 211 -34.02 62.08 28.14
CA CYS D 211 -33.84 63.51 27.84
C CYS D 211 -33.87 64.36 29.05
N PHE D 212 -34.65 63.94 30.04
CA PHE D 212 -34.85 64.69 31.30
C PHE D 212 -34.11 64.04 32.49
N ARG D 213 -33.90 62.71 32.32
CA ARG D 213 -33.20 61.88 33.31
C ARG D 213 -31.69 62.00 33.11
N THR D 214 -31.36 62.13 31.79
CA THR D 214 -30.00 61.94 31.34
C THR D 214 -29.56 63.12 30.45
N LEU D 215 -30.27 64.25 30.53
CA LEU D 215 -29.90 65.44 29.73
C LEU D 215 -30.19 66.81 30.39
N LYS D 216 -31.08 66.85 31.38
CA LYS D 216 -31.61 68.10 31.96
C LYS D 216 -32.37 68.98 30.93
N LEU D 217 -32.78 68.36 29.82
CA LEU D 217 -33.53 69.00 28.71
C LEU D 217 -35.04 69.24 28.98
N THR D 218 -35.39 70.46 29.43
CA THR D 218 -36.74 70.82 29.91
C THR D 218 -37.91 70.47 28.98
N THR D 219 -38.07 71.25 27.91
CA THR D 219 -39.19 71.13 26.97
C THR D 219 -38.87 70.20 25.78
N PRO D 220 -39.04 68.90 25.95
CA PRO D 220 -38.62 67.93 24.91
C PRO D 220 -39.55 67.94 23.71
N THR D 221 -39.00 68.33 22.56
CA THR D 221 -39.75 68.41 21.32
C THR D 221 -40.11 67.04 20.89
N TYR D 222 -40.78 66.98 19.75
CA TYR D 222 -40.66 65.81 18.89
C TYR D 222 -39.33 65.91 18.16
N GLY D 223 -38.61 66.99 18.46
CA GLY D 223 -37.33 67.27 17.85
C GLY D 223 -36.23 66.44 18.49
N ASP D 224 -35.52 67.10 19.39
CA ASP D 224 -34.50 66.44 20.15
C ASP D 224 -35.22 65.32 20.90
N LEU D 225 -35.17 64.13 20.33
CA LEU D 225 -36.00 63.01 20.78
C LEU D 225 -36.22 62.18 19.55
N ASN D 226 -36.51 62.87 18.45
CA ASN D 226 -36.35 62.21 17.16
C ASN D 226 -34.85 61.93 16.99
N HIS D 227 -34.09 62.97 17.35
CA HIS D 227 -32.63 62.97 17.34
C HIS D 227 -32.00 61.63 17.73
N LEU D 228 -32.49 61.06 18.84
CA LEU D 228 -32.01 59.80 19.37
C LEU D 228 -32.25 58.72 18.37
N VAL D 229 -33.51 58.58 17.97
CA VAL D 229 -33.94 57.53 17.04
C VAL D 229 -33.15 57.49 15.70
N SER D 230 -32.97 58.71 15.16
CA SER D 230 -32.12 59.00 14.02
C SER D 230 -30.72 58.42 14.25
N ALA D 231 -30.12 58.71 15.41
CA ALA D 231 -28.79 58.21 15.74
C ALA D 231 -28.75 56.67 15.80
N THR D 232 -29.69 56.15 16.59
CA THR D 232 -29.77 54.75 16.95
C THR D 232 -29.99 53.94 15.73
N MET D 233 -30.77 54.52 14.83
CA MET D 233 -31.02 53.93 13.54
C MET D 233 -29.80 53.91 12.63
N SER D 234 -28.98 54.94 12.73
CA SER D 234 -27.75 54.87 11.96
C SER D 234 -26.98 53.68 12.52
N GLY D 235 -26.92 53.65 13.88
CA GLY D 235 -26.19 52.65 14.63
C GLY D 235 -26.43 51.28 14.03
N VAL D 236 -27.68 50.87 14.16
CA VAL D 236 -28.11 49.56 13.71
C VAL D 236 -27.80 49.26 12.29
N THR D 237 -27.96 50.22 11.38
CA THR D 237 -27.75 49.97 9.94
C THR D 237 -26.28 49.69 9.51
N THR D 238 -25.41 50.48 10.12
CA THR D 238 -24.01 50.61 9.69
C THR D 238 -23.48 49.44 8.84
N CYS D 239 -23.48 48.25 9.42
CA CYS D 239 -22.65 47.17 8.94
C CYS D 239 -23.31 46.36 7.82
N LEU D 240 -24.54 46.74 7.46
CA LEU D 240 -24.96 46.34 6.11
C LEU D 240 -24.52 47.44 5.13
N ARG D 241 -24.33 48.67 5.65
CA ARG D 241 -23.97 49.83 4.80
C ARG D 241 -22.53 50.42 4.83
N PHE D 242 -21.50 49.64 5.19
CA PHE D 242 -20.17 50.21 5.46
C PHE D 242 -18.83 49.46 5.25
N PRO D 243 -18.42 48.56 6.17
CA PRO D 243 -17.01 48.18 6.28
C PRO D 243 -16.71 47.12 5.27
N GLY D 244 -16.70 45.88 5.75
CA GLY D 244 -16.33 44.69 4.97
C GLY D 244 -15.73 43.69 5.96
N GLN D 245 -15.84 44.08 7.24
CA GLN D 245 -15.40 43.30 8.41
C GLN D 245 -16.52 42.40 8.98
N LEU D 246 -17.77 42.67 8.61
CA LEU D 246 -18.79 41.66 8.76
C LEU D 246 -18.98 40.81 7.45
N ASN D 247 -20.25 40.60 7.11
CA ASN D 247 -20.84 41.02 5.81
C ASN D 247 -22.41 41.08 5.75
N ALA D 248 -23.04 40.62 6.85
CA ALA D 248 -24.31 41.16 7.34
C ALA D 248 -25.62 40.99 6.51
N ASP D 249 -25.77 39.80 5.85
CA ASP D 249 -26.85 39.42 4.89
C ASP D 249 -28.25 39.92 5.08
N LEU D 250 -28.50 40.43 6.31
CA LEU D 250 -29.78 40.87 6.86
C LEU D 250 -30.56 39.64 7.25
N ARG D 251 -30.63 38.68 6.33
CA ARG D 251 -31.06 37.34 6.69
C ARG D 251 -30.13 36.78 7.77
N LYS D 252 -28.86 36.53 7.42
CA LYS D 252 -27.87 35.98 8.36
C LYS D 252 -28.19 36.68 9.62
N LEU D 253 -28.06 37.99 9.51
CA LEU D 253 -28.30 38.90 10.59
C LEU D 253 -29.51 38.60 11.52
N ALA D 254 -30.60 38.14 10.90
CA ALA D 254 -31.77 37.74 11.68
C ALA D 254 -31.61 36.30 12.23
N VAL D 255 -31.22 35.33 11.36
CA VAL D 255 -31.02 33.94 11.78
C VAL D 255 -30.24 33.92 13.08
N ASN D 256 -29.21 34.74 13.19
CA ASN D 256 -28.32 34.69 14.33
C ASN D 256 -28.76 35.46 15.48
N MET D 257 -29.89 36.07 15.30
CA MET D 257 -30.40 36.96 16.30
C MET D 257 -31.71 36.44 16.89
N VAL D 258 -32.33 35.52 16.13
CA VAL D 258 -33.60 34.97 16.57
C VAL D 258 -33.67 33.44 16.80
N PRO D 259 -33.96 33.11 18.06
CA PRO D 259 -34.14 31.72 18.51
C PRO D 259 -35.50 31.14 18.06
N PHE D 260 -36.54 31.87 18.48
CA PHE D 260 -37.97 31.52 18.39
C PHE D 260 -38.82 32.54 17.63
N PRO D 261 -39.56 32.01 16.63
CA PRO D 261 -39.91 32.76 15.40
C PRO D 261 -40.86 33.89 15.72
N ARG D 262 -41.65 33.74 16.79
CA ARG D 262 -42.32 34.87 17.40
C ARG D 262 -41.20 35.73 17.98
N LEU D 263 -41.49 36.48 19.05
CA LEU D 263 -40.44 37.16 19.81
C LEU D 263 -39.23 37.59 18.94
N HIS D 264 -39.34 38.74 18.27
CA HIS D 264 -38.20 39.37 17.58
C HIS D 264 -38.17 40.81 18.02
N PHE D 265 -37.98 40.94 19.32
CA PHE D 265 -38.22 42.23 19.89
C PHE D 265 -36.98 42.83 20.59
N PHE D 266 -35.97 43.03 19.74
CA PHE D 266 -34.79 43.81 20.14
C PHE D 266 -35.13 45.21 20.71
N MET D 267 -35.09 45.36 22.05
CA MET D 267 -34.91 46.69 22.63
C MET D 267 -33.44 47.13 22.38
N PRO D 268 -33.25 48.36 21.86
CA PRO D 268 -31.88 48.85 21.51
C PRO D 268 -31.40 49.86 22.51
N GLY D 269 -30.26 50.49 22.17
CA GLY D 269 -29.62 51.43 23.08
C GLY D 269 -28.41 52.10 22.44
N PHE D 270 -28.01 53.22 23.10
CA PHE D 270 -26.92 54.05 22.57
C PHE D 270 -25.79 54.43 23.52
N ALA D 271 -24.66 54.79 22.89
CA ALA D 271 -23.45 55.19 23.59
C ALA D 271 -23.57 56.61 24.19
N PRO D 272 -23.39 57.66 23.36
CA PRO D 272 -23.58 59.05 23.80
C PRO D 272 -24.91 59.73 23.42
N LEU D 273 -25.05 60.98 23.84
CA LEU D 273 -26.35 61.64 23.89
C LEU D 273 -26.27 63.18 24.07
N THR D 274 -27.43 63.85 24.05
CA THR D 274 -27.57 65.33 23.92
C THR D 274 -27.43 65.81 22.43
N SER D 275 -27.75 67.09 22.17
CA SER D 275 -27.44 67.75 20.88
C SER D 275 -26.92 69.18 21.04
N ARG D 276 -27.71 70.05 21.67
CA ARG D 276 -27.38 71.47 21.83
C ARG D 276 -26.25 71.79 22.86
N GLY D 277 -26.49 72.74 23.78
CA GLY D 277 -25.50 73.26 24.73
C GLY D 277 -24.81 72.31 25.72
N SER D 278 -24.65 71.04 25.29
CA SER D 278 -23.93 69.97 26.01
C SER D 278 -23.02 69.09 25.11
N GLN D 279 -21.97 68.58 25.74
CA GLN D 279 -20.74 68.15 25.08
C GLN D 279 -20.41 66.67 25.28
N GLN D 280 -19.16 66.35 24.96
CA GLN D 280 -18.42 65.26 25.59
C GLN D 280 -16.96 65.73 25.56
N TYR D 281 -16.27 65.67 26.71
CA TYR D 281 -14.87 66.07 26.81
C TYR D 281 -13.93 64.99 26.24
N ARG D 282 -14.22 64.56 25.00
CA ARG D 282 -13.56 63.45 24.28
C ARG D 282 -13.72 62.07 24.98
N ALA D 283 -13.85 62.11 26.31
CA ALA D 283 -13.74 60.98 27.27
C ALA D 283 -14.43 59.62 26.96
N LEU D 284 -15.14 59.51 25.83
CA LEU D 284 -15.71 58.23 25.42
C LEU D 284 -14.55 57.25 25.25
N THR D 285 -14.49 56.25 26.13
CA THR D 285 -13.23 55.56 26.42
C THR D 285 -13.06 54.08 26.01
N VAL D 286 -14.19 53.42 25.71
CA VAL D 286 -14.34 51.95 25.49
C VAL D 286 -14.91 51.27 26.76
N PRO D 287 -14.16 51.18 27.87
CA PRO D 287 -14.78 50.70 29.11
C PRO D 287 -16.03 51.51 29.37
N GLU D 288 -15.86 52.84 29.53
CA GLU D 288 -16.96 53.77 29.84
C GLU D 288 -17.93 53.93 28.68
N LEU D 289 -17.61 53.28 27.56
CA LEU D 289 -18.54 53.16 26.45
C LEU D 289 -19.37 51.86 26.58
N THR D 290 -18.73 50.78 27.02
CA THR D 290 -19.38 49.48 27.10
C THR D 290 -20.35 49.35 28.28
N GLN D 291 -19.89 49.63 29.49
CA GLN D 291 -20.82 49.73 30.65
C GLN D 291 -21.77 50.99 30.57
N GLN D 292 -22.15 51.33 29.33
CA GLN D 292 -23.02 52.48 28.99
C GLN D 292 -24.05 52.05 27.95
N MET D 293 -23.63 51.14 27.11
CA MET D 293 -24.56 50.55 26.16
C MET D 293 -25.07 49.25 26.76
N PHE D 294 -24.75 49.07 28.03
CA PHE D 294 -25.23 47.93 28.75
C PHE D 294 -25.85 48.41 30.02
N ASP D 295 -26.17 49.70 30.05
CA ASP D 295 -26.95 50.26 31.14
C ASP D 295 -28.36 50.57 30.65
N SER D 296 -29.35 50.25 31.51
CA SER D 296 -30.76 50.38 31.16
C SER D 296 -31.18 51.83 30.88
N LYS D 297 -30.92 52.68 31.89
CA LYS D 297 -30.91 54.14 31.71
C LYS D 297 -30.35 54.59 30.31
N ASN D 298 -30.16 53.66 29.38
CA ASN D 298 -29.67 53.99 28.06
C ASN D 298 -30.19 53.00 26.95
N MET D 299 -31.34 52.39 27.30
CA MET D 299 -32.06 51.47 26.40
C MET D 299 -33.11 52.29 25.62
N MET D 300 -33.38 51.81 24.39
CA MET D 300 -34.37 52.45 23.51
C MET D 300 -35.84 52.05 23.77
N ALA D 301 -36.08 50.79 24.15
CA ALA D 301 -37.33 50.45 24.85
C ALA D 301 -37.34 50.90 26.34
N ALA D 302 -38.53 51.12 26.91
CA ALA D 302 -38.62 51.35 28.37
C ALA D 302 -38.80 49.99 29.10
N CYS D 303 -37.67 49.22 29.17
CA CYS D 303 -37.59 47.99 30.00
C CYS D 303 -36.75 48.24 31.26
N ASP D 304 -36.09 47.15 31.72
CA ASP D 304 -34.86 47.24 32.50
C ASP D 304 -34.30 45.89 32.41
N PRO D 305 -33.30 45.77 31.54
CA PRO D 305 -32.71 44.48 31.13
C PRO D 305 -32.05 43.79 32.31
N ARG D 306 -32.66 44.05 33.47
CA ARG D 306 -32.44 43.24 34.65
C ARG D 306 -33.48 42.10 34.81
N HIS D 307 -34.66 42.38 35.40
CA HIS D 307 -35.71 41.35 35.52
C HIS D 307 -36.05 40.82 34.12
N GLY D 308 -35.35 39.76 33.68
CA GLY D 308 -35.34 39.38 32.29
C GLY D 308 -33.91 39.31 31.78
N ARG D 309 -33.63 38.20 31.09
CA ARG D 309 -32.26 37.76 30.75
C ARG D 309 -32.04 37.77 29.25
N TYR D 310 -30.85 38.15 28.81
CA TYR D 310 -30.65 38.40 27.38
C TYR D 310 -30.68 37.10 26.55
N LEU D 311 -31.63 36.98 25.63
CA LEU D 311 -31.55 35.83 24.73
C LEU D 311 -30.24 35.86 23.93
N THR D 312 -30.23 36.75 22.93
CA THR D 312 -29.04 37.06 22.14
C THR D 312 -28.75 38.57 22.24
N VAL D 313 -27.48 38.95 22.10
CA VAL D 313 -27.08 40.34 22.17
C VAL D 313 -26.01 40.67 21.14
N ALA D 314 -26.32 41.55 20.19
CA ALA D 314 -25.29 42.17 19.34
C ALA D 314 -24.92 43.59 19.85
N ALA D 315 -23.65 43.94 19.63
CA ALA D 315 -23.22 45.35 19.59
C ALA D 315 -22.30 45.62 18.36
N VAL D 316 -22.34 46.88 17.92
CA VAL D 316 -21.42 47.38 16.90
C VAL D 316 -20.83 48.72 17.39
N PHE D 317 -19.49 48.77 17.27
CA PHE D 317 -18.65 49.85 17.80
C PHE D 317 -18.09 50.73 16.67
N ARG D 318 -18.03 52.03 16.95
CA ARG D 318 -17.58 53.01 15.97
C ARG D 318 -16.47 53.98 16.42
N GLY D 319 -15.32 53.88 15.74
CA GLY D 319 -14.17 54.74 15.98
C GLY D 319 -12.84 54.06 15.78
N ARG D 320 -11.92 54.72 15.08
CA ARG D 320 -10.56 54.18 14.94
C ARG D 320 -9.96 54.05 16.35
N MET D 321 -10.29 52.92 17.00
CA MET D 321 -9.74 52.55 18.31
C MET D 321 -9.33 51.06 18.33
N SER D 322 -8.60 50.66 19.36
CA SER D 322 -8.07 49.30 19.47
C SER D 322 -9.15 48.35 19.95
N MET D 323 -9.52 47.40 19.08
CA MET D 323 -10.50 46.39 19.45
C MET D 323 -9.87 45.30 20.32
N LYS D 324 -8.54 45.28 20.36
CA LYS D 324 -7.82 44.53 21.37
C LYS D 324 -8.28 44.93 22.81
N GLU D 325 -8.84 46.13 22.94
CA GLU D 325 -9.48 46.56 24.17
C GLU D 325 -10.92 46.03 24.19
N VAL D 326 -11.59 46.13 23.06
CA VAL D 326 -13.02 45.78 22.94
C VAL D 326 -13.40 44.41 23.52
N ASP D 327 -12.77 43.33 23.06
CA ASP D 327 -13.23 42.00 23.44
C ASP D 327 -12.95 41.71 24.88
N GLU D 328 -11.97 42.43 25.40
CA GLU D 328 -11.53 42.37 26.79
C GLU D 328 -12.53 43.07 27.74
N GLN D 329 -13.09 44.20 27.30
CA GLN D 329 -14.18 44.86 28.01
C GLN D 329 -15.45 44.04 27.82
N MET D 330 -15.72 43.64 26.57
CA MET D 330 -16.88 42.82 26.20
C MET D 330 -17.00 41.63 27.16
N LEU D 331 -15.96 40.78 27.14
CA LEU D 331 -15.82 39.69 28.12
C LEU D 331 -16.25 40.18 29.46
N ASN D 332 -15.52 41.18 29.96
CA ASN D 332 -15.71 41.67 31.30
C ASN D 332 -17.17 41.89 31.68
N VAL D 333 -17.98 42.38 30.74
CA VAL D 333 -19.40 42.63 31.07
C VAL D 333 -20.17 41.33 31.34
N GLN D 334 -19.97 40.34 30.43
CA GLN D 334 -20.46 38.96 30.59
C GLN D 334 -20.09 38.22 31.93
N ASN D 335 -19.11 38.75 32.67
CA ASN D 335 -18.63 38.11 33.88
C ASN D 335 -19.01 38.99 35.04
N LYS D 336 -18.95 40.31 34.85
CA LYS D 336 -19.39 41.28 35.86
C LYS D 336 -20.91 41.20 35.96
N ASN D 337 -21.52 40.78 34.83
CA ASN D 337 -22.94 40.44 34.72
C ASN D 337 -23.10 39.12 33.94
N SER D 338 -22.62 38.01 34.51
CA SER D 338 -22.67 36.64 33.92
C SER D 338 -24.04 35.95 34.04
N SER D 339 -24.66 36.13 35.24
CA SER D 339 -26.02 35.69 35.60
C SER D 339 -26.94 35.94 34.40
N TYR D 340 -27.15 37.23 34.10
CA TYR D 340 -28.13 37.73 33.12
C TYR D 340 -27.89 37.52 31.61
N PHE D 341 -27.18 36.46 31.29
CA PHE D 341 -27.26 35.90 29.96
C PHE D 341 -27.78 34.48 30.11
N VAL D 342 -28.45 34.03 29.07
CA VAL D 342 -28.95 32.67 28.98
C VAL D 342 -27.75 31.74 28.76
N GLU D 343 -27.76 30.54 29.36
CA GLU D 343 -26.70 29.58 29.08
C GLU D 343 -26.96 28.79 27.79
N TRP D 344 -28.22 28.43 27.51
CA TRP D 344 -28.54 27.39 26.52
C TRP D 344 -28.31 27.77 25.06
N ILE D 345 -28.16 29.06 24.79
CA ILE D 345 -27.43 29.39 23.53
C ILE D 345 -26.02 29.84 23.90
N PRO D 346 -25.05 29.10 23.35
CA PRO D 346 -23.66 29.15 23.78
C PRO D 346 -23.01 30.51 23.57
N ASN D 347 -22.59 30.79 22.35
CA ASN D 347 -21.81 32.01 22.13
C ASN D 347 -22.63 33.22 21.79
N ASN D 348 -23.62 33.47 22.65
CA ASN D 348 -24.78 34.30 22.32
C ASN D 348 -24.59 35.80 22.51
N VAL D 349 -23.33 36.26 22.59
CA VAL D 349 -23.07 37.71 22.42
C VAL D 349 -21.81 38.04 21.61
N LYS D 350 -21.98 38.06 20.27
CA LYS D 350 -20.95 38.54 19.34
C LYS D 350 -21.06 40.03 19.01
N THR D 351 -19.88 40.64 18.82
CA THR D 351 -19.74 42.08 18.58
C THR D 351 -18.71 42.28 17.51
N ALA D 352 -18.91 43.35 16.74
CA ALA D 352 -17.94 43.77 15.74
C ALA D 352 -17.81 45.30 15.75
N VAL D 353 -16.87 45.77 14.91
CA VAL D 353 -16.41 47.16 14.95
C VAL D 353 -16.12 47.70 13.56
N CYS D 354 -16.76 48.85 13.29
CA CYS D 354 -16.49 49.65 12.11
C CYS D 354 -15.97 51.03 12.57
N ASP D 355 -14.94 51.50 11.86
CA ASP D 355 -14.06 52.59 12.31
C ASP D 355 -14.34 54.02 11.81
N ILE D 356 -15.37 54.21 10.97
CA ILE D 356 -15.71 55.54 10.47
C ILE D 356 -16.84 56.19 11.28
N PRO D 357 -16.47 57.12 12.17
CA PRO D 357 -17.38 57.68 13.18
C PRO D 357 -18.64 58.34 12.59
N PRO D 358 -19.62 58.71 13.42
CA PRO D 358 -20.82 59.42 12.93
C PRO D 358 -20.64 60.95 12.95
N ARG D 359 -21.71 61.70 12.67
CA ARG D 359 -21.72 63.15 12.91
C ARG D 359 -21.29 63.44 14.36
N GLY D 360 -20.40 64.42 14.57
CA GLY D 360 -19.76 64.66 15.86
C GLY D 360 -19.06 63.41 16.40
N LEU D 361 -18.79 63.38 17.71
CA LEU D 361 -18.45 62.13 18.43
C LEU D 361 -17.27 61.27 17.88
N LYS D 362 -16.17 61.22 18.63
CA LYS D 362 -15.00 60.40 18.28
C LYS D 362 -15.26 58.87 18.31
N MET D 363 -15.92 58.44 19.39
CA MET D 363 -16.14 57.03 19.75
C MET D 363 -17.63 56.79 20.11
N SER D 364 -18.25 55.76 19.54
CA SER D 364 -19.65 55.45 19.88
C SER D 364 -20.10 53.99 19.66
N ALA D 365 -21.13 53.62 20.42
CA ALA D 365 -21.67 52.25 20.43
C ALA D 365 -23.20 52.09 20.35
N THR D 366 -23.57 51.05 19.61
CA THR D 366 -24.97 50.71 19.41
C THR D 366 -25.24 49.26 19.88
N PHE D 367 -26.29 49.15 20.72
CA PHE D 367 -26.69 47.88 21.34
C PHE D 367 -27.98 47.39 20.69
N ILE D 368 -27.88 46.26 20.00
CA ILE D 368 -29.07 45.57 19.53
C ILE D 368 -29.33 44.45 20.52
N GLY D 369 -30.62 44.11 20.81
CA GLY D 369 -30.85 43.42 22.12
C GLY D 369 -32.17 42.67 22.60
N ASN D 370 -32.29 41.46 21.95
CA ASN D 370 -33.30 40.44 22.31
C ASN D 370 -33.47 40.12 23.84
N SER D 371 -33.92 41.09 24.64
CA SER D 371 -34.12 40.79 26.05
C SER D 371 -35.57 40.42 26.30
N THR D 372 -35.74 39.32 27.03
CA THR D 372 -37.06 38.89 27.48
C THR D 372 -37.68 39.87 28.47
N ALA D 373 -36.88 40.85 28.89
CA ALA D 373 -37.35 41.97 29.71
C ALA D 373 -38.22 42.93 28.90
N ILE D 374 -38.22 42.72 27.58
CA ILE D 374 -39.16 43.34 26.60
C ILE D 374 -40.65 43.09 27.01
N GLN D 375 -40.85 41.89 27.58
CA GLN D 375 -42.08 41.44 28.26
C GLN D 375 -42.59 42.54 29.15
N GLU D 376 -41.63 43.26 29.72
CA GLU D 376 -41.87 44.41 30.58
C GLU D 376 -42.65 45.54 29.86
N LEU D 377 -42.27 45.78 28.61
CA LEU D 377 -42.95 46.76 27.75
C LEU D 377 -44.37 46.26 27.36
N PHE D 378 -44.47 45.18 26.51
CA PHE D 378 -45.77 44.58 26.16
C PHE D 378 -46.84 44.61 27.34
N LYS D 379 -46.44 44.01 28.46
CA LYS D 379 -47.24 43.99 29.67
C LYS D 379 -47.73 45.37 30.07
N ARG D 380 -46.96 46.41 29.76
CA ARG D 380 -47.32 47.79 30.20
C ARG D 380 -48.53 48.38 29.46
N ILE D 381 -48.59 48.07 28.15
CA ILE D 381 -49.67 48.51 27.25
C ILE D 381 -50.93 47.68 27.53
N SER D 382 -50.78 46.35 27.37
CA SER D 382 -51.85 45.40 27.66
C SER D 382 -52.54 45.67 29.04
N GLU D 383 -51.78 46.32 29.94
CA GLU D 383 -52.26 46.64 31.27
C GLU D 383 -53.23 47.82 31.15
N GLN D 384 -52.94 48.80 30.28
CA GLN D 384 -53.89 49.95 30.07
C GLN D 384 -54.85 49.66 28.90
N PHE D 385 -54.60 48.59 28.15
CA PHE D 385 -55.54 48.14 27.14
C PHE D 385 -56.83 47.57 27.74
N THR D 386 -56.70 46.45 28.48
CA THR D 386 -57.83 45.71 29.10
C THR D 386 -58.46 46.56 30.20
N ALA D 387 -57.69 47.54 30.68
CA ALA D 387 -58.15 48.59 31.57
C ALA D 387 -59.10 49.56 30.85
N MET D 388 -59.11 49.48 29.52
CA MET D 388 -59.96 50.29 28.65
C MET D 388 -61.02 49.44 27.92
N PHE D 389 -60.61 48.29 27.40
CA PHE D 389 -61.55 47.32 26.81
C PHE D 389 -62.53 46.76 27.84
N ARG D 390 -62.24 47.04 29.11
CA ARG D 390 -63.12 46.93 30.27
C ARG D 390 -64.60 47.03 29.88
N ARG D 391 -65.28 48.11 30.29
CA ARG D 391 -66.67 48.34 29.90
C ARG D 391 -66.70 48.88 28.46
N LYS D 392 -65.88 48.25 27.61
CA LYS D 392 -65.68 48.54 26.18
C LYS D 392 -65.91 50.05 25.93
N ALA D 393 -64.93 50.87 26.29
CA ALA D 393 -65.07 52.32 26.15
C ALA D 393 -64.81 52.82 24.70
N PHE D 394 -63.83 53.70 24.49
CA PHE D 394 -63.68 54.40 23.21
C PHE D 394 -63.87 53.53 21.99
N LEU D 395 -64.04 52.23 22.22
CA LEU D 395 -64.16 51.23 21.17
C LEU D 395 -65.12 51.59 20.04
N HIS D 396 -66.18 52.32 20.38
CA HIS D 396 -67.20 52.68 19.39
C HIS D 396 -66.68 53.44 18.16
N TRP D 397 -65.42 53.90 18.18
CA TRP D 397 -64.79 54.52 17.00
C TRP D 397 -64.39 53.48 15.97
N TYR D 398 -64.33 52.24 16.42
CA TYR D 398 -63.95 51.11 15.58
C TYR D 398 -65.17 50.20 15.34
N THR D 399 -65.99 50.03 16.40
CA THR D 399 -67.32 49.45 16.28
C THR D 399 -67.84 49.80 14.89
N GLY D 400 -68.04 51.10 14.70
CA GLY D 400 -68.67 51.65 13.52
C GLY D 400 -67.85 51.52 12.27
N GLU D 401 -66.53 51.50 12.39
CA GLU D 401 -65.67 51.44 11.21
C GLU D 401 -65.76 50.13 10.45
N GLY D 402 -66.34 49.12 11.07
CA GLY D 402 -66.54 47.83 10.43
C GLY D 402 -65.67 46.75 11.03
N MET D 403 -65.33 46.96 12.30
CA MET D 403 -64.47 46.04 13.01
C MET D 403 -65.32 45.23 13.98
N ASP D 404 -64.85 44.02 14.30
CA ASP D 404 -65.60 43.17 15.23
C ASP D 404 -65.31 43.27 16.74
N GLU D 405 -66.41 43.35 17.50
CA GLU D 405 -66.46 43.17 18.94
C GLU D 405 -65.33 42.26 19.48
N MET D 406 -65.34 40.99 19.06
CA MET D 406 -64.37 40.01 19.52
C MET D 406 -62.97 40.16 18.88
N GLU D 407 -62.85 40.98 17.82
CA GLU D 407 -61.58 41.14 17.10
C GLU D 407 -60.51 41.84 17.94
N PHE D 408 -60.97 42.66 18.89
CA PHE D 408 -60.10 43.28 19.90
C PHE D 408 -59.57 42.24 20.90
N THR D 409 -60.50 41.57 21.57
CA THR D 409 -60.15 40.40 22.39
C THR D 409 -59.27 39.32 21.65
N GLU D 410 -59.49 39.13 20.35
CA GLU D 410 -58.75 38.16 19.52
C GLU D 410 -57.26 38.47 19.38
N ALA D 411 -56.93 39.75 19.56
CA ALA D 411 -55.55 40.26 19.50
C ALA D 411 -55.05 40.75 20.87
N GLU D 412 -55.98 40.95 21.83
CA GLU D 412 -55.61 41.13 23.22
C GLU D 412 -54.96 39.86 23.74
N SER D 413 -55.59 38.74 23.39
CA SER D 413 -55.05 37.41 23.67
C SER D 413 -53.71 37.09 22.98
N ASN D 414 -53.59 37.32 21.66
CA ASN D 414 -52.33 37.00 20.96
C ASN D 414 -51.12 37.65 21.63
N MET D 415 -51.40 38.73 22.33
CA MET D 415 -50.41 39.47 23.08
C MET D 415 -50.06 38.82 24.42
N ASN D 416 -51.08 38.43 25.17
CA ASN D 416 -50.90 37.71 26.45
C ASN D 416 -50.27 36.32 26.31
N ASP D 417 -50.18 35.85 25.08
CA ASP D 417 -49.38 34.67 24.84
C ASP D 417 -47.96 35.17 24.85
N LEU D 418 -47.63 36.00 23.87
CA LEU D 418 -46.33 36.63 23.76
C LEU D 418 -45.81 37.19 25.10
N VAL D 419 -46.67 37.53 26.04
CA VAL D 419 -46.18 37.87 27.38
C VAL D 419 -45.53 36.62 27.98
N SER D 420 -46.31 35.54 28.15
CA SER D 420 -45.91 34.39 28.98
C SER D 420 -45.23 33.31 28.18
N GLU D 421 -44.52 33.76 27.15
CA GLU D 421 -43.65 32.94 26.35
C GLU D 421 -42.25 33.41 26.63
N TYR D 422 -42.15 34.74 26.66
CA TYR D 422 -41.03 35.47 27.28
C TYR D 422 -40.84 35.11 28.79
N GLN D 423 -41.94 35.09 29.56
CA GLN D 423 -41.94 34.54 30.91
C GLN D 423 -41.56 33.04 30.93
N GLN D 424 -42.05 32.29 29.94
CA GLN D 424 -41.70 30.89 29.74
C GLN D 424 -40.25 30.70 29.22
N TYR D 425 -39.59 31.79 28.83
CA TYR D 425 -38.15 31.70 28.60
C TYR D 425 -37.36 32.43 29.71
N GLN D 426 -37.61 31.99 30.92
CA GLN D 426 -36.62 32.10 31.96
C GLN D 426 -36.50 30.67 32.50
N ASP D 427 -35.76 29.86 31.68
CA ASP D 427 -35.80 28.38 31.55
C ASP D 427 -34.82 27.54 32.41
N ALA D 428 -34.08 26.62 31.78
CA ALA D 428 -33.16 25.76 32.55
C ALA D 428 -31.97 25.28 31.74
N ALA E 1 50.17 -73.77 0.36
CA ALA E 1 50.56 -74.85 1.32
C ALA E 1 51.35 -76.05 0.72
N ASP E 2 51.59 -76.04 -0.61
CA ASP E 2 52.22 -77.15 -1.41
C ASP E 2 51.23 -78.30 -1.82
N MET E 3 50.75 -78.21 -3.08
CA MET E 3 49.33 -78.44 -3.38
C MET E 3 48.86 -79.29 -4.59
N GLU E 4 49.64 -79.28 -5.67
CA GLU E 4 49.23 -79.80 -6.99
C GLU E 4 48.13 -79.01 -7.71
N VAL E 5 48.39 -78.74 -8.99
CA VAL E 5 47.53 -77.95 -9.85
C VAL E 5 46.81 -78.85 -10.85
N ILE E 6 45.61 -78.45 -11.26
CA ILE E 6 44.86 -79.12 -12.33
C ILE E 6 44.93 -78.25 -13.57
N GLU E 7 45.63 -78.73 -14.60
CA GLU E 7 45.84 -77.92 -15.81
C GLU E 7 44.55 -77.82 -16.64
N LEU E 8 43.93 -76.63 -16.66
CA LEU E 8 42.65 -76.39 -17.38
C LEU E 8 42.78 -75.50 -18.64
N ASN E 9 43.44 -76.03 -19.68
CA ASN E 9 43.58 -75.39 -21.01
C ASN E 9 44.92 -74.67 -21.35
N LYS E 10 45.25 -74.71 -22.64
CA LYS E 10 46.40 -74.01 -23.22
C LYS E 10 46.04 -73.57 -24.65
N CYS E 11 46.15 -72.28 -24.94
CA CYS E 11 45.95 -71.75 -26.30
C CYS E 11 47.04 -70.75 -26.73
N THR E 12 46.78 -70.04 -27.83
CA THR E 12 47.77 -69.20 -28.50
C THR E 12 48.54 -68.26 -27.57
N SER E 13 47.77 -67.45 -26.85
CA SER E 13 48.28 -66.31 -26.05
C SER E 13 47.97 -66.43 -24.52
N GLY E 14 48.10 -67.66 -23.98
CA GLY E 14 47.81 -67.92 -22.58
C GLY E 14 47.87 -69.36 -22.11
N GLN E 15 47.31 -69.61 -20.92
CA GLN E 15 47.34 -70.88 -20.19
C GLN E 15 46.48 -70.69 -18.92
N SER E 16 45.60 -71.64 -18.61
CA SER E 16 44.81 -71.60 -17.39
C SER E 16 45.09 -72.84 -16.56
N PHE E 17 44.88 -72.74 -15.26
CA PHE E 17 45.05 -73.87 -14.36
C PHE E 17 44.46 -73.61 -12.98
N GLU E 18 43.69 -74.57 -12.48
CA GLU E 18 43.18 -74.53 -11.10
C GLU E 18 44.31 -74.87 -10.14
N VAL E 19 44.15 -74.57 -8.85
CA VAL E 19 45.15 -74.99 -7.86
C VAL E 19 44.56 -75.40 -6.47
N ILE E 20 43.54 -76.26 -6.48
CA ILE E 20 42.83 -76.71 -5.26
C ILE E 20 43.77 -77.06 -4.10
N LEU E 21 43.45 -76.55 -2.93
CA LEU E 21 44.39 -76.56 -1.83
C LEU E 21 44.05 -77.53 -0.68
N LYS E 22 42.89 -77.31 -0.05
CA LYS E 22 42.40 -78.14 1.06
C LYS E 22 40.94 -78.55 0.83
N PRO E 23 40.74 -79.75 0.26
CA PRO E 23 39.43 -80.24 -0.21
C PRO E 23 38.19 -79.68 0.49
N PRO E 24 37.12 -79.47 -0.29
CA PRO E 24 35.90 -78.77 0.16
C PRO E 24 35.26 -79.23 1.50
N SER E 25 35.27 -80.52 1.82
CA SER E 25 34.55 -81.11 2.98
C SER E 25 33.04 -80.76 3.03
N PHE E 26 32.21 -81.75 2.68
CA PHE E 26 30.77 -81.54 2.37
C PHE E 26 29.94 -81.01 3.54
N ASP E 27 28.80 -80.37 3.21
CA ASP E 27 27.91 -79.81 4.22
C ASP E 27 26.74 -80.75 4.50
N PRO E 42 12.54 -66.04 -13.74
CA PRO E 42 11.18 -66.08 -14.31
C PRO E 42 10.66 -64.69 -14.79
N SER E 43 11.60 -63.85 -15.27
CA SER E 43 11.43 -62.42 -15.62
C SER E 43 10.01 -61.82 -15.86
N LEU E 44 9.22 -62.47 -16.73
CA LEU E 44 7.83 -62.09 -17.08
C LEU E 44 7.67 -60.80 -17.89
N GLU E 45 6.98 -60.89 -19.04
CA GLU E 45 6.78 -59.72 -19.91
C GLU E 45 5.61 -58.81 -19.52
N GLU E 46 4.48 -59.41 -19.13
CA GLU E 46 3.25 -58.66 -18.75
C GLU E 46 3.43 -57.26 -18.10
N ILE E 47 4.64 -56.95 -17.63
CA ILE E 47 4.98 -55.66 -16.98
C ILE E 47 5.51 -54.55 -17.92
N GLN E 48 4.57 -54.02 -18.71
CA GLN E 48 4.74 -52.87 -19.59
C GLN E 48 3.47 -52.07 -19.35
N LYS E 49 2.50 -52.74 -18.72
CA LYS E 49 1.28 -52.15 -18.18
C LYS E 49 1.58 -51.68 -16.76
N LYS E 50 2.81 -51.91 -16.33
CA LYS E 50 3.30 -51.41 -15.06
C LYS E 50 3.84 -50.02 -15.28
N LEU E 51 4.44 -49.83 -16.46
CA LEU E 51 5.04 -48.57 -16.90
C LEU E 51 3.99 -47.52 -17.35
N GLU E 52 2.76 -47.97 -17.61
CA GLU E 52 1.60 -47.07 -17.83
C GLU E 52 0.52 -47.20 -16.73
N ALA E 53 0.97 -47.62 -15.55
CA ALA E 53 0.27 -47.38 -14.30
C ALA E 53 1.04 -46.25 -13.63
N ALA E 54 2.35 -46.21 -13.82
CA ALA E 54 3.18 -45.11 -13.36
C ALA E 54 2.75 -43.79 -13.99
N GLU E 55 2.29 -43.89 -15.23
CA GLU E 55 1.75 -42.75 -15.94
C GLU E 55 0.29 -42.50 -15.55
N GLU E 56 -0.33 -43.51 -14.95
CA GLU E 56 -1.69 -43.36 -14.44
C GLU E 56 -1.73 -42.29 -13.37
N ARG E 57 -0.72 -42.28 -12.50
CA ARG E 57 -0.76 -41.43 -11.32
C ARG E 57 -0.12 -40.07 -11.55
N ARG E 58 0.80 -39.99 -12.51
CA ARG E 58 1.35 -38.70 -12.93
C ARG E 58 0.25 -37.88 -13.56
N LYS E 59 -0.44 -38.45 -14.56
CA LYS E 59 -1.51 -37.76 -15.26
C LYS E 59 -2.66 -37.35 -14.34
N TYR E 60 -2.79 -38.05 -13.20
CA TYR E 60 -3.80 -37.73 -12.20
C TYR E 60 -3.34 -36.51 -11.44
N GLN E 61 -2.10 -36.53 -11.00
CA GLN E 61 -1.53 -35.42 -10.22
C GLN E 61 -1.56 -34.10 -10.95
N GLU E 62 -0.83 -34.00 -12.06
CA GLU E 62 -0.76 -32.76 -12.84
C GLU E 62 -2.16 -32.24 -13.29
N ALA E 63 -3.07 -33.14 -13.69
CA ALA E 63 -4.44 -32.73 -14.00
C ALA E 63 -5.32 -32.60 -12.75
N GLU E 64 -4.69 -32.47 -11.58
CA GLU E 64 -5.36 -32.11 -10.32
C GLU E 64 -4.87 -30.78 -9.79
N LEU E 65 -3.56 -30.53 -9.88
CA LEU E 65 -3.02 -29.20 -9.61
C LEU E 65 -3.29 -28.37 -10.86
N LEU E 66 -4.38 -28.72 -11.54
CA LEU E 66 -4.95 -27.93 -12.60
C LEU E 66 -6.41 -27.62 -12.21
N LYS E 67 -7.19 -28.66 -11.92
CA LYS E 67 -8.54 -28.52 -11.36
C LYS E 67 -8.52 -28.03 -9.89
N HIS E 68 -7.33 -27.74 -9.36
CA HIS E 68 -7.18 -27.03 -8.07
C HIS E 68 -6.58 -25.63 -8.40
N LEU E 69 -6.25 -25.42 -9.68
CA LEU E 69 -5.61 -24.17 -10.12
C LEU E 69 -6.50 -23.37 -11.03
N ALA E 70 -7.19 -24.07 -11.93
CA ALA E 70 -8.31 -23.48 -12.66
C ALA E 70 -9.43 -23.27 -11.65
N GLU E 71 -9.06 -23.30 -10.37
CA GLU E 71 -9.97 -23.17 -9.22
C GLU E 71 -9.72 -21.81 -8.62
N LYS E 72 -8.53 -21.69 -8.01
CA LYS E 72 -8.01 -20.42 -7.51
C LYS E 72 -8.11 -19.39 -8.64
N ARG E 73 -8.69 -19.81 -9.77
CA ARG E 73 -8.87 -18.93 -10.91
C ARG E 73 -10.21 -18.26 -10.85
N GLU E 74 -11.29 -18.94 -11.24
CA GLU E 74 -12.61 -18.30 -11.22
C GLU E 74 -13.15 -18.21 -9.81
N HIS E 75 -12.24 -17.96 -8.86
CA HIS E 75 -12.51 -17.31 -7.58
C HIS E 75 -11.99 -15.88 -7.70
N GLU E 76 -10.83 -15.75 -8.34
CA GLU E 76 -10.33 -14.46 -8.80
C GLU E 76 -11.42 -13.69 -9.57
N ARG E 77 -12.13 -14.39 -10.45
CA ARG E 77 -13.27 -13.81 -11.13
C ARG E 77 -14.15 -13.08 -10.13
N GLU E 78 -14.39 -13.71 -8.97
CA GLU E 78 -15.21 -13.17 -7.89
C GLU E 78 -14.61 -11.89 -7.37
N VAL E 79 -13.74 -12.02 -6.36
CA VAL E 79 -12.99 -10.89 -5.85
C VAL E 79 -13.01 -9.73 -6.86
N ILE E 80 -12.37 -9.89 -8.03
CA ILE E 80 -12.27 -8.81 -9.03
C ILE E 80 -13.58 -8.06 -9.32
N GLN E 81 -14.68 -8.80 -9.30
CA GLN E 81 -15.98 -8.22 -9.62
C GLN E 81 -16.96 -8.23 -8.45
N LYS E 82 -16.97 -9.30 -7.65
CA LYS E 82 -17.76 -9.35 -6.40
C LYS E 82 -17.36 -8.19 -5.51
N ALA E 83 -16.47 -7.36 -6.05
CA ALA E 83 -16.08 -6.09 -5.47
C ALA E 83 -16.78 -4.99 -6.24
N ILE E 84 -16.47 -4.91 -7.53
CA ILE E 84 -17.12 -3.91 -8.37
C ILE E 84 -18.64 -4.04 -8.20
N GLU E 85 -19.12 -5.28 -8.10
CA GLU E 85 -20.56 -5.56 -7.94
C GLU E 85 -21.10 -5.03 -6.61
N GLU E 86 -20.20 -5.00 -5.60
CA GLU E 86 -20.51 -4.45 -4.28
C GLU E 86 -20.20 -2.95 -4.20
N ASN E 87 -19.60 -2.39 -5.25
CA ASN E 87 -19.29 -0.97 -5.27
C ASN E 87 -20.40 -0.10 -5.86
N ASN E 88 -20.73 -0.34 -7.13
CA ASN E 88 -21.89 0.35 -7.73
C ASN E 88 -23.15 0.04 -6.93
N ASN E 89 -23.05 -0.98 -6.09
CA ASN E 89 -24.08 -1.30 -5.10
C ASN E 89 -24.09 -0.26 -3.99
N PHE E 90 -23.34 0.82 -4.19
CA PHE E 90 -23.32 1.92 -3.28
C PHE E 90 -23.76 3.16 -4.00
N ILE E 91 -23.22 3.37 -5.19
CA ILE E 91 -23.65 4.46 -6.06
C ILE E 91 -25.19 4.48 -6.27
N LYS E 92 -25.75 3.33 -6.65
CA LYS E 92 -27.19 3.15 -6.81
C LYS E 92 -27.80 2.64 -5.51
N MET E 93 -27.23 3.15 -4.42
CA MET E 93 -27.87 3.18 -3.11
C MET E 93 -27.90 4.65 -2.74
N ALA E 94 -26.87 5.41 -3.11
CA ALA E 94 -26.77 6.83 -2.76
C ALA E 94 -27.17 7.82 -3.87
N LYS E 95 -27.79 7.30 -4.94
CA LYS E 95 -28.37 8.11 -6.01
C LYS E 95 -29.85 8.43 -5.73
N GLU E 96 -30.46 7.64 -4.86
CA GLU E 96 -31.81 7.92 -4.33
C GLU E 96 -31.83 8.33 -2.82
N LYS E 97 -30.85 7.85 -2.05
CA LYS E 97 -30.61 8.38 -0.71
C LYS E 97 -30.40 9.87 -0.90
N LEU E 98 -30.35 10.28 -2.17
CA LEU E 98 -30.33 11.69 -2.55
C LEU E 98 -31.67 12.12 -3.16
N ALA E 99 -31.77 12.17 -4.48
CA ALA E 99 -32.92 12.82 -5.13
C ALA E 99 -34.36 12.30 -4.77
N GLN E 100 -34.46 11.57 -3.65
CA GLN E 100 -35.74 11.19 -3.03
C GLN E 100 -35.71 11.45 -1.51
N LYS E 101 -34.55 11.85 -1.02
CA LYS E 101 -34.44 12.57 0.23
C LYS E 101 -34.62 14.03 -0.16
N MET E 102 -34.40 14.35 -1.42
CA MET E 102 -34.34 15.74 -1.82
C MET E 102 -35.57 16.23 -2.53
N GLU E 103 -36.35 15.32 -3.10
CA GLU E 103 -37.66 15.70 -3.63
C GLU E 103 -38.68 15.51 -2.52
N SER E 104 -38.24 14.94 -1.41
CA SER E 104 -39.01 14.98 -0.17
C SER E 104 -38.94 16.40 0.41
N ASN E 105 -37.80 17.04 0.18
CA ASN E 105 -37.56 18.42 0.56
C ASN E 105 -38.41 19.41 -0.23
N LYS E 106 -38.31 19.37 -1.56
CA LYS E 106 -39.13 20.19 -2.47
C LYS E 106 -40.62 20.18 -2.12
N GLU E 107 -41.21 18.99 -1.90
CA GLU E 107 -42.63 18.90 -1.53
C GLU E 107 -42.85 19.45 -0.11
N ASN E 108 -41.87 19.20 0.75
CA ASN E 108 -41.89 19.65 2.14
C ASN E 108 -42.06 21.15 2.30
N ARG E 109 -41.02 21.91 1.97
CA ARG E 109 -41.12 23.35 2.03
C ARG E 109 -42.32 23.86 1.26
N GLU E 110 -42.35 23.67 -0.06
CA GLU E 110 -43.34 24.31 -0.97
C GLU E 110 -44.80 24.49 -0.43
N ALA E 111 -45.22 23.59 0.46
CA ALA E 111 -46.50 23.74 1.18
C ALA E 111 -46.34 24.21 2.66
N HIS E 112 -45.14 24.70 3.01
CA HIS E 112 -44.92 25.57 4.16
C HIS E 112 -44.79 27.03 3.65
N LEU E 113 -44.84 27.17 2.30
CA LEU E 113 -45.05 28.43 1.58
C LEU E 113 -46.57 28.64 1.55
N ALA E 114 -47.26 27.70 0.90
CA ALA E 114 -48.73 27.63 0.92
C ALA E 114 -49.27 27.86 2.34
N ALA E 115 -48.76 27.08 3.30
CA ALA E 115 -49.12 27.22 4.70
C ALA E 115 -48.85 28.61 5.27
N MET E 116 -47.95 29.36 4.61
CA MET E 116 -47.65 30.77 4.93
C MET E 116 -48.71 31.66 4.26
N LEU E 117 -48.94 31.38 2.98
CA LEU E 117 -49.81 32.17 2.12
C LEU E 117 -51.32 32.06 2.40
N GLU E 118 -51.82 30.82 2.54
CA GLU E 118 -53.26 30.55 2.76
C GLU E 118 -53.83 31.06 4.11
N ARG E 119 -52.95 31.54 4.98
CA ARG E 119 -53.35 32.26 6.17
C ARG E 119 -53.47 33.73 5.80
N LEU E 120 -52.92 34.09 4.64
CA LEU E 120 -53.00 35.46 4.15
C LEU E 120 -54.34 35.76 3.50
N GLN E 121 -54.72 34.94 2.53
CA GLN E 121 -56.04 34.98 1.91
C GLN E 121 -57.19 35.04 2.93
N GLU E 122 -56.81 34.94 4.21
CA GLU E 122 -57.72 34.73 5.34
C GLU E 122 -57.63 35.83 6.40
N LYS E 123 -56.55 36.60 6.37
CA LYS E 123 -56.61 37.90 6.97
C LYS E 123 -56.81 38.92 5.83
N ASP E 124 -56.97 38.38 4.61
CA ASP E 124 -57.32 39.13 3.40
C ASP E 124 -58.84 39.04 3.04
N LYS E 125 -59.36 37.83 2.74
CA LYS E 125 -60.82 37.61 2.55
C LYS E 125 -61.63 37.70 3.86
N HIS E 126 -60.97 38.16 4.94
CA HIS E 126 -61.61 38.65 6.16
C HIS E 126 -61.72 40.18 6.08
N ALA E 127 -60.65 40.83 5.62
CA ALA E 127 -60.63 42.30 5.48
C ALA E 127 -61.62 42.77 4.44
N GLU E 128 -61.79 41.97 3.39
CA GLU E 128 -62.78 42.22 2.36
C GLU E 128 -64.18 42.34 2.96
N GLU E 129 -64.61 41.28 3.65
CA GLU E 129 -65.97 41.15 4.18
C GLU E 129 -66.36 42.19 5.25
N VAL E 130 -65.40 42.71 6.03
CA VAL E 130 -65.71 43.79 7.01
C VAL E 130 -65.51 45.22 6.49
N ARG E 131 -65.61 45.40 5.18
CA ARG E 131 -65.87 46.71 4.56
C ARG E 131 -67.26 46.63 3.94
N LYS E 132 -67.55 45.49 3.32
CA LYS E 132 -68.89 45.13 2.88
C LYS E 132 -69.82 45.06 4.10
N ASN E 133 -69.23 45.15 5.29
CA ASN E 133 -69.96 45.26 6.55
C ASN E 133 -69.93 46.70 7.09
N LYS E 134 -68.85 47.42 6.78
CA LYS E 134 -68.79 48.86 7.07
C LYS E 134 -69.83 49.57 6.21
N GLU E 135 -69.76 49.33 4.89
CA GLU E 135 -70.76 49.81 3.93
C GLU E 135 -72.07 49.03 4.12
N LEU E 136 -72.51 48.98 5.37
CA LEU E 136 -73.80 48.43 5.80
C LEU E 136 -73.99 48.64 7.31
N LYS E 137 -73.30 49.63 7.84
CA LYS E 137 -73.36 49.93 9.27
C LYS E 137 -73.77 51.38 9.44
#